data_5IRD
#
_entry.id   5IRD
#
_entity_poly.entity_id   1
_entity_poly.type   'polypeptide(L)'
_entity_poly.pdbx_seq_one_letter_code
;GPGSMSETSAPAEELLADVEEAMRDVVDPELGINVVDLGLVYGLDVQDGDEGTVALIDMTLTSAACPLTDVIEDQSRSAL
VGSGLVDDIRINWVWNPPWGPDKITEDGREQLRALGFTV
;
_entity_poly.pdbx_strand_id   A
#
# COMPACT_ATOMS: atom_id res chain seq x y z
N GLY A 1 17.52 -4.81 9.00
CA GLY A 1 18.39 -3.62 8.91
C GLY A 1 17.63 -2.34 9.22
N PRO A 2 17.53 -1.94 10.49
CA PRO A 2 16.84 -0.71 10.90
C PRO A 2 17.73 0.52 10.75
N GLY A 3 17.38 1.60 11.47
CA GLY A 3 18.17 2.82 11.44
C GLY A 3 17.28 4.05 11.46
N SER A 4 17.89 5.22 11.64
CA SER A 4 17.16 6.47 11.66
C SER A 4 16.80 6.87 10.22
N MET A 5 15.77 6.23 9.68
CA MET A 5 15.34 6.45 8.31
C MET A 5 14.28 7.56 8.26
N SER A 6 13.91 8.01 7.07
CA SER A 6 13.01 9.15 6.93
C SER A 6 11.88 8.85 5.96
N GLU A 7 10.73 8.44 6.50
CA GLU A 7 9.51 8.25 5.70
C GLU A 7 8.67 9.52 5.68
N THR A 8 9.13 10.53 6.44
CA THR A 8 8.54 11.88 6.46
C THR A 8 7.21 11.90 7.24
N SER A 9 6.44 10.82 7.14
CA SER A 9 5.14 10.74 7.81
C SER A 9 5.33 10.43 9.30
N ALA A 10 4.42 10.94 10.13
CA ALA A 10 4.41 10.65 11.58
C ALA A 10 5.60 11.30 12.30
N PRO A 11 5.45 11.58 13.61
CA PRO A 11 6.54 12.11 14.43
C PRO A 11 7.69 11.11 14.57
N ALA A 12 8.93 11.61 14.69
CA ALA A 12 10.13 10.78 14.66
C ALA A 12 10.05 9.59 15.63
N GLU A 13 9.45 9.79 16.79
CA GLU A 13 9.33 8.74 17.80
C GLU A 13 8.44 7.61 17.29
N GLU A 14 7.25 8.00 16.83
CA GLU A 14 6.25 7.05 16.38
C GLU A 14 6.66 6.37 15.08
N LEU A 15 7.13 7.19 14.14
CA LEU A 15 7.53 6.72 12.81
C LEU A 15 8.56 5.60 12.93
N LEU A 16 9.60 5.83 13.72
CA LEU A 16 10.70 4.87 13.83
C LEU A 16 10.18 3.46 14.17
N ALA A 17 9.50 3.35 15.31
CA ALA A 17 9.00 2.06 15.77
C ALA A 17 7.98 1.48 14.81
N ASP A 18 7.02 2.30 14.41
CA ASP A 18 5.91 1.83 13.57
C ASP A 18 6.43 1.36 12.22
N VAL A 19 7.31 2.14 11.62
CA VAL A 19 7.86 1.78 10.31
C VAL A 19 8.75 0.55 10.45
N GLU A 20 9.45 0.43 11.58
CA GLU A 20 10.26 -0.76 11.84
C GLU A 20 9.37 -2.00 11.83
N GLU A 21 8.19 -1.89 12.45
CA GLU A 21 7.23 -2.98 12.48
C GLU A 21 6.67 -3.23 11.08
N ALA A 22 6.22 -2.17 10.42
CA ALA A 22 5.62 -2.26 9.08
C ALA A 22 6.58 -2.92 8.09
N MET A 23 7.85 -2.50 8.16
CA MET A 23 8.89 -2.99 7.25
C MET A 23 9.12 -4.50 7.44
N ARG A 24 8.59 -5.05 8.52
CA ARG A 24 8.70 -6.49 8.77
C ARG A 24 7.66 -7.26 7.95
N ASP A 25 6.52 -6.62 7.71
CA ASP A 25 5.41 -7.29 7.01
C ASP A 25 5.36 -6.92 5.54
N VAL A 26 5.85 -5.74 5.18
CA VAL A 26 5.79 -5.26 3.80
C VAL A 26 7.11 -5.49 3.06
N VAL A 27 7.93 -6.40 3.57
CA VAL A 27 9.21 -6.72 2.96
C VAL A 27 9.32 -8.23 2.76
N ASP A 28 10.35 -8.66 2.05
CA ASP A 28 10.67 -10.09 1.95
C ASP A 28 11.91 -10.41 2.78
N PRO A 29 11.73 -10.78 4.06
CA PRO A 29 12.84 -11.08 4.95
C PRO A 29 13.33 -12.52 4.74
N GLU A 30 12.66 -13.23 3.84
CA GLU A 30 13.01 -14.61 3.53
C GLU A 30 14.36 -14.67 2.81
N LEU A 31 14.46 -13.97 1.68
CA LEU A 31 15.70 -13.90 0.92
C LEU A 31 16.30 -12.49 1.03
N GLY A 32 15.53 -11.56 1.59
CA GLY A 32 16.04 -10.24 1.87
C GLY A 32 15.86 -9.27 0.73
N ILE A 33 14.62 -9.15 0.23
CA ILE A 33 14.30 -8.19 -0.83
C ILE A 33 13.38 -7.11 -0.27
N ASN A 34 13.61 -5.88 -0.72
CA ASN A 34 12.80 -4.74 -0.31
C ASN A 34 12.19 -4.07 -1.54
N VAL A 35 10.86 -4.16 -1.66
CA VAL A 35 10.14 -3.67 -2.84
C VAL A 35 10.46 -2.20 -3.14
N VAL A 36 10.67 -1.41 -2.09
CA VAL A 36 10.95 0.02 -2.23
C VAL A 36 12.19 0.24 -3.12
N ASP A 37 13.12 -0.71 -3.09
CA ASP A 37 14.38 -0.58 -3.82
C ASP A 37 14.16 -0.64 -5.33
N LEU A 38 13.00 -1.17 -5.75
CA LEU A 38 12.65 -1.21 -7.17
C LEU A 38 12.38 0.22 -7.68
N GLY A 39 12.26 1.13 -6.72
CA GLY A 39 12.16 2.56 -7.00
C GLY A 39 10.95 2.97 -7.81
N LEU A 40 9.90 2.14 -7.81
CA LEU A 40 8.59 2.59 -8.28
C LEU A 40 7.76 2.97 -7.06
N VAL A 41 8.03 2.27 -5.96
CA VAL A 41 7.31 2.47 -4.70
C VAL A 41 7.59 3.87 -4.13
N TYR A 42 8.55 4.57 -4.73
CA TYR A 42 8.80 5.97 -4.39
C TYR A 42 7.53 6.80 -4.66
N GLY A 43 6.71 6.31 -5.57
CA GLY A 43 5.49 6.99 -5.94
C GLY A 43 4.34 6.60 -5.03
N LEU A 44 4.15 7.35 -3.95
CA LEU A 44 3.03 7.15 -3.06
C LEU A 44 2.44 8.51 -2.68
N ASP A 45 1.11 8.60 -2.69
CA ASP A 45 0.42 9.84 -2.39
C ASP A 45 -0.76 9.57 -1.47
N VAL A 46 -0.66 9.99 -0.22
CA VAL A 46 -1.74 9.77 0.73
C VAL A 46 -2.64 11.00 0.78
N GLN A 47 -3.84 10.84 0.23
CA GLN A 47 -4.80 11.93 0.13
C GLN A 47 -5.83 11.83 1.24
N ASP A 48 -5.92 12.86 2.07
CA ASP A 48 -6.89 12.91 3.15
C ASP A 48 -8.00 13.89 2.81
N GLY A 49 -9.22 13.54 3.17
CA GLY A 49 -10.36 14.40 2.92
C GLY A 49 -11.50 14.13 3.87
N ASP A 50 -12.68 14.62 3.52
CA ASP A 50 -13.88 14.43 4.35
C ASP A 50 -14.49 13.07 4.07
N GLU A 51 -14.25 12.58 2.86
CA GLU A 51 -14.72 11.27 2.43
C GLU A 51 -13.96 10.17 3.19
N GLY A 52 -12.66 10.41 3.39
CA GLY A 52 -11.83 9.45 4.08
C GLY A 52 -10.36 9.80 3.96
N THR A 53 -9.49 8.91 4.42
CA THR A 53 -8.04 9.10 4.35
C THR A 53 -7.41 7.91 3.62
N VAL A 54 -7.03 8.14 2.37
CA VAL A 54 -6.58 7.06 1.50
C VAL A 54 -5.10 7.21 1.11
N ALA A 55 -4.33 6.17 1.40
CA ALA A 55 -2.93 6.11 1.02
C ALA A 55 -2.79 5.42 -0.35
N LEU A 56 -2.47 6.20 -1.38
CA LEU A 56 -2.26 5.64 -2.72
C LEU A 56 -0.80 5.21 -2.87
N ILE A 57 -0.58 3.99 -3.34
CA ILE A 57 0.78 3.46 -3.50
C ILE A 57 0.96 2.86 -4.88
N ASP A 58 1.83 3.48 -5.68
CA ASP A 58 2.14 2.99 -7.02
C ASP A 58 3.15 1.85 -6.94
N MET A 59 2.75 0.66 -7.36
CA MET A 59 3.60 -0.52 -7.29
C MET A 59 3.57 -1.32 -8.59
N THR A 60 4.45 -2.30 -8.69
CA THR A 60 4.52 -3.19 -9.83
C THR A 60 5.11 -4.53 -9.38
N LEU A 61 4.89 -5.58 -10.17
CA LEU A 61 5.40 -6.92 -9.89
C LEU A 61 6.04 -7.49 -11.16
N THR A 62 6.67 -8.65 -11.03
CA THR A 62 7.39 -9.30 -12.14
C THR A 62 6.57 -9.25 -13.44
N SER A 63 5.27 -9.51 -13.34
CA SER A 63 4.37 -9.42 -14.49
C SER A 63 3.03 -8.82 -14.07
N ALA A 64 2.94 -8.40 -12.81
CA ALA A 64 1.72 -7.80 -12.24
C ALA A 64 0.50 -8.72 -12.35
N ALA A 65 0.72 -9.97 -12.75
CA ALA A 65 -0.35 -10.96 -12.87
C ALA A 65 -0.13 -12.11 -11.90
N CYS A 66 0.77 -11.88 -10.94
CA CYS A 66 1.13 -12.89 -9.96
C CYS A 66 0.24 -12.77 -8.72
N PRO A 67 -0.13 -13.92 -8.08
CA PRO A 67 -1.00 -13.94 -6.88
C PRO A 67 -0.36 -13.26 -5.66
N LEU A 68 0.75 -12.56 -5.88
CA LEU A 68 1.45 -11.84 -4.80
C LEU A 68 0.67 -10.58 -4.45
N THR A 69 -0.25 -10.20 -5.34
CA THR A 69 -1.07 -9.02 -5.15
C THR A 69 -1.85 -9.09 -3.83
N ASP A 70 -2.46 -10.25 -3.56
CA ASP A 70 -3.21 -10.46 -2.32
C ASP A 70 -2.31 -10.25 -1.12
N VAL A 71 -1.08 -10.76 -1.22
CA VAL A 71 -0.10 -10.72 -0.14
C VAL A 71 0.27 -9.27 0.19
N ILE A 72 0.66 -8.50 -0.83
CA ILE A 72 1.04 -7.10 -0.60
C ILE A 72 -0.13 -6.29 -0.08
N GLU A 73 -1.31 -6.50 -0.65
CA GLU A 73 -2.52 -5.79 -0.23
C GLU A 73 -2.84 -6.09 1.23
N ASP A 74 -2.90 -7.38 1.57
CA ASP A 74 -3.28 -7.81 2.91
C ASP A 74 -2.30 -7.29 3.95
N GLN A 75 -1.01 -7.53 3.71
CA GLN A 75 0.04 -7.14 4.66
C GLN A 75 0.11 -5.63 4.82
N SER A 76 0.05 -4.91 3.70
CA SER A 76 0.09 -3.46 3.73
C SER A 76 -1.13 -2.90 4.44
N ARG A 77 -2.32 -3.21 3.92
CA ARG A 77 -3.58 -2.70 4.49
C ARG A 77 -3.68 -3.03 5.97
N SER A 78 -3.36 -4.28 6.30
CA SER A 78 -3.46 -4.78 7.68
C SER A 78 -2.65 -3.90 8.63
N ALA A 79 -1.41 -3.61 8.25
CA ALA A 79 -0.52 -2.83 9.12
C ALA A 79 -0.92 -1.36 9.13
N LEU A 80 -1.07 -0.78 7.94
CA LEU A 80 -1.32 0.66 7.80
C LEU A 80 -2.59 1.08 8.54
N VAL A 81 -3.62 0.24 8.45
CA VAL A 81 -4.87 0.52 9.15
C VAL A 81 -4.67 0.37 10.66
N GLY A 82 -3.72 -0.49 11.04
CA GLY A 82 -3.46 -0.74 12.44
C GLY A 82 -2.60 0.33 13.07
N SER A 83 -1.78 0.96 12.23
CA SER A 83 -0.92 2.05 12.67
C SER A 83 -1.75 3.30 12.95
N GLY A 84 -2.94 3.37 12.34
CA GLY A 84 -3.84 4.49 12.55
C GLY A 84 -3.51 5.69 11.68
N LEU A 85 -2.35 5.65 11.01
CA LEU A 85 -1.92 6.74 10.14
C LEU A 85 -2.91 6.94 8.99
N VAL A 86 -3.43 5.84 8.45
CA VAL A 86 -4.45 5.86 7.41
C VAL A 86 -5.43 4.71 7.61
N ASP A 87 -6.67 4.89 7.15
CA ASP A 87 -7.69 3.84 7.25
C ASP A 87 -7.88 3.17 5.90
N ASP A 88 -7.87 3.98 4.85
CA ASP A 88 -8.02 3.48 3.49
C ASP A 88 -6.66 3.48 2.79
N ILE A 89 -6.39 2.43 2.02
CA ILE A 89 -5.23 2.41 1.15
C ILE A 89 -5.63 1.90 -0.22
N ARG A 90 -4.73 2.02 -1.18
CA ARG A 90 -4.93 1.47 -2.51
C ARG A 90 -3.58 1.24 -3.18
N ILE A 91 -3.20 -0.03 -3.27
CA ILE A 91 -1.98 -0.44 -3.96
C ILE A 91 -2.31 -0.73 -5.41
N ASN A 92 -1.78 0.07 -6.31
CA ASN A 92 -2.08 -0.06 -7.73
C ASN A 92 -0.91 -0.66 -8.47
N TRP A 93 -1.21 -1.54 -9.41
CA TRP A 93 -0.19 -2.30 -10.14
C TRP A 93 -0.09 -1.77 -11.56
N VAL A 94 1.00 -1.05 -11.85
CA VAL A 94 1.18 -0.45 -13.17
C VAL A 94 2.35 -1.07 -13.93
N TRP A 95 2.07 -1.44 -15.18
CA TRP A 95 3.09 -1.92 -16.10
C TRP A 95 2.70 -1.61 -17.55
N ASN A 96 1.63 -0.83 -17.73
CA ASN A 96 1.08 -0.53 -19.06
C ASN A 96 0.07 0.63 -19.00
N PRO A 97 -1.04 0.49 -18.23
CA PRO A 97 -2.14 1.47 -18.26
C PRO A 97 -1.83 2.74 -17.45
N PRO A 98 -2.55 3.84 -17.75
CA PRO A 98 -2.43 5.10 -17.00
C PRO A 98 -2.99 4.97 -15.57
N TRP A 99 -2.27 5.52 -14.61
CA TRP A 99 -2.63 5.44 -13.20
C TRP A 99 -4.06 5.92 -12.96
N GLY A 100 -4.94 4.98 -12.63
CA GLY A 100 -6.34 5.29 -12.41
C GLY A 100 -7.16 4.05 -12.08
N PRO A 101 -7.51 3.24 -13.11
CA PRO A 101 -8.26 1.99 -12.91
C PRO A 101 -7.52 1.03 -12.00
N ASP A 102 -6.19 1.01 -12.15
CA ASP A 102 -5.31 0.17 -11.34
C ASP A 102 -5.45 0.47 -9.84
N LYS A 103 -5.98 1.66 -9.53
CA LYS A 103 -6.13 2.08 -8.14
C LYS A 103 -7.48 1.65 -7.57
N ILE A 104 -8.20 0.80 -8.30
CA ILE A 104 -9.45 0.24 -7.79
C ILE A 104 -9.19 -1.15 -7.20
N THR A 105 -8.93 -1.18 -5.89
CA THR A 105 -8.64 -2.44 -5.20
C THR A 105 -9.91 -3.16 -4.76
N GLU A 106 -9.75 -4.30 -4.10
CA GLU A 106 -10.87 -5.11 -3.63
C GLU A 106 -11.83 -4.27 -2.77
N ASP A 107 -11.28 -3.28 -2.08
CA ASP A 107 -12.06 -2.37 -1.25
C ASP A 107 -13.15 -1.68 -2.06
N GLY A 108 -12.76 -1.15 -3.21
CA GLY A 108 -13.70 -0.44 -4.07
C GLY A 108 -14.54 -1.39 -4.93
N ARG A 109 -13.92 -2.48 -5.37
CA ARG A 109 -14.57 -3.38 -6.31
C ARG A 109 -15.66 -4.23 -5.65
N GLU A 110 -15.31 -4.88 -4.54
CA GLU A 110 -16.23 -5.82 -3.89
C GLU A 110 -17.27 -5.10 -3.06
N GLN A 111 -16.87 -3.99 -2.47
CA GLN A 111 -17.72 -3.26 -1.53
C GLN A 111 -18.36 -2.04 -2.19
N LEU A 112 -18.53 -2.11 -3.51
CA LEU A 112 -19.17 -1.04 -4.27
C LEU A 112 -20.66 -1.03 -3.95
N ARG A 113 -21.25 0.15 -3.97
CA ARG A 113 -22.66 0.35 -3.61
C ARG A 113 -23.57 -0.53 -4.49
N ALA A 114 -23.17 -0.69 -5.75
CA ALA A 114 -23.92 -1.52 -6.70
C ALA A 114 -24.08 -2.95 -6.17
N LEU A 115 -23.06 -3.41 -5.44
CA LEU A 115 -23.10 -4.73 -4.83
C LEU A 115 -23.85 -4.67 -3.51
N GLY A 116 -23.72 -3.55 -2.81
CA GLY A 116 -24.39 -3.35 -1.54
C GLY A 116 -23.75 -4.12 -0.42
N PHE A 117 -22.52 -4.58 -0.66
CA PHE A 117 -21.80 -5.40 0.32
C PHE A 117 -21.29 -4.54 1.46
N THR A 118 -21.33 -5.09 2.67
CA THR A 118 -20.83 -4.43 3.86
C THR A 118 -20.26 -5.48 4.82
N VAL A 119 -19.04 -5.25 5.31
CA VAL A 119 -18.37 -6.21 6.17
C VAL A 119 -18.70 -5.95 7.64
N GLY A 1 17.95 0.54 -5.48
CA GLY A 1 18.84 1.35 -4.60
C GLY A 1 18.88 0.82 -3.18
N PRO A 2 19.65 1.47 -2.28
CA PRO A 2 19.79 1.03 -0.88
C PRO A 2 18.46 1.10 -0.12
N GLY A 3 17.53 1.89 -0.64
CA GLY A 3 16.22 2.02 -0.02
C GLY A 3 15.62 3.40 -0.26
N SER A 4 16.39 4.43 0.08
CA SER A 4 15.98 5.82 -0.09
C SER A 4 14.58 6.06 0.46
N MET A 5 14.32 5.52 1.65
CA MET A 5 13.02 5.65 2.31
C MET A 5 12.80 7.08 2.81
N SER A 6 11.76 7.28 3.62
CA SER A 6 11.38 8.62 4.06
C SER A 6 11.12 8.66 5.57
N GLU A 7 10.10 7.91 6.01
CA GLU A 7 9.66 7.92 7.41
C GLU A 7 9.37 9.35 7.87
N THR A 8 8.83 10.14 6.96
CA THR A 8 8.54 11.56 7.20
C THR A 8 7.26 11.73 8.04
N SER A 9 6.46 10.68 8.11
CA SER A 9 5.20 10.71 8.84
C SER A 9 5.38 10.21 10.28
N ALA A 10 4.50 10.68 11.17
CA ALA A 10 4.45 10.22 12.56
C ALA A 10 5.67 10.69 13.38
N PRO A 11 5.48 10.91 14.70
CA PRO A 11 6.57 11.25 15.61
C PRO A 11 7.47 10.04 15.88
N ALA A 12 8.72 10.30 16.20
CA ALA A 12 9.74 9.25 16.37
C ALA A 12 9.25 8.09 17.26
N GLU A 13 8.55 8.44 18.33
CA GLU A 13 8.07 7.46 19.31
C GLU A 13 7.25 6.36 18.63
N GLU A 14 6.30 6.77 17.82
CA GLU A 14 5.42 5.84 17.11
C GLU A 14 6.11 5.31 15.85
N LEU A 15 6.68 6.24 15.10
CA LEU A 15 7.25 5.98 13.79
C LEU A 15 8.27 4.85 13.81
N LEU A 16 9.20 4.91 14.76
CA LEU A 16 10.30 3.96 14.81
C LEU A 16 9.78 2.52 14.84
N ALA A 17 8.98 2.20 15.85
CA ALA A 17 8.42 0.86 16.00
C ALA A 17 7.46 0.54 14.86
N ASP A 18 6.67 1.53 14.47
CA ASP A 18 5.64 1.37 13.43
C ASP A 18 6.27 0.95 12.11
N VAL A 19 7.32 1.67 11.71
CA VAL A 19 8.00 1.39 10.45
C VAL A 19 8.84 0.13 10.61
N GLU A 20 9.36 -0.09 11.81
CA GLU A 20 10.13 -1.31 12.12
C GLU A 20 9.27 -2.55 11.86
N GLU A 21 7.98 -2.47 12.21
CA GLU A 21 7.04 -3.55 11.94
C GLU A 21 6.72 -3.64 10.46
N ALA A 22 6.32 -2.51 9.88
CA ALA A 22 5.90 -2.46 8.48
C ALA A 22 6.99 -3.00 7.56
N MET A 23 8.21 -2.51 7.76
CA MET A 23 9.36 -2.90 6.94
C MET A 23 9.60 -4.41 6.96
N ARG A 24 8.96 -5.11 7.90
CA ARG A 24 9.08 -6.57 7.98
C ARG A 24 8.04 -7.25 7.10
N ASP A 25 6.85 -6.65 7.02
CA ASP A 25 5.72 -7.28 6.33
C ASP A 25 5.68 -6.90 4.85
N VAL A 26 6.23 -5.73 4.51
CA VAL A 26 6.22 -5.24 3.13
C VAL A 26 7.55 -5.53 2.43
N VAL A 27 8.23 -6.60 2.86
CA VAL A 27 9.53 -6.96 2.32
C VAL A 27 9.64 -8.48 2.17
N ASP A 28 10.60 -8.93 1.37
CA ASP A 28 10.90 -10.36 1.24
C ASP A 28 12.24 -10.65 1.89
N PRO A 29 12.26 -10.85 3.23
CA PRO A 29 13.51 -10.93 4.00
C PRO A 29 14.13 -12.32 3.93
N GLU A 30 13.67 -13.13 2.97
CA GLU A 30 14.19 -14.48 2.77
C GLU A 30 15.67 -14.43 2.41
N LEU A 31 15.98 -13.74 1.32
CA LEU A 31 17.35 -13.49 0.90
C LEU A 31 17.66 -12.00 0.95
N GLY A 32 16.70 -11.20 1.41
CA GLY A 32 16.87 -9.77 1.50
C GLY A 32 16.37 -9.04 0.27
N ILE A 33 15.24 -9.49 -0.26
CA ILE A 33 14.61 -8.83 -1.40
C ILE A 33 13.68 -7.75 -0.90
N ASN A 34 13.66 -6.60 -1.57
CA ASN A 34 12.85 -5.48 -1.13
C ASN A 34 12.30 -4.74 -2.34
N VAL A 35 10.97 -4.66 -2.44
CA VAL A 35 10.31 -3.98 -3.54
C VAL A 35 10.72 -2.50 -3.59
N VAL A 36 10.99 -1.92 -2.42
CA VAL A 36 11.44 -0.54 -2.31
C VAL A 36 12.75 -0.33 -3.08
N ASP A 37 13.52 -1.41 -3.22
CA ASP A 37 14.79 -1.39 -3.94
C ASP A 37 14.60 -0.93 -5.39
N LEU A 38 13.40 -1.18 -5.94
CA LEU A 38 13.09 -0.81 -7.32
C LEU A 38 12.80 0.69 -7.43
N GLY A 39 12.70 1.35 -6.28
CA GLY A 39 12.45 2.78 -6.24
C GLY A 39 11.13 3.18 -6.91
N LEU A 40 10.21 2.23 -7.00
CA LEU A 40 8.91 2.49 -7.59
C LEU A 40 7.90 2.88 -6.50
N VAL A 41 8.15 2.41 -5.28
CA VAL A 41 7.30 2.70 -4.13
C VAL A 41 7.27 4.20 -3.84
N TYR A 42 8.18 4.93 -4.47
CA TYR A 42 8.24 6.39 -4.37
C TYR A 42 6.96 7.01 -4.92
N GLY A 43 6.19 6.21 -5.65
CA GLY A 43 4.89 6.65 -6.12
C GLY A 43 3.87 6.60 -5.00
N LEU A 44 4.03 7.48 -4.01
CA LEU A 44 3.12 7.55 -2.89
C LEU A 44 2.49 8.94 -2.80
N ASP A 45 1.22 8.98 -2.45
CA ASP A 45 0.48 10.24 -2.33
C ASP A 45 -0.79 10.04 -1.52
N VAL A 46 -0.82 10.61 -0.33
CA VAL A 46 -1.97 10.45 0.56
C VAL A 46 -2.94 11.61 0.37
N GLN A 47 -4.20 11.30 0.10
CA GLN A 47 -5.23 12.31 -0.09
C GLN A 47 -6.37 12.13 0.91
N ASP A 48 -6.77 13.21 1.54
CA ASP A 48 -7.93 13.21 2.42
C ASP A 48 -9.17 13.58 1.62
N GLY A 49 -10.31 13.02 1.99
CA GLY A 49 -11.55 13.31 1.29
C GLY A 49 -12.77 13.00 2.13
N ASP A 50 -13.94 13.28 1.56
CA ASP A 50 -15.22 13.05 2.25
C ASP A 50 -15.31 11.61 2.76
N GLU A 51 -14.86 10.68 1.92
CA GLU A 51 -14.99 9.25 2.19
C GLU A 51 -13.76 8.70 2.91
N GLY A 52 -12.95 9.57 3.49
CA GLY A 52 -11.80 9.15 4.28
C GLY A 52 -10.48 9.61 3.70
N THR A 53 -9.39 9.35 4.43
CA THR A 53 -8.05 9.69 3.98
C THR A 53 -7.34 8.44 3.46
N VAL A 54 -7.13 8.37 2.14
CA VAL A 54 -6.51 7.20 1.52
C VAL A 54 -5.06 7.51 1.11
N ALA A 55 -4.17 6.57 1.39
CA ALA A 55 -2.78 6.68 0.97
C ALA A 55 -2.58 5.97 -0.36
N LEU A 56 -2.43 6.73 -1.44
CA LEU A 56 -2.18 6.15 -2.75
C LEU A 56 -0.76 5.60 -2.80
N ILE A 57 -0.64 4.27 -2.91
CA ILE A 57 0.66 3.61 -2.95
C ILE A 57 0.81 2.82 -4.25
N ASP A 58 1.74 3.25 -5.08
CA ASP A 58 1.97 2.61 -6.37
C ASP A 58 3.00 1.49 -6.24
N MET A 59 2.56 0.26 -6.50
CA MET A 59 3.41 -0.92 -6.35
C MET A 59 3.43 -1.73 -7.65
N THR A 60 4.32 -2.72 -7.72
CA THR A 60 4.44 -3.55 -8.90
C THR A 60 4.60 -5.02 -8.51
N LEU A 61 4.13 -5.90 -9.38
CA LEU A 61 4.34 -7.34 -9.24
C LEU A 61 5.13 -7.84 -10.43
N THR A 62 5.96 -8.86 -10.22
CA THR A 62 6.91 -9.34 -11.23
C THR A 62 6.29 -9.42 -12.63
N SER A 63 5.13 -10.07 -12.76
CA SER A 63 4.45 -10.18 -14.04
C SER A 63 3.09 -9.47 -13.99
N ALA A 64 2.81 -8.79 -12.89
CA ALA A 64 1.54 -8.07 -12.68
C ALA A 64 0.32 -9.01 -12.73
N ALA A 65 0.59 -10.32 -12.77
CA ALA A 65 -0.46 -11.33 -12.75
C ALA A 65 -0.29 -12.22 -11.53
N CYS A 66 0.51 -11.73 -10.59
CA CYS A 66 0.85 -12.47 -9.38
C CYS A 66 -0.35 -12.54 -8.44
N PRO A 67 -0.66 -13.75 -7.89
CA PRO A 67 -1.74 -13.93 -6.92
C PRO A 67 -1.38 -13.32 -5.57
N LEU A 68 -0.17 -12.79 -5.46
CA LEU A 68 0.33 -12.23 -4.20
C LEU A 68 -0.19 -10.81 -3.99
N THR A 69 -0.99 -10.33 -4.93
CA THR A 69 -1.51 -8.96 -4.84
C THR A 69 -2.40 -8.81 -3.61
N ASP A 70 -3.33 -9.73 -3.42
CA ASP A 70 -4.21 -9.73 -2.25
C ASP A 70 -3.37 -9.83 -0.98
N VAL A 71 -2.26 -10.55 -1.08
CA VAL A 71 -1.36 -10.75 0.06
C VAL A 71 -0.69 -9.43 0.45
N ILE A 72 -0.07 -8.75 -0.52
CA ILE A 72 0.66 -7.51 -0.23
C ILE A 72 -0.30 -6.40 0.17
N GLU A 73 -1.48 -6.38 -0.46
CA GLU A 73 -2.55 -5.47 -0.08
C GLU A 73 -2.91 -5.70 1.38
N ASP A 74 -3.15 -6.95 1.72
CA ASP A 74 -3.53 -7.34 3.07
C ASP A 74 -2.50 -6.87 4.09
N GLN A 75 -1.23 -7.21 3.85
CA GLN A 75 -0.14 -6.89 4.78
C GLN A 75 -0.03 -5.38 4.97
N SER A 76 0.16 -4.67 3.86
CA SER A 76 0.37 -3.22 3.89
C SER A 76 -0.85 -2.52 4.50
N ARG A 77 -2.02 -2.80 3.93
CA ARG A 77 -3.27 -2.16 4.35
C ARG A 77 -3.50 -2.37 5.85
N SER A 78 -3.34 -3.61 6.28
CA SER A 78 -3.58 -3.99 7.68
C SER A 78 -2.67 -3.20 8.62
N ALA A 79 -1.41 -3.05 8.26
CA ALA A 79 -0.46 -2.36 9.13
C ALA A 79 -0.72 -0.85 9.12
N LEU A 80 -0.80 -0.27 7.93
CA LEU A 80 -0.99 1.18 7.78
C LEU A 80 -2.24 1.65 8.53
N VAL A 81 -3.30 0.85 8.44
CA VAL A 81 -4.53 1.13 9.15
C VAL A 81 -4.39 0.75 10.63
N GLY A 82 -3.53 -0.24 10.91
CA GLY A 82 -3.40 -0.76 12.26
C GLY A 82 -2.79 0.27 13.20
N SER A 83 -1.70 0.88 12.76
CA SER A 83 -1.06 1.95 13.51
C SER A 83 -1.85 3.25 13.35
N GLY A 84 -2.61 3.34 12.27
CA GLY A 84 -3.47 4.49 12.05
C GLY A 84 -2.79 5.63 11.33
N LEU A 85 -1.77 5.32 10.53
CA LEU A 85 -1.06 6.34 9.75
C LEU A 85 -2.00 7.00 8.76
N VAL A 86 -2.94 6.20 8.25
CA VAL A 86 -3.98 6.70 7.36
C VAL A 86 -5.26 5.90 7.58
N ASP A 87 -6.37 6.42 7.07
CA ASP A 87 -7.67 5.77 7.24
C ASP A 87 -7.72 4.49 6.41
N ASP A 88 -7.18 4.57 5.20
CA ASP A 88 -7.12 3.42 4.29
C ASP A 88 -6.01 3.67 3.27
N ILE A 89 -5.70 2.68 2.44
CA ILE A 89 -4.67 2.83 1.42
C ILE A 89 -5.18 2.33 0.08
N ARG A 90 -4.76 2.99 -1.00
CA ARG A 90 -5.16 2.59 -2.33
C ARG A 90 -3.93 2.25 -3.16
N ILE A 91 -3.73 0.96 -3.39
CA ILE A 91 -2.56 0.48 -4.12
C ILE A 91 -2.83 0.44 -5.62
N ASN A 92 -1.82 0.82 -6.41
CA ASN A 92 -1.94 0.83 -7.87
C ASN A 92 -0.91 -0.13 -8.46
N TRP A 93 -1.36 -1.04 -9.30
CA TRP A 93 -0.46 -1.99 -9.96
C TRP A 93 0.09 -1.38 -11.24
N VAL A 94 1.37 -1.00 -11.22
CA VAL A 94 2.03 -0.47 -12.41
C VAL A 94 3.20 -1.36 -12.80
N TRP A 95 3.61 -1.26 -14.06
CA TRP A 95 4.63 -2.14 -14.64
C TRP A 95 4.91 -1.72 -16.08
N ASN A 96 3.90 -1.22 -16.75
CA ASN A 96 4.01 -0.78 -18.15
C ASN A 96 2.95 0.29 -18.47
N PRO A 97 1.66 0.04 -18.12
CA PRO A 97 0.63 1.08 -18.18
C PRO A 97 0.75 2.04 -16.99
N PRO A 98 0.41 3.32 -17.18
CA PRO A 98 0.46 4.33 -16.11
C PRO A 98 -0.61 4.10 -15.03
N TRP A 99 -0.84 5.12 -14.22
CA TRP A 99 -1.74 5.02 -13.08
C TRP A 99 -3.17 5.37 -13.47
N GLY A 100 -4.11 4.46 -13.22
CA GLY A 100 -5.50 4.69 -13.57
C GLY A 100 -6.44 3.75 -12.83
N PRO A 101 -7.13 2.84 -13.54
CA PRO A 101 -8.10 1.91 -12.94
C PRO A 101 -7.42 0.92 -12.00
N ASP A 102 -6.12 0.80 -12.16
CA ASP A 102 -5.30 -0.11 -11.34
C ASP A 102 -5.25 0.34 -9.88
N LYS A 103 -5.86 1.50 -9.59
CA LYS A 103 -5.96 2.00 -8.22
C LYS A 103 -7.05 1.24 -7.45
N ILE A 104 -7.94 0.58 -8.20
CA ILE A 104 -9.02 -0.20 -7.60
C ILE A 104 -8.47 -1.50 -7.05
N THR A 105 -8.25 -1.52 -5.73
CA THR A 105 -7.63 -2.66 -5.05
C THR A 105 -8.44 -3.95 -5.22
N GLU A 106 -7.77 -5.09 -5.12
CA GLU A 106 -8.43 -6.39 -5.20
C GLU A 106 -9.25 -6.59 -3.91
N ASP A 107 -8.79 -5.95 -2.85
CA ASP A 107 -9.54 -5.90 -1.59
C ASP A 107 -10.93 -5.30 -1.82
N GLY A 108 -10.98 -4.28 -2.68
CA GLY A 108 -12.23 -3.61 -2.97
C GLY A 108 -13.17 -4.44 -3.84
N ARG A 109 -12.60 -5.13 -4.82
CA ARG A 109 -13.40 -5.92 -5.78
C ARG A 109 -14.21 -7.00 -5.07
N GLU A 110 -13.64 -7.55 -3.99
CA GLU A 110 -14.27 -8.66 -3.28
C GLU A 110 -15.44 -8.18 -2.42
N GLN A 111 -15.53 -6.87 -2.22
CA GLN A 111 -16.51 -6.31 -1.31
C GLN A 111 -17.57 -5.51 -2.06
N LEU A 112 -18.49 -6.25 -2.68
CA LEU A 112 -19.59 -5.64 -3.42
C LEU A 112 -20.92 -5.90 -2.68
N ARG A 113 -22.03 -5.54 -3.31
CA ARG A 113 -23.35 -5.66 -2.69
C ARG A 113 -23.67 -7.12 -2.33
N ALA A 114 -23.22 -8.04 -3.18
CA ALA A 114 -23.48 -9.46 -2.99
C ALA A 114 -22.82 -10.00 -1.73
N LEU A 115 -21.86 -9.24 -1.19
CA LEU A 115 -21.15 -9.64 0.03
C LEU A 115 -22.05 -9.48 1.26
N GLY A 116 -23.16 -8.78 1.08
CA GLY A 116 -24.10 -8.56 2.18
C GLY A 116 -24.92 -9.81 2.49
N PHE A 117 -24.75 -10.85 1.68
CA PHE A 117 -25.48 -12.10 1.85
C PHE A 117 -24.57 -13.20 2.39
N THR A 118 -23.71 -12.83 3.33
CA THR A 118 -22.81 -13.78 3.98
C THR A 118 -23.57 -14.64 5.00
N VAL A 119 -23.26 -15.93 5.01
CA VAL A 119 -23.93 -16.88 5.91
C VAL A 119 -22.98 -17.33 7.01
N GLY A 1 17.80 -1.44 2.28
CA GLY A 1 17.27 -1.24 0.92
C GLY A 1 17.70 0.09 0.33
N PRO A 2 17.52 0.29 -0.99
CA PRO A 2 17.94 1.53 -1.67
C PRO A 2 17.27 2.77 -1.07
N GLY A 3 15.97 2.91 -1.31
CA GLY A 3 15.22 4.01 -0.75
C GLY A 3 14.96 3.83 0.73
N SER A 4 15.99 4.06 1.55
CA SER A 4 15.88 3.89 2.99
C SER A 4 14.89 4.90 3.57
N MET A 5 14.89 6.11 3.01
CA MET A 5 13.92 7.13 3.38
C MET A 5 12.93 7.33 2.23
N SER A 6 11.75 6.75 2.37
CA SER A 6 10.75 6.78 1.31
C SER A 6 9.34 6.88 1.90
N GLU A 7 8.93 5.83 2.61
CA GLU A 7 7.60 5.75 3.20
C GLU A 7 7.35 6.94 4.14
N THR A 8 6.59 7.91 3.66
CA THR A 8 6.29 9.12 4.44
C THR A 8 4.86 9.07 4.99
N SER A 9 4.73 8.79 6.28
CA SER A 9 3.42 8.69 6.92
C SER A 9 3.58 8.89 8.43
N ALA A 10 2.55 9.45 9.07
CA ALA A 10 2.53 9.66 10.53
C ALA A 10 3.57 10.71 10.97
N PRO A 11 3.44 11.25 12.20
CA PRO A 11 4.46 12.15 12.78
C PRO A 11 5.79 11.42 13.00
N ALA A 12 6.77 12.15 13.55
CA ALA A 12 8.15 11.65 13.64
C ALA A 12 8.25 10.27 14.29
N GLU A 13 7.92 10.18 15.58
CA GLU A 13 8.08 8.94 16.33
C GLU A 13 7.16 7.84 15.82
N GLU A 14 5.92 8.21 15.50
CA GLU A 14 4.94 7.26 15.00
C GLU A 14 5.42 6.63 13.69
N LEU A 15 6.04 7.44 12.83
CA LEU A 15 6.58 6.96 11.56
C LEU A 15 7.62 5.87 11.81
N LEU A 16 8.48 6.10 12.80
CA LEU A 16 9.54 5.13 13.13
C LEU A 16 8.92 3.78 13.47
N ALA A 17 7.95 3.80 14.38
CA ALA A 17 7.29 2.57 14.83
C ALA A 17 6.59 1.88 13.66
N ASP A 18 5.77 2.64 12.94
CA ASP A 18 4.96 2.08 11.86
C ASP A 18 5.85 1.51 10.75
N VAL A 19 6.86 2.27 10.33
CA VAL A 19 7.74 1.84 9.26
C VAL A 19 8.57 0.64 9.72
N GLU A 20 8.91 0.59 11.01
CA GLU A 20 9.64 -0.54 11.57
C GLU A 20 8.81 -1.82 11.46
N GLU A 21 7.52 -1.71 11.82
CA GLU A 21 6.60 -2.84 11.69
C GLU A 21 6.45 -3.22 10.23
N ALA A 22 6.14 -2.22 9.39
CA ALA A 22 5.91 -2.43 7.97
C ALA A 22 7.10 -3.12 7.33
N MET A 23 8.30 -2.64 7.62
CA MET A 23 9.52 -3.17 7.04
C MET A 23 9.76 -4.63 7.40
N ARG A 24 9.04 -5.14 8.39
CA ARG A 24 9.23 -6.53 8.83
C ARG A 24 8.18 -7.46 8.21
N ASP A 25 7.13 -6.87 7.64
CA ASP A 25 6.00 -7.67 7.15
C ASP A 25 5.82 -7.45 5.65
N VAL A 26 6.25 -6.29 5.19
CA VAL A 26 6.09 -5.89 3.81
C VAL A 26 7.30 -6.36 2.99
N VAL A 27 8.35 -6.73 3.71
CA VAL A 27 9.57 -7.24 3.09
C VAL A 27 9.50 -8.76 3.01
N ASP A 28 10.36 -9.35 2.19
CA ASP A 28 10.59 -10.79 2.22
C ASP A 28 11.92 -11.06 2.92
N PRO A 29 11.88 -11.28 4.25
CA PRO A 29 13.10 -11.47 5.04
C PRO A 29 13.60 -12.92 4.98
N GLU A 30 12.82 -13.78 4.32
CA GLU A 30 13.19 -15.17 4.14
C GLU A 30 14.39 -15.29 3.20
N LEU A 31 14.24 -14.76 1.99
CA LEU A 31 15.31 -14.79 1.00
C LEU A 31 16.03 -13.45 0.94
N GLY A 32 15.38 -12.42 1.47
CA GLY A 32 16.01 -11.11 1.60
C GLY A 32 15.69 -10.18 0.45
N ILE A 33 14.43 -10.15 0.03
CA ILE A 33 13.99 -9.23 -1.03
C ILE A 33 13.13 -8.14 -0.41
N ASN A 34 13.30 -6.93 -0.91
CA ASN A 34 12.52 -5.78 -0.45
C ASN A 34 11.78 -5.17 -1.62
N VAL A 35 10.46 -5.12 -1.51
CA VAL A 35 9.59 -4.70 -2.61
C VAL A 35 9.90 -3.26 -3.06
N VAL A 36 10.41 -2.44 -2.15
CA VAL A 36 10.74 -1.05 -2.46
C VAL A 36 11.83 -0.98 -3.54
N ASP A 37 12.62 -2.05 -3.64
CA ASP A 37 13.71 -2.13 -4.63
C ASP A 37 13.15 -2.17 -6.06
N LEU A 38 11.85 -2.44 -6.20
CA LEU A 38 11.19 -2.38 -7.51
C LEU A 38 11.22 -0.95 -8.04
N GLY A 39 11.50 -0.01 -7.15
CA GLY A 39 11.72 1.38 -7.53
C GLY A 39 10.51 2.05 -8.17
N LEU A 40 9.32 1.52 -7.90
CA LEU A 40 8.07 2.19 -8.28
C LEU A 40 7.50 2.92 -7.06
N VAL A 41 7.77 2.36 -5.88
CA VAL A 41 7.15 2.80 -4.62
C VAL A 41 7.42 4.28 -4.32
N TYR A 42 8.45 4.84 -4.95
CA TYR A 42 8.80 6.25 -4.75
C TYR A 42 7.60 7.15 -5.02
N GLY A 43 6.66 6.64 -5.82
CA GLY A 43 5.43 7.37 -6.07
C GLY A 43 4.38 7.07 -5.02
N LEU A 44 4.54 7.68 -3.84
CA LEU A 44 3.60 7.48 -2.74
C LEU A 44 3.12 8.82 -2.19
N ASP A 45 1.82 8.93 -2.01
CA ASP A 45 1.17 10.12 -1.46
C ASP A 45 -0.08 9.69 -0.72
N VAL A 46 -0.72 10.61 -0.03
CA VAL A 46 -1.99 10.32 0.63
C VAL A 46 -2.96 11.49 0.42
N GLN A 47 -4.24 11.17 0.23
CA GLN A 47 -5.27 12.18 0.05
C GLN A 47 -6.23 12.16 1.23
N ASP A 48 -6.33 13.29 1.93
CA ASP A 48 -7.25 13.43 3.04
C ASP A 48 -8.66 13.66 2.51
N GLY A 49 -9.54 12.69 2.73
CA GLY A 49 -10.90 12.79 2.24
C GLY A 49 -11.89 12.98 3.36
N ASP A 50 -13.07 13.52 3.02
CA ASP A 50 -14.14 13.76 3.97
C ASP A 50 -14.53 12.48 4.71
N GLU A 51 -14.45 11.35 4.02
CA GLU A 51 -14.84 10.07 4.58
C GLU A 51 -13.64 9.35 5.22
N GLY A 52 -12.48 9.99 5.14
CA GLY A 52 -11.28 9.43 5.74
C GLY A 52 -10.05 9.65 4.87
N THR A 53 -8.88 9.65 5.50
CA THR A 53 -7.62 9.79 4.79
C THR A 53 -7.27 8.51 4.06
N VAL A 54 -7.12 8.60 2.74
CA VAL A 54 -6.76 7.44 1.92
C VAL A 54 -5.30 7.54 1.49
N ALA A 55 -4.57 6.43 1.58
CA ALA A 55 -3.15 6.42 1.19
C ALA A 55 -2.97 5.85 -0.21
N LEU A 56 -2.33 6.61 -1.09
CA LEU A 56 -2.09 6.18 -2.47
C LEU A 56 -0.65 5.67 -2.61
N ILE A 57 -0.50 4.42 -3.04
CA ILE A 57 0.82 3.82 -3.20
C ILE A 57 0.97 3.25 -4.61
N ASP A 58 1.85 3.86 -5.39
CA ASP A 58 2.20 3.33 -6.71
C ASP A 58 3.20 2.19 -6.57
N MET A 59 2.84 1.01 -7.06
CA MET A 59 3.68 -0.18 -6.95
C MET A 59 3.71 -0.94 -8.27
N THR A 60 4.59 -1.94 -8.35
CA THR A 60 4.66 -2.81 -9.51
C THR A 60 5.20 -4.18 -9.11
N LEU A 61 5.00 -5.17 -9.98
CA LEU A 61 5.47 -6.53 -9.75
C LEU A 61 6.18 -7.03 -11.00
N THR A 62 6.99 -8.08 -10.85
CA THR A 62 7.80 -8.62 -11.93
C THR A 62 6.97 -8.84 -13.21
N SER A 63 5.88 -9.59 -13.09
CA SER A 63 5.00 -9.85 -14.24
C SER A 63 3.64 -9.15 -14.05
N ALA A 64 3.43 -8.62 -12.84
CA ALA A 64 2.18 -7.93 -12.48
C ALA A 64 0.97 -8.87 -12.52
N ALA A 65 1.22 -10.17 -12.70
CA ALA A 65 0.18 -11.18 -12.64
C ALA A 65 0.49 -12.15 -11.52
N CYS A 66 1.47 -11.78 -10.71
CA CYS A 66 1.94 -12.61 -9.61
C CYS A 66 0.96 -12.57 -8.45
N PRO A 67 0.71 -13.72 -7.79
CA PRO A 67 -0.25 -13.81 -6.67
C PRO A 67 0.24 -13.09 -5.41
N LEU A 68 1.26 -12.25 -5.55
CA LEU A 68 1.81 -11.48 -4.45
C LEU A 68 1.04 -10.17 -4.27
N THR A 69 0.12 -9.90 -5.18
CA THR A 69 -0.66 -8.67 -5.14
C THR A 69 -1.50 -8.60 -3.85
N ASP A 70 -2.28 -9.64 -3.58
CA ASP A 70 -3.10 -9.68 -2.37
C ASP A 70 -2.22 -9.78 -1.14
N VAL A 71 -1.03 -10.36 -1.31
CA VAL A 71 -0.06 -10.45 -0.22
C VAL A 71 0.40 -9.06 0.19
N ILE A 72 0.86 -8.27 -0.78
CA ILE A 72 1.38 -6.93 -0.49
C ILE A 72 0.26 -6.00 -0.04
N GLU A 73 -0.96 -6.26 -0.54
CA GLU A 73 -2.14 -5.53 -0.07
C GLU A 73 -2.36 -5.79 1.42
N ASP A 74 -2.32 -7.07 1.80
CA ASP A 74 -2.51 -7.46 3.21
C ASP A 74 -1.42 -6.85 4.08
N GLN A 75 -0.17 -6.98 3.62
CA GLN A 75 0.99 -6.44 4.33
C GLN A 75 0.83 -4.95 4.60
N SER A 76 0.55 -4.20 3.56
CA SER A 76 0.43 -2.74 3.66
C SER A 76 -0.81 -2.35 4.47
N ARG A 77 -1.98 -2.89 4.09
CA ARG A 77 -3.24 -2.52 4.75
C ARG A 77 -3.13 -2.76 6.27
N SER A 78 -2.61 -3.92 6.65
CA SER A 78 -2.57 -4.33 8.05
C SER A 78 -1.77 -3.34 8.90
N ALA A 79 -0.61 -2.93 8.40
CA ALA A 79 0.25 -2.03 9.15
C ALA A 79 -0.33 -0.62 9.19
N LEU A 80 -0.67 -0.08 8.03
CA LEU A 80 -1.14 1.30 7.93
C LEU A 80 -2.44 1.49 8.71
N VAL A 81 -3.24 0.43 8.80
CA VAL A 81 -4.45 0.46 9.62
C VAL A 81 -4.10 0.13 11.07
N GLY A 82 -3.02 -0.63 11.27
CA GLY A 82 -2.65 -1.08 12.60
C GLY A 82 -2.23 0.08 13.48
N SER A 83 -1.65 1.10 12.84
CA SER A 83 -1.28 2.32 13.54
C SER A 83 -2.41 3.35 13.47
N GLY A 84 -3.41 3.05 12.64
CA GLY A 84 -4.54 3.94 12.46
C GLY A 84 -4.15 5.24 11.80
N LEU A 85 -3.32 5.14 10.76
CA LEU A 85 -2.82 6.32 10.06
C LEU A 85 -3.80 6.77 8.97
N VAL A 86 -4.41 5.78 8.31
CA VAL A 86 -5.37 6.04 7.23
C VAL A 86 -6.56 5.10 7.34
N ASP A 87 -7.66 5.45 6.67
CA ASP A 87 -8.87 4.63 6.71
C ASP A 87 -8.76 3.46 5.75
N ASP A 88 -8.14 3.72 4.59
CA ASP A 88 -7.87 2.67 3.60
C ASP A 88 -6.69 3.07 2.70
N ILE A 89 -6.21 2.09 1.95
CA ILE A 89 -5.08 2.29 1.05
C ILE A 89 -5.45 1.90 -0.38
N ARG A 90 -5.06 2.74 -1.33
CA ARG A 90 -5.18 2.40 -2.74
C ARG A 90 -3.79 2.14 -3.31
N ILE A 91 -3.49 0.88 -3.56
CA ILE A 91 -2.25 0.48 -4.19
C ILE A 91 -2.52 0.23 -5.66
N ASN A 92 -1.84 0.97 -6.52
CA ASN A 92 -2.03 0.81 -7.96
C ASN A 92 -0.77 0.22 -8.58
N TRP A 93 -0.95 -0.83 -9.37
CA TRP A 93 0.17 -1.58 -9.92
C TRP A 93 0.43 -1.17 -11.38
N VAL A 94 1.50 -0.40 -11.60
CA VAL A 94 1.83 0.09 -12.93
C VAL A 94 2.87 -0.80 -13.57
N TRP A 95 2.57 -1.31 -14.75
CA TRP A 95 3.50 -2.18 -15.48
C TRP A 95 3.50 -1.89 -16.98
N ASN A 96 2.59 -1.01 -17.42
CA ASN A 96 2.42 -0.70 -18.85
C ASN A 96 1.23 0.24 -19.07
N PRO A 97 0.02 -0.11 -18.54
CA PRO A 97 -1.18 0.74 -18.73
C PRO A 97 -1.08 2.05 -17.94
N PRO A 98 -1.64 3.15 -18.48
CA PRO A 98 -1.67 4.44 -17.80
C PRO A 98 -2.51 4.38 -16.51
N TRP A 99 -2.05 5.09 -15.48
CA TRP A 99 -2.67 5.06 -14.16
C TRP A 99 -4.19 5.23 -14.24
N GLY A 100 -4.91 4.14 -13.96
CA GLY A 100 -6.35 4.16 -13.98
C GLY A 100 -6.95 2.87 -13.40
N PRO A 101 -7.13 1.83 -14.23
CA PRO A 101 -7.73 0.56 -13.80
C PRO A 101 -6.91 -0.14 -12.72
N ASP A 102 -5.60 0.07 -12.76
CA ASP A 102 -4.67 -0.57 -11.83
C ASP A 102 -4.91 -0.08 -10.39
N LYS A 103 -5.73 0.96 -10.26
CA LYS A 103 -6.06 1.52 -8.95
C LYS A 103 -7.18 0.75 -8.27
N ILE A 104 -7.74 -0.25 -8.96
CA ILE A 104 -8.81 -1.07 -8.39
C ILE A 104 -8.26 -2.08 -7.38
N THR A 105 -8.36 -1.73 -6.11
CA THR A 105 -7.87 -2.56 -5.01
C THR A 105 -8.79 -3.75 -4.72
N GLU A 106 -8.42 -4.53 -3.71
CA GLU A 106 -9.15 -5.74 -3.31
C GLU A 106 -10.65 -5.48 -3.12
N ASP A 107 -11.04 -4.24 -2.89
CA ASP A 107 -12.44 -3.89 -2.66
C ASP A 107 -13.30 -4.35 -3.84
N GLY A 108 -12.90 -3.96 -5.04
CA GLY A 108 -13.61 -4.39 -6.25
C GLY A 108 -13.20 -5.79 -6.68
N ARG A 109 -11.89 -6.04 -6.62
CA ARG A 109 -11.30 -7.33 -7.03
C ARG A 109 -11.97 -8.51 -6.34
N GLU A 110 -12.23 -8.35 -5.05
CA GLU A 110 -12.77 -9.43 -4.22
C GLU A 110 -14.22 -9.75 -4.59
N GLN A 111 -14.90 -8.76 -5.16
CA GLN A 111 -16.33 -8.86 -5.39
C GLN A 111 -16.66 -8.62 -6.86
N LEU A 112 -16.70 -9.70 -7.64
CA LEU A 112 -17.01 -9.62 -9.06
C LEU A 112 -17.63 -10.92 -9.55
N ARG A 113 -18.41 -10.82 -10.61
CA ARG A 113 -19.09 -11.96 -11.21
C ARG A 113 -18.10 -12.94 -11.84
N ALA A 114 -16.99 -12.41 -12.32
CA ALA A 114 -15.98 -13.20 -13.02
C ALA A 114 -15.38 -14.27 -12.12
N LEU A 115 -15.61 -14.17 -10.82
CA LEU A 115 -15.08 -15.15 -9.86
C LEU A 115 -16.05 -16.33 -9.74
N GLY A 116 -17.33 -16.07 -10.02
CA GLY A 116 -18.39 -17.05 -9.78
C GLY A 116 -18.43 -18.18 -10.80
N PHE A 117 -17.31 -18.43 -11.48
CA PHE A 117 -17.23 -19.53 -12.43
C PHE A 117 -16.66 -20.78 -11.74
N THR A 118 -16.20 -20.59 -10.51
CA THR A 118 -15.56 -21.64 -9.74
C THR A 118 -16.59 -22.59 -9.11
N VAL A 119 -16.67 -23.79 -9.65
CA VAL A 119 -17.52 -24.85 -9.10
C VAL A 119 -16.65 -25.93 -8.46
N GLY A 1 16.58 -3.49 3.00
CA GLY A 1 16.57 -2.10 2.48
C GLY A 1 17.79 -1.33 2.95
N PRO A 2 18.71 -0.95 2.03
CA PRO A 2 19.94 -0.23 2.39
C PRO A 2 19.63 1.12 3.05
N GLY A 3 18.99 2.00 2.28
CA GLY A 3 18.60 3.31 2.78
C GLY A 3 17.11 3.53 2.67
N SER A 4 16.37 2.43 2.48
CA SER A 4 14.92 2.48 2.37
C SER A 4 14.29 2.91 3.69
N MET A 5 14.22 4.22 3.92
CA MET A 5 13.62 4.77 5.13
C MET A 5 13.17 6.21 4.87
N SER A 6 12.74 6.45 3.64
CA SER A 6 12.32 7.78 3.20
C SER A 6 10.85 8.03 3.56
N GLU A 7 10.24 7.04 4.22
CA GLU A 7 8.82 7.03 4.50
C GLU A 7 8.45 8.21 5.41
N THR A 8 7.85 9.24 4.81
CA THR A 8 7.48 10.44 5.54
C THR A 8 6.05 10.33 6.09
N SER A 9 5.93 9.91 7.34
CA SER A 9 4.64 9.79 8.00
C SER A 9 4.84 9.72 9.52
N ALA A 10 3.95 10.39 10.26
CA ALA A 10 3.97 10.37 11.72
C ALA A 10 5.26 11.01 12.29
N PRO A 11 5.24 11.41 13.58
CA PRO A 11 6.43 11.94 14.25
C PRO A 11 7.50 10.85 14.47
N ALA A 12 8.69 11.28 14.87
CA ALA A 12 9.87 10.40 14.97
C ALA A 12 9.57 9.06 15.63
N GLU A 13 9.07 9.10 16.86
CA GLU A 13 8.89 7.89 17.65
C GLU A 13 7.86 6.95 16.99
N GLU A 14 6.72 7.51 16.61
CA GLU A 14 5.65 6.72 15.99
C GLU A 14 6.11 6.14 14.66
N LEU A 15 6.85 6.94 13.88
CA LEU A 15 7.36 6.51 12.58
C LEU A 15 8.31 5.33 12.76
N LEU A 16 9.22 5.45 13.71
CA LEU A 16 10.23 4.41 13.96
C LEU A 16 9.57 3.05 14.19
N ALA A 17 8.65 3.01 15.17
CA ALA A 17 7.97 1.77 15.52
C ALA A 17 7.11 1.25 14.36
N ASP A 18 6.29 2.13 13.81
CA ASP A 18 5.37 1.77 12.73
C ASP A 18 6.14 1.22 11.52
N VAL A 19 7.17 1.93 11.11
CA VAL A 19 7.96 1.52 9.95
C VAL A 19 8.72 0.23 10.27
N GLU A 20 9.14 0.09 11.53
CA GLU A 20 9.83 -1.13 11.96
C GLU A 20 8.93 -2.34 11.74
N GLU A 21 7.69 -2.25 12.18
CA GLU A 21 6.72 -3.34 12.00
C GLU A 21 6.36 -3.49 10.53
N ALA A 22 6.09 -2.38 9.85
CA ALA A 22 5.74 -2.39 8.43
C ALA A 22 6.83 -3.06 7.62
N MET A 23 8.09 -2.80 7.99
CA MET A 23 9.25 -3.36 7.32
C MET A 23 9.29 -4.88 7.43
N ARG A 24 8.44 -5.44 8.30
CA ARG A 24 8.36 -6.89 8.45
C ARG A 24 7.37 -7.48 7.43
N ASP A 25 6.45 -6.66 6.94
CA ASP A 25 5.38 -7.14 6.05
C ASP A 25 5.55 -6.65 4.62
N VAL A 26 6.20 -5.50 4.44
CA VAL A 26 6.37 -4.94 3.10
C VAL A 26 7.72 -5.32 2.49
N VAL A 27 8.29 -6.39 3.02
CA VAL A 27 9.62 -6.84 2.60
C VAL A 27 9.62 -8.35 2.37
N ASP A 28 10.61 -8.81 1.63
CA ASP A 28 10.97 -10.22 1.56
C ASP A 28 12.13 -10.46 2.52
N PRO A 29 11.85 -10.86 3.77
CA PRO A 29 12.88 -11.11 4.77
C PRO A 29 13.50 -12.48 4.62
N GLU A 30 12.87 -13.29 3.77
CA GLU A 30 13.29 -14.67 3.54
C GLU A 30 14.63 -14.69 2.81
N LEU A 31 14.78 -13.82 1.82
CA LEU A 31 16.06 -13.66 1.12
C LEU A 31 16.64 -12.26 1.38
N GLY A 32 15.79 -11.34 1.82
CA GLY A 32 16.27 -10.02 2.25
C GLY A 32 16.19 -8.96 1.15
N ILE A 33 15.07 -8.92 0.42
CA ILE A 33 14.85 -7.91 -0.62
C ILE A 33 13.57 -7.14 -0.29
N ASN A 34 13.57 -5.83 -0.52
CA ASN A 34 12.39 -5.03 -0.22
C ASN A 34 11.70 -4.61 -1.51
N VAL A 35 10.36 -4.60 -1.50
CA VAL A 35 9.58 -4.27 -2.69
C VAL A 35 9.91 -2.86 -3.19
N VAL A 36 10.30 -1.99 -2.25
CA VAL A 36 10.66 -0.62 -2.57
C VAL A 36 11.84 -0.57 -3.54
N ASP A 37 12.65 -1.64 -3.54
CA ASP A 37 13.80 -1.75 -4.46
C ASP A 37 13.36 -1.61 -5.92
N LEU A 38 12.11 -2.00 -6.22
CA LEU A 38 11.58 -1.90 -7.59
C LEU A 38 11.47 -0.43 -8.00
N GLY A 39 11.57 0.46 -7.02
CA GLY A 39 11.61 1.89 -7.23
C GLY A 39 10.39 2.44 -7.96
N LEU A 40 9.29 1.71 -7.91
CA LEU A 40 8.00 2.24 -8.36
C LEU A 40 7.21 2.74 -7.15
N VAL A 41 7.45 2.08 -6.01
CA VAL A 41 6.75 2.38 -4.77
C VAL A 41 6.95 3.84 -4.35
N TYR A 42 7.91 4.51 -4.97
CA TYR A 42 8.16 5.92 -4.72
C TYR A 42 6.92 6.74 -5.02
N GLY A 43 6.05 6.18 -5.87
CA GLY A 43 4.79 6.81 -6.20
C GLY A 43 3.76 6.62 -5.10
N LEU A 44 4.16 6.92 -3.87
CA LEU A 44 3.24 6.87 -2.73
C LEU A 44 2.93 8.29 -2.25
N ASP A 45 1.67 8.54 -1.97
CA ASP A 45 1.22 9.84 -1.51
C ASP A 45 -0.09 9.69 -0.74
N VAL A 46 -0.05 9.98 0.55
CA VAL A 46 -1.24 9.92 1.39
C VAL A 46 -1.94 11.27 1.39
N GLN A 47 -3.22 11.28 1.05
CA GLN A 47 -3.99 12.52 0.99
C GLN A 47 -5.24 12.40 1.86
N ASP A 48 -5.70 13.55 2.33
CA ASP A 48 -6.90 13.61 3.17
C ASP A 48 -8.15 13.57 2.30
N GLY A 49 -9.23 13.06 2.86
CA GLY A 49 -10.49 12.99 2.17
C GLY A 49 -11.61 12.62 3.12
N ASP A 50 -12.85 12.92 2.74
CA ASP A 50 -14.00 12.63 3.59
C ASP A 50 -14.31 11.13 3.58
N GLU A 51 -13.83 10.43 2.56
CA GLU A 51 -13.92 8.98 2.54
C GLU A 51 -12.92 8.41 3.57
N GLY A 52 -11.95 9.25 3.92
CA GLY A 52 -10.92 8.88 4.87
C GLY A 52 -9.56 9.34 4.40
N THR A 53 -8.59 9.39 5.31
CA THR A 53 -7.22 9.69 4.92
C THR A 53 -6.66 8.48 4.18
N VAL A 54 -6.50 8.63 2.87
CA VAL A 54 -6.17 7.50 2.00
C VAL A 54 -4.73 7.57 1.52
N ALA A 55 -4.01 6.47 1.68
CA ALA A 55 -2.62 6.38 1.22
C ALA A 55 -2.56 5.82 -0.20
N LEU A 56 -2.31 6.68 -1.18
CA LEU A 56 -2.18 6.27 -2.57
C LEU A 56 -0.80 5.65 -2.77
N ILE A 57 -0.73 4.46 -3.35
CA ILE A 57 0.56 3.79 -3.57
C ILE A 57 0.57 3.08 -4.92
N ASP A 58 1.44 3.51 -5.81
CA ASP A 58 1.64 2.85 -7.11
C ASP A 58 2.66 1.72 -6.95
N MET A 59 2.27 0.50 -7.31
CA MET A 59 3.10 -0.68 -7.10
C MET A 59 3.10 -1.60 -8.31
N THR A 60 3.98 -2.58 -8.28
CA THR A 60 4.11 -3.58 -9.32
C THR A 60 4.86 -4.80 -8.78
N LEU A 61 4.56 -5.98 -9.31
CA LEU A 61 5.29 -7.18 -8.96
C LEU A 61 6.37 -7.43 -10.02
N THR A 62 7.49 -8.02 -9.62
CA THR A 62 8.66 -8.18 -10.49
C THR A 62 8.28 -8.74 -11.87
N SER A 63 7.49 -9.82 -11.89
CA SER A 63 7.10 -10.47 -13.14
C SER A 63 5.85 -9.81 -13.72
N ALA A 64 5.19 -8.98 -12.91
CA ALA A 64 3.94 -8.31 -13.26
C ALA A 64 2.83 -9.31 -13.59
N ALA A 65 3.10 -10.59 -13.33
CA ALA A 65 2.12 -11.66 -13.54
C ALA A 65 1.84 -12.38 -12.23
N CYS A 66 2.45 -11.88 -11.16
CA CYS A 66 2.36 -12.51 -9.85
C CYS A 66 1.05 -12.13 -9.16
N PRO A 67 0.26 -13.12 -8.70
CA PRO A 67 -1.02 -12.88 -8.03
C PRO A 67 -0.84 -12.44 -6.57
N LEU A 68 0.24 -11.72 -6.30
CA LEU A 68 0.58 -11.29 -4.95
C LEU A 68 -0.17 -10.01 -4.58
N THR A 69 -1.09 -9.60 -5.47
CA THR A 69 -1.88 -8.38 -5.26
C THR A 69 -2.65 -8.46 -3.93
N ASP A 70 -3.23 -9.62 -3.65
CA ASP A 70 -3.95 -9.84 -2.41
C ASP A 70 -3.02 -9.70 -1.21
N VAL A 71 -1.83 -10.25 -1.37
CA VAL A 71 -0.82 -10.24 -0.30
C VAL A 71 -0.38 -8.80 0.02
N ILE A 72 -0.10 -8.01 -1.02
CA ILE A 72 0.36 -6.64 -0.83
C ILE A 72 -0.76 -5.76 -0.28
N GLU A 73 -2.00 -5.99 -0.75
CA GLU A 73 -3.16 -5.28 -0.21
C GLU A 73 -3.30 -5.54 1.29
N ASP A 74 -3.25 -6.81 1.67
CA ASP A 74 -3.40 -7.18 3.08
C ASP A 74 -2.28 -6.58 3.92
N GLN A 75 -1.04 -6.79 3.50
CA GLN A 75 0.13 -6.35 4.27
C GLN A 75 0.17 -4.82 4.41
N SER A 76 -0.21 -4.11 3.36
CA SER A 76 -0.23 -2.65 3.41
C SER A 76 -1.33 -2.19 4.37
N ARG A 77 -2.55 -2.66 4.13
CA ARG A 77 -3.68 -2.31 4.99
C ARG A 77 -3.38 -2.67 6.46
N SER A 78 -2.77 -3.82 6.66
CA SER A 78 -2.46 -4.31 8.01
C SER A 78 -1.67 -3.29 8.82
N ALA A 79 -0.56 -2.81 8.28
CA ALA A 79 0.28 -1.88 9.01
C ALA A 79 -0.34 -0.48 9.05
N LEU A 80 -0.72 0.03 7.87
CA LEU A 80 -1.19 1.41 7.74
C LEU A 80 -2.41 1.67 8.61
N VAL A 81 -3.29 0.68 8.70
CA VAL A 81 -4.45 0.74 9.57
C VAL A 81 -4.07 0.36 11.00
N GLY A 82 -3.02 -0.46 11.14
CA GLY A 82 -2.65 -1.00 12.43
C GLY A 82 -2.33 0.08 13.45
N SER A 83 -1.52 1.05 13.05
CA SER A 83 -1.20 2.18 13.91
C SER A 83 -2.24 3.29 13.74
N GLY A 84 -3.16 3.09 12.79
CA GLY A 84 -4.22 4.05 12.55
C GLY A 84 -3.71 5.34 11.92
N LEU A 85 -2.66 5.23 11.12
CA LEU A 85 -2.07 6.41 10.47
C LEU A 85 -2.99 6.90 9.36
N VAL A 86 -3.59 5.96 8.64
CA VAL A 86 -4.52 6.28 7.57
C VAL A 86 -5.84 5.53 7.76
N ASP A 87 -6.90 6.02 7.13
CA ASP A 87 -8.21 5.39 7.21
C ASP A 87 -8.33 4.27 6.17
N ASP A 88 -7.64 4.44 5.05
CA ASP A 88 -7.73 3.48 3.94
C ASP A 88 -6.49 3.58 3.05
N ILE A 89 -6.28 2.60 2.18
CA ILE A 89 -5.14 2.60 1.26
C ILE A 89 -5.63 2.37 -0.16
N ARG A 90 -4.99 3.01 -1.12
CA ARG A 90 -5.38 2.91 -2.51
C ARG A 90 -4.17 2.51 -3.35
N ILE A 91 -4.14 1.26 -3.79
CA ILE A 91 -3.00 0.73 -4.54
C ILE A 91 -3.31 0.71 -6.04
N ASN A 92 -2.29 0.98 -6.84
CA ASN A 92 -2.39 0.92 -8.30
C ASN A 92 -1.43 -0.16 -8.80
N TRP A 93 -1.94 -1.17 -9.47
CA TRP A 93 -1.11 -2.28 -9.92
C TRP A 93 -0.73 -2.07 -11.39
N VAL A 94 0.52 -1.70 -11.62
CA VAL A 94 0.98 -1.42 -12.97
C VAL A 94 1.54 -2.69 -13.60
N TRP A 95 0.98 -3.05 -14.75
CA TRP A 95 1.46 -4.18 -15.53
C TRP A 95 1.91 -3.72 -16.91
N ASN A 96 1.35 -2.58 -17.32
CA ASN A 96 1.57 -2.03 -18.66
C ASN A 96 0.71 -0.78 -18.87
N PRO A 97 -0.61 -0.83 -18.56
CA PRO A 97 -1.49 0.34 -18.70
C PRO A 97 -1.12 1.46 -17.71
N PRO A 98 -1.27 2.74 -18.13
CA PRO A 98 -1.00 3.89 -17.26
C PRO A 98 -1.96 3.97 -16.06
N TRP A 99 -1.63 4.83 -15.11
CA TRP A 99 -2.41 4.96 -13.88
C TRP A 99 -3.78 5.56 -14.14
N GLY A 100 -4.66 5.45 -13.16
CA GLY A 100 -6.01 5.98 -13.28
C GLY A 100 -7.01 5.23 -12.42
N PRO A 101 -8.15 4.80 -13.00
CA PRO A 101 -9.20 4.08 -12.26
C PRO A 101 -8.72 2.74 -11.70
N ASP A 102 -7.52 2.32 -12.13
CA ASP A 102 -6.94 1.06 -11.66
C ASP A 102 -6.66 1.11 -10.16
N LYS A 103 -6.69 2.32 -9.59
CA LYS A 103 -6.43 2.51 -8.17
C LYS A 103 -7.65 2.09 -7.34
N ILE A 104 -8.77 1.83 -8.02
CA ILE A 104 -9.96 1.32 -7.34
C ILE A 104 -9.69 -0.12 -6.90
N THR A 105 -9.30 -0.27 -5.64
CA THR A 105 -8.91 -1.57 -5.10
C THR A 105 -10.06 -2.57 -5.13
N GLU A 106 -9.72 -3.85 -5.14
CA GLU A 106 -10.71 -4.93 -5.18
C GLU A 106 -11.69 -4.80 -4.01
N ASP A 107 -11.17 -4.31 -2.89
CA ASP A 107 -11.99 -4.06 -1.71
C ASP A 107 -13.15 -3.12 -2.04
N GLY A 108 -12.82 -2.05 -2.76
CA GLY A 108 -13.83 -1.09 -3.19
C GLY A 108 -14.88 -1.73 -4.07
N ARG A 109 -14.43 -2.60 -4.97
CA ARG A 109 -15.32 -3.33 -5.86
C ARG A 109 -16.34 -4.14 -5.05
N GLU A 110 -15.85 -4.75 -3.98
CA GLU A 110 -16.68 -5.61 -3.11
C GLU A 110 -17.73 -4.79 -2.37
N GLN A 111 -17.49 -3.51 -2.19
CA GLN A 111 -18.40 -2.67 -1.43
C GLN A 111 -19.13 -1.70 -2.35
N LEU A 112 -18.91 -1.87 -3.66
CA LEU A 112 -19.56 -1.06 -4.68
C LEU A 112 -20.94 -1.62 -4.98
N ARG A 113 -20.97 -2.78 -5.61
CA ARG A 113 -22.21 -3.52 -5.89
C ARG A 113 -22.99 -3.70 -4.60
N ALA A 114 -22.25 -3.78 -3.50
CA ALA A 114 -22.82 -4.01 -2.17
C ALA A 114 -23.63 -2.81 -1.67
N LEU A 115 -23.60 -1.70 -2.40
CA LEU A 115 -24.24 -0.46 -1.96
C LEU A 115 -25.76 -0.62 -1.82
N GLY A 116 -26.31 -1.64 -2.46
CA GLY A 116 -27.74 -1.87 -2.41
C GLY A 116 -28.11 -3.27 -1.97
N PHE A 117 -27.38 -3.79 -0.99
CA PHE A 117 -27.64 -5.12 -0.41
C PHE A 117 -27.42 -6.23 -1.45
N THR A 118 -26.95 -5.85 -2.63
CA THR A 118 -26.77 -6.81 -3.72
C THR A 118 -25.59 -7.74 -3.43
N VAL A 119 -25.86 -8.81 -2.70
CA VAL A 119 -24.85 -9.80 -2.36
C VAL A 119 -25.20 -11.16 -2.99
N GLY A 1 14.82 -2.60 10.27
CA GLY A 1 15.77 -1.50 9.96
C GLY A 1 15.14 -0.45 9.08
N PRO A 2 15.20 0.84 9.48
CA PRO A 2 14.64 1.94 8.67
C PRO A 2 15.46 2.20 7.41
N GLY A 3 14.90 1.88 6.26
CA GLY A 3 15.59 2.11 4.99
C GLY A 3 14.61 2.31 3.85
N SER A 4 14.42 3.57 3.45
CA SER A 4 13.52 3.90 2.35
C SER A 4 13.74 5.33 1.90
N MET A 5 12.96 5.76 0.93
CA MET A 5 13.01 7.13 0.40
C MET A 5 11.60 7.72 0.40
N SER A 6 10.70 7.05 1.12
CA SER A 6 9.31 7.45 1.21
C SER A 6 8.74 7.02 2.58
N GLU A 7 7.42 6.88 2.65
CA GLU A 7 6.74 6.44 3.88
C GLU A 7 6.95 7.41 5.04
N THR A 8 6.14 8.46 5.09
CA THR A 8 6.21 9.44 6.16
C THR A 8 4.80 9.83 6.63
N SER A 9 4.45 9.37 7.82
CA SER A 9 3.17 9.71 8.46
C SER A 9 3.30 9.48 9.96
N ALA A 10 2.44 10.14 10.75
CA ALA A 10 2.49 10.05 12.21
C ALA A 10 3.76 10.71 12.75
N PRO A 11 3.83 11.00 14.08
CA PRO A 11 5.03 11.55 14.70
C PRO A 11 6.21 10.59 14.60
N ALA A 12 7.43 11.14 14.62
CA ALA A 12 8.66 10.38 14.41
C ALA A 12 8.70 9.07 15.20
N GLU A 13 8.31 9.13 16.48
CA GLU A 13 8.39 7.97 17.37
C GLU A 13 7.49 6.83 16.87
N GLU A 14 6.22 7.17 16.62
CA GLU A 14 5.24 6.18 16.17
C GLU A 14 5.60 5.67 14.77
N LEU A 15 5.95 6.60 13.88
CA LEU A 15 6.35 6.26 12.52
C LEU A 15 7.52 5.28 12.54
N LEU A 16 8.48 5.52 13.44
CA LEU A 16 9.68 4.69 13.54
C LEU A 16 9.30 3.24 13.78
N ALA A 17 8.57 2.98 14.86
CA ALA A 17 8.20 1.62 15.24
C ALA A 17 7.31 0.98 14.19
N ASP A 18 6.31 1.72 13.72
CA ASP A 18 5.33 1.20 12.79
C ASP A 18 5.99 0.78 11.47
N VAL A 19 6.82 1.67 10.93
CA VAL A 19 7.51 1.38 9.67
C VAL A 19 8.57 0.30 9.87
N GLU A 20 9.19 0.28 11.06
CA GLU A 20 10.17 -0.74 11.42
C GLU A 20 9.54 -2.13 11.28
N GLU A 21 8.35 -2.29 11.88
CA GLU A 21 7.62 -3.55 11.80
C GLU A 21 7.18 -3.82 10.36
N ALA A 22 6.58 -2.80 9.74
CA ALA A 22 6.04 -2.93 8.39
C ALA A 22 7.10 -3.35 7.38
N MET A 23 8.33 -2.84 7.56
CA MET A 23 9.42 -3.11 6.62
C MET A 23 9.88 -4.56 6.75
N ARG A 24 9.43 -5.20 7.84
CA ARG A 24 9.77 -6.60 8.11
C ARG A 24 8.60 -7.52 7.75
N ASP A 25 7.51 -6.96 7.25
CA ASP A 25 6.32 -7.76 6.90
C ASP A 25 6.02 -7.63 5.41
N VAL A 26 6.42 -6.48 4.86
CA VAL A 26 6.20 -6.15 3.47
C VAL A 26 7.41 -6.56 2.62
N VAL A 27 8.54 -6.79 3.30
CA VAL A 27 9.78 -7.17 2.62
C VAL A 27 9.82 -8.68 2.37
N ASP A 28 10.74 -9.12 1.52
CA ASP A 28 11.02 -10.54 1.36
C ASP A 28 12.34 -10.86 2.06
N PRO A 29 12.30 -11.17 3.37
CA PRO A 29 13.50 -11.45 4.15
C PRO A 29 13.92 -12.91 4.01
N GLU A 30 13.12 -13.68 3.25
CA GLU A 30 13.38 -15.07 2.98
C GLU A 30 14.63 -15.22 2.10
N LEU A 31 14.59 -14.59 0.92
CA LEU A 31 15.76 -14.56 0.03
C LEU A 31 16.50 -13.23 0.20
N GLY A 32 15.81 -12.25 0.77
CA GLY A 32 16.44 -10.99 1.12
C GLY A 32 16.27 -9.92 0.05
N ILE A 33 15.07 -9.83 -0.51
CA ILE A 33 14.75 -8.77 -1.48
C ILE A 33 13.78 -7.79 -0.84
N ASN A 34 13.97 -6.51 -1.10
CA ASN A 34 13.08 -5.48 -0.57
C ASN A 34 12.25 -4.91 -1.70
N VAL A 35 10.96 -4.68 -1.45
CA VAL A 35 10.07 -4.14 -2.46
C VAL A 35 10.55 -2.74 -2.90
N VAL A 36 11.20 -2.02 -1.97
CA VAL A 36 11.77 -0.71 -2.26
C VAL A 36 12.78 -0.79 -3.40
N ASP A 37 13.35 -1.98 -3.58
CA ASP A 37 14.33 -2.25 -4.64
C ASP A 37 13.75 -1.90 -6.02
N LEU A 38 12.43 -1.99 -6.17
CA LEU A 38 11.77 -1.66 -7.44
C LEU A 38 11.77 -0.14 -7.67
N GLY A 39 12.01 0.60 -6.59
CA GLY A 39 12.07 2.05 -6.65
C GLY A 39 10.78 2.70 -7.15
N LEU A 40 9.67 1.97 -7.02
CA LEU A 40 8.36 2.51 -7.37
C LEU A 40 7.64 3.01 -6.10
N VAL A 41 8.14 2.56 -4.94
CA VAL A 41 7.53 2.89 -3.65
C VAL A 41 7.60 4.40 -3.37
N TYR A 42 8.43 5.11 -4.13
CA TYR A 42 8.55 6.56 -3.99
C TYR A 42 7.27 7.22 -4.51
N GLY A 43 6.57 6.48 -5.37
CA GLY A 43 5.30 6.92 -5.88
C GLY A 43 4.18 6.54 -4.94
N LEU A 44 3.80 7.47 -4.09
CA LEU A 44 2.64 7.29 -3.22
C LEU A 44 1.96 8.63 -3.00
N ASP A 45 0.65 8.64 -3.14
CA ASP A 45 -0.13 9.86 -3.03
C ASP A 45 -1.32 9.62 -2.12
N VAL A 46 -1.28 10.21 -0.94
CA VAL A 46 -2.35 10.04 0.03
C VAL A 46 -3.35 11.18 -0.13
N GLN A 47 -4.57 10.83 -0.53
CA GLN A 47 -5.60 11.84 -0.80
C GLN A 47 -6.52 12.00 0.40
N ASP A 48 -6.63 13.23 0.89
CA ASP A 48 -7.52 13.52 2.00
C ASP A 48 -8.94 13.66 1.50
N GLY A 49 -9.61 12.53 1.48
CA GLY A 49 -10.98 12.48 1.03
C GLY A 49 -11.95 12.90 2.11
N ASP A 50 -13.18 13.20 1.73
CA ASP A 50 -14.21 13.64 2.67
C ASP A 50 -14.39 12.61 3.78
N GLU A 51 -14.28 11.34 3.41
CA GLU A 51 -14.39 10.23 4.36
C GLU A 51 -13.16 10.20 5.26
N GLY A 52 -12.00 10.44 4.66
CA GLY A 52 -10.73 10.39 5.37
C GLY A 52 -9.56 10.34 4.42
N THR A 53 -8.36 10.25 4.97
CA THR A 53 -7.15 10.21 4.17
C THR A 53 -6.89 8.79 3.66
N VAL A 54 -7.02 8.60 2.35
CA VAL A 54 -6.76 7.30 1.72
C VAL A 54 -5.40 7.32 1.02
N ALA A 55 -4.53 6.39 1.38
CA ALA A 55 -3.17 6.35 0.86
C ALA A 55 -3.10 5.55 -0.46
N LEU A 56 -2.95 6.25 -1.57
CA LEU A 56 -2.83 5.59 -2.87
C LEU A 56 -1.36 5.27 -3.17
N ILE A 57 -0.98 4.02 -2.99
CA ILE A 57 0.40 3.59 -3.15
C ILE A 57 0.61 3.00 -4.55
N ASP A 58 1.68 3.43 -5.22
CA ASP A 58 2.01 2.94 -6.55
C ASP A 58 3.01 1.79 -6.45
N MET A 59 2.59 0.60 -6.82
CA MET A 59 3.43 -0.60 -6.75
C MET A 59 3.21 -1.50 -7.95
N THR A 60 4.06 -2.52 -8.08
CA THR A 60 3.90 -3.54 -9.10
C THR A 60 4.74 -4.76 -8.73
N LEU A 61 4.43 -5.89 -9.35
CA LEU A 61 5.19 -7.13 -9.16
C LEU A 61 6.03 -7.39 -10.40
N THR A 62 6.92 -8.39 -10.32
CA THR A 62 7.77 -8.77 -11.46
C THR A 62 6.98 -8.83 -12.76
N SER A 63 5.92 -9.64 -12.77
CA SER A 63 5.05 -9.78 -13.94
C SER A 63 3.74 -9.03 -13.71
N ALA A 64 3.59 -8.45 -12.52
CA ALA A 64 2.37 -7.74 -12.13
C ALA A 64 1.14 -8.66 -12.11
N ALA A 65 1.37 -9.96 -12.26
CA ALA A 65 0.29 -10.95 -12.23
C ALA A 65 0.44 -11.88 -11.03
N CYS A 66 1.58 -11.75 -10.35
CA CYS A 66 1.92 -12.61 -9.23
C CYS A 66 0.85 -12.53 -8.13
N PRO A 67 0.51 -13.68 -7.50
CA PRO A 67 -0.54 -13.74 -6.46
C PRO A 67 -0.11 -13.10 -5.15
N LEU A 68 0.93 -12.27 -5.20
CA LEU A 68 1.42 -11.55 -4.03
C LEU A 68 0.71 -10.21 -3.90
N THR A 69 -0.14 -9.89 -4.88
CA THR A 69 -0.83 -8.61 -4.91
C THR A 69 -1.76 -8.45 -3.69
N ASP A 70 -2.63 -9.42 -3.48
CA ASP A 70 -3.56 -9.37 -2.34
C ASP A 70 -2.78 -9.46 -1.04
N VAL A 71 -1.62 -10.12 -1.11
CA VAL A 71 -0.74 -10.24 0.04
C VAL A 71 -0.19 -8.88 0.45
N ILE A 72 0.40 -8.15 -0.51
CA ILE A 72 1.02 -6.86 -0.22
C ILE A 72 -0.02 -5.81 0.15
N GLU A 73 -1.22 -5.90 -0.45
CA GLU A 73 -2.32 -5.02 -0.05
C GLU A 73 -2.72 -5.32 1.39
N ASP A 74 -2.83 -6.61 1.73
CA ASP A 74 -3.15 -7.03 3.08
C ASP A 74 -2.12 -6.50 4.07
N GLN A 75 -0.84 -6.70 3.75
CA GLN A 75 0.26 -6.26 4.60
C GLN A 75 0.18 -4.77 4.87
N SER A 76 0.15 -3.98 3.80
CA SER A 76 0.11 -2.53 3.92
C SER A 76 -1.14 -2.06 4.67
N ARG A 77 -2.30 -2.51 4.21
CA ARG A 77 -3.58 -2.13 4.85
C ARG A 77 -3.59 -2.51 6.33
N SER A 78 -3.20 -3.74 6.62
CA SER A 78 -3.25 -4.28 7.98
C SER A 78 -2.52 -3.36 8.96
N ALA A 79 -1.27 -2.99 8.63
CA ALA A 79 -0.47 -2.18 9.53
C ALA A 79 -0.95 -0.72 9.55
N LEU A 80 -1.07 -0.12 8.36
CA LEU A 80 -1.38 1.31 8.25
C LEU A 80 -2.73 1.62 8.89
N VAL A 81 -3.68 0.70 8.73
CA VAL A 81 -4.98 0.82 9.37
C VAL A 81 -4.88 0.41 10.84
N GLY A 82 -3.93 -0.47 11.15
CA GLY A 82 -3.80 -1.00 12.50
C GLY A 82 -3.33 0.05 13.48
N SER A 83 -2.29 0.78 13.10
CA SER A 83 -1.79 1.90 13.90
C SER A 83 -2.63 3.15 13.61
N GLY A 84 -3.27 3.16 12.44
CA GLY A 84 -4.19 4.24 12.10
C GLY A 84 -3.52 5.45 11.50
N LEU A 85 -2.56 5.22 10.60
CA LEU A 85 -1.89 6.32 9.90
C LEU A 85 -2.85 6.96 8.90
N VAL A 86 -3.65 6.13 8.26
CA VAL A 86 -4.63 6.56 7.26
C VAL A 86 -5.95 5.83 7.46
N ASP A 87 -7.00 6.27 6.77
CA ASP A 87 -8.30 5.62 6.85
C ASP A 87 -8.23 4.23 6.21
N ASP A 88 -7.66 4.20 5.01
CA ASP A 88 -7.41 2.95 4.30
C ASP A 88 -6.42 3.23 3.18
N ILE A 89 -6.08 2.22 2.40
CA ILE A 89 -5.07 2.34 1.36
C ILE A 89 -5.64 1.98 0.00
N ARG A 90 -4.79 2.12 -1.01
CA ARG A 90 -5.08 1.64 -2.36
C ARG A 90 -3.75 1.40 -3.05
N ILE A 91 -3.37 0.14 -3.21
CA ILE A 91 -2.14 -0.19 -3.91
C ILE A 91 -2.43 -0.49 -5.37
N ASN A 92 -2.17 0.49 -6.23
CA ASN A 92 -2.43 0.35 -7.65
C ASN A 92 -1.22 -0.25 -8.33
N TRP A 93 -1.46 -1.15 -9.27
CA TRP A 93 -0.38 -1.83 -9.95
C TRP A 93 -0.06 -1.11 -11.25
N VAL A 94 1.06 -0.40 -11.27
CA VAL A 94 1.46 0.37 -12.43
C VAL A 94 2.80 -0.11 -12.96
N TRP A 95 2.82 -0.49 -14.22
CA TRP A 95 4.02 -0.99 -14.87
C TRP A 95 4.02 -0.60 -16.35
N ASN A 96 3.11 0.31 -16.71
CA ASN A 96 2.99 0.77 -18.10
C ASN A 96 1.96 1.91 -18.22
N PRO A 97 0.68 1.67 -17.87
CA PRO A 97 -0.39 2.65 -18.12
C PRO A 97 -0.38 3.78 -17.08
N PRO A 98 -0.63 5.03 -17.52
CA PRO A 98 -0.77 6.18 -16.61
C PRO A 98 -1.89 5.95 -15.60
N TRP A 99 -1.75 6.58 -14.43
CA TRP A 99 -2.65 6.32 -13.31
C TRP A 99 -4.10 6.65 -13.68
N GLY A 100 -4.99 5.68 -13.52
CA GLY A 100 -6.40 5.88 -13.79
C GLY A 100 -7.28 5.13 -12.80
N PRO A 101 -8.12 4.20 -13.27
CA PRO A 101 -9.02 3.43 -12.40
C PRO A 101 -8.24 2.55 -11.42
N ASP A 102 -6.95 2.38 -11.71
CA ASP A 102 -6.06 1.59 -10.87
C ASP A 102 -6.04 2.14 -9.45
N LYS A 103 -6.33 3.44 -9.32
CA LYS A 103 -6.32 4.12 -8.03
C LYS A 103 -7.58 3.80 -7.22
N ILE A 104 -8.38 2.84 -7.69
CA ILE A 104 -9.54 2.36 -6.94
C ILE A 104 -9.28 0.94 -6.43
N THR A 105 -9.61 0.69 -5.16
CA THR A 105 -9.43 -0.64 -4.56
C THR A 105 -10.34 -1.68 -5.20
N GLU A 106 -9.90 -2.93 -5.20
CA GLU A 106 -10.72 -4.05 -5.63
C GLU A 106 -11.89 -4.21 -4.66
N ASP A 107 -11.57 -4.04 -3.37
CA ASP A 107 -12.55 -4.11 -2.31
C ASP A 107 -13.67 -3.11 -2.56
N GLY A 108 -13.28 -1.87 -2.86
CA GLY A 108 -14.23 -0.82 -3.11
C GLY A 108 -15.11 -1.09 -4.31
N ARG A 109 -14.52 -1.57 -5.40
CA ARG A 109 -15.26 -1.83 -6.64
C ARG A 109 -16.31 -2.92 -6.41
N GLU A 110 -15.94 -3.96 -5.67
CA GLU A 110 -16.86 -5.06 -5.35
C GLU A 110 -18.05 -4.55 -4.57
N GLN A 111 -17.81 -3.57 -3.70
CA GLN A 111 -18.83 -3.06 -2.79
C GLN A 111 -19.32 -1.69 -3.24
N LEU A 112 -19.17 -1.42 -4.54
CA LEU A 112 -19.66 -0.18 -5.12
C LEU A 112 -21.17 -0.28 -5.37
N ARG A 113 -21.83 0.87 -5.46
CA ARG A 113 -23.28 0.91 -5.65
C ARG A 113 -23.65 0.36 -7.02
N ALA A 114 -22.76 0.57 -7.99
CA ALA A 114 -22.98 0.11 -9.36
C ALA A 114 -22.78 -1.40 -9.48
N LEU A 115 -22.30 -2.03 -8.41
CA LEU A 115 -22.03 -3.47 -8.40
C LEU A 115 -23.18 -4.21 -7.70
N GLY A 116 -24.35 -3.59 -7.73
CA GLY A 116 -25.53 -4.17 -7.09
C GLY A 116 -26.54 -4.70 -8.08
N PHE A 117 -26.19 -5.77 -8.78
CA PHE A 117 -27.08 -6.40 -9.75
C PHE A 117 -27.33 -7.86 -9.39
N THR A 118 -28.33 -8.46 -10.03
CA THR A 118 -28.68 -9.85 -9.79
C THR A 118 -27.76 -10.79 -10.58
N VAL A 119 -27.56 -11.98 -10.04
CA VAL A 119 -26.74 -13.00 -10.70
C VAL A 119 -27.63 -14.00 -11.45
N GLY A 1 21.17 -1.01 1.41
CA GLY A 1 21.69 -1.33 0.06
C GLY A 1 20.61 -1.29 -0.98
N PRO A 2 20.04 -2.46 -1.37
CA PRO A 2 18.95 -2.51 -2.34
C PRO A 2 17.69 -1.85 -1.78
N GLY A 3 17.19 -0.83 -2.48
CA GLY A 3 16.01 -0.12 -2.04
C GLY A 3 16.36 1.13 -1.28
N SER A 4 15.96 2.28 -1.82
CA SER A 4 16.21 3.57 -1.18
C SER A 4 15.01 3.94 -0.30
N MET A 5 15.25 4.08 1.00
CA MET A 5 14.18 4.37 1.95
C MET A 5 13.83 5.86 1.93
N SER A 6 12.62 6.16 2.41
CA SER A 6 12.15 7.54 2.47
C SER A 6 11.30 7.71 3.73
N GLU A 7 10.32 6.81 3.87
CA GLU A 7 9.47 6.72 5.07
C GLU A 7 8.85 8.07 5.44
N THR A 8 8.54 8.89 4.43
CA THR A 8 7.87 10.16 4.66
C THR A 8 6.39 9.92 5.03
N SER A 9 6.14 9.68 6.31
CA SER A 9 4.79 9.47 6.82
C SER A 9 4.81 9.41 8.35
N ALA A 10 3.68 9.79 8.97
CA ALA A 10 3.52 9.69 10.43
C ALA A 10 4.44 10.67 11.17
N PRO A 11 4.05 11.07 12.40
CA PRO A 11 4.90 11.88 13.28
C PRO A 11 6.15 11.11 13.72
N ALA A 12 7.10 11.84 14.33
CA ALA A 12 8.46 11.32 14.58
C ALA A 12 8.49 9.95 15.28
N GLU A 13 8.05 9.89 16.54
CA GLU A 13 8.22 8.67 17.33
C GLU A 13 7.26 7.58 16.85
N GLU A 14 6.07 7.97 16.44
CA GLU A 14 5.10 7.03 15.88
C GLU A 14 5.71 6.32 14.68
N LEU A 15 6.32 7.11 13.80
CA LEU A 15 6.98 6.59 12.61
C LEU A 15 8.09 5.62 12.98
N LEU A 16 8.92 6.02 13.93
CA LEU A 16 10.07 5.21 14.35
C LEU A 16 9.63 3.79 14.72
N ALA A 17 8.76 3.70 15.71
CA ALA A 17 8.29 2.41 16.21
C ALA A 17 7.54 1.64 15.14
N ASP A 18 6.56 2.31 14.53
CA ASP A 18 5.68 1.67 13.56
C ASP A 18 6.45 1.19 12.34
N VAL A 19 7.40 2.00 11.86
CA VAL A 19 8.21 1.61 10.70
C VAL A 19 9.14 0.47 11.09
N GLU A 20 9.65 0.50 12.33
CA GLU A 20 10.48 -0.57 12.84
C GLU A 20 9.73 -1.90 12.74
N GLU A 21 8.47 -1.89 13.16
CA GLU A 21 7.62 -3.09 13.09
C GLU A 21 7.23 -3.40 11.64
N ALA A 22 6.86 -2.35 10.91
CA ALA A 22 6.38 -2.49 9.54
C ALA A 22 7.45 -3.10 8.65
N MET A 23 8.71 -2.74 8.91
CA MET A 23 9.83 -3.23 8.13
C MET A 23 9.97 -4.75 8.24
N ARG A 24 9.28 -5.36 9.20
CA ARG A 24 9.31 -6.82 9.38
C ARG A 24 8.25 -7.51 8.50
N ASP A 25 7.21 -6.79 8.11
CA ASP A 25 6.06 -7.40 7.46
C ASP A 25 5.91 -6.88 6.04
N VAL A 26 6.40 -5.67 5.85
CA VAL A 26 6.36 -5.01 4.55
C VAL A 26 7.46 -5.57 3.65
N VAL A 27 8.52 -6.06 4.26
CA VAL A 27 9.63 -6.66 3.53
C VAL A 27 9.39 -8.17 3.40
N ASP A 28 10.13 -8.81 2.50
CA ASP A 28 10.17 -10.26 2.43
C ASP A 28 11.49 -10.75 3.02
N PRO A 29 11.51 -11.05 4.33
CA PRO A 29 12.73 -11.51 5.00
C PRO A 29 12.97 -12.99 4.77
N GLU A 30 11.99 -13.63 4.14
CA GLU A 30 12.02 -15.06 3.88
C GLU A 30 13.09 -15.40 2.85
N LEU A 31 12.97 -14.80 1.67
CA LEU A 31 13.96 -14.98 0.61
C LEU A 31 14.91 -13.80 0.57
N GLY A 32 14.50 -12.69 1.18
CA GLY A 32 15.40 -11.55 1.34
C GLY A 32 15.23 -10.52 0.23
N ILE A 33 13.99 -10.09 -0.01
CA ILE A 33 13.71 -9.03 -0.97
C ILE A 33 12.88 -7.93 -0.31
N ASN A 34 13.16 -6.68 -0.65
CA ASN A 34 12.37 -5.56 -0.15
C ASN A 34 11.55 -5.00 -1.30
N VAL A 35 10.29 -4.66 -1.02
CA VAL A 35 9.37 -4.18 -2.05
C VAL A 35 9.93 -2.93 -2.75
N VAL A 36 10.61 -2.08 -1.99
CA VAL A 36 11.19 -0.86 -2.51
C VAL A 36 12.18 -1.15 -3.65
N ASP A 37 12.74 -2.37 -3.64
CA ASP A 37 13.71 -2.79 -4.65
C ASP A 37 13.11 -2.74 -6.06
N LEU A 38 11.78 -2.86 -6.14
CA LEU A 38 11.08 -2.81 -7.43
C LEU A 38 11.13 -1.39 -8.02
N GLY A 39 11.48 -0.42 -7.16
CA GLY A 39 11.62 0.97 -7.57
C GLY A 39 10.37 1.56 -8.19
N LEU A 40 9.22 0.97 -7.88
CA LEU A 40 7.93 1.53 -8.30
C LEU A 40 7.34 2.33 -7.13
N VAL A 41 7.79 1.99 -5.92
CA VAL A 41 7.25 2.55 -4.69
C VAL A 41 7.54 4.06 -4.57
N TYR A 42 8.30 4.59 -5.52
CA TYR A 42 8.53 6.04 -5.59
C TYR A 42 7.22 6.76 -5.92
N GLY A 43 6.27 6.00 -6.46
CA GLY A 43 4.94 6.52 -6.71
C GLY A 43 4.00 6.25 -5.55
N LEU A 44 3.63 7.29 -4.83
CA LEU A 44 2.70 7.18 -3.72
C LEU A 44 2.22 8.56 -3.30
N ASP A 45 0.99 8.61 -2.78
CA ASP A 45 0.41 9.85 -2.29
C ASP A 45 -0.79 9.55 -1.41
N VAL A 46 -0.76 10.02 -0.17
CA VAL A 46 -1.87 9.84 0.75
C VAL A 46 -2.71 11.11 0.82
N GLN A 47 -3.98 11.00 0.42
CA GLN A 47 -4.87 12.15 0.40
C GLN A 47 -5.97 11.98 1.43
N ASP A 48 -6.28 13.06 2.15
CA ASP A 48 -7.30 13.03 3.18
C ASP A 48 -8.64 13.44 2.59
N GLY A 49 -9.72 12.98 3.22
CA GLY A 49 -11.05 13.29 2.74
C GLY A 49 -12.08 13.24 3.86
N ASP A 50 -13.24 13.85 3.62
CA ASP A 50 -14.31 13.88 4.61
C ASP A 50 -14.83 12.47 4.88
N GLU A 51 -14.74 11.61 3.87
CA GLU A 51 -15.15 10.22 3.99
C GLU A 51 -14.08 9.41 4.72
N GLY A 52 -12.84 9.90 4.66
CA GLY A 52 -11.73 9.22 5.30
C GLY A 52 -10.42 9.55 4.63
N THR A 53 -9.32 9.21 5.29
CA THR A 53 -7.98 9.44 4.76
C THR A 53 -7.50 8.19 4.02
N VAL A 54 -7.20 8.33 2.72
CA VAL A 54 -6.81 7.19 1.90
C VAL A 54 -5.37 7.32 1.41
N ALA A 55 -4.61 6.24 1.57
CA ALA A 55 -3.22 6.18 1.12
C ALA A 55 -3.11 5.48 -0.22
N LEU A 56 -2.69 6.21 -1.25
CA LEU A 56 -2.52 5.64 -2.59
C LEU A 56 -1.07 5.23 -2.80
N ILE A 57 -0.84 3.94 -3.01
CA ILE A 57 0.49 3.41 -3.25
C ILE A 57 0.58 2.84 -4.68
N ASP A 58 1.45 3.42 -5.49
CA ASP A 58 1.62 2.96 -6.88
C ASP A 58 2.68 1.85 -6.92
N MET A 59 2.27 0.67 -7.36
CA MET A 59 3.15 -0.50 -7.35
C MET A 59 2.96 -1.34 -8.60
N THR A 60 3.83 -2.33 -8.78
CA THR A 60 3.72 -3.30 -9.84
C THR A 60 4.27 -4.64 -9.36
N LEU A 61 4.15 -5.68 -10.17
CA LEU A 61 4.65 -7.00 -9.81
C LEU A 61 5.88 -7.34 -10.66
N THR A 62 6.77 -8.15 -10.11
CA THR A 62 8.06 -8.46 -10.73
C THR A 62 7.91 -8.82 -12.21
N SER A 63 7.07 -9.81 -12.50
CA SER A 63 6.84 -10.25 -13.88
C SER A 63 5.51 -9.72 -14.40
N ALA A 64 4.78 -9.00 -13.54
CA ALA A 64 3.45 -8.46 -13.87
C ALA A 64 2.45 -9.56 -14.23
N ALA A 65 2.85 -10.81 -14.03
CA ALA A 65 1.97 -11.97 -14.26
C ALA A 65 1.79 -12.75 -12.97
N CYS A 66 2.70 -12.51 -12.03
CA CYS A 66 2.70 -13.19 -10.74
C CYS A 66 1.79 -12.46 -9.75
N PRO A 67 0.69 -13.09 -9.30
CA PRO A 67 -0.27 -12.47 -8.39
C PRO A 67 0.25 -12.34 -6.96
N LEU A 68 1.17 -11.41 -6.75
CA LEU A 68 1.65 -11.07 -5.40
C LEU A 68 0.85 -9.89 -4.85
N THR A 69 -0.21 -9.53 -5.56
CA THR A 69 -1.03 -8.39 -5.18
C THR A 69 -1.63 -8.61 -3.79
N ASP A 70 -2.02 -9.85 -3.49
CA ASP A 70 -2.62 -10.18 -2.21
C ASP A 70 -1.67 -9.81 -1.07
N VAL A 71 -0.44 -10.30 -1.15
CA VAL A 71 0.54 -10.08 -0.10
C VAL A 71 0.91 -8.60 0.00
N ILE A 72 1.19 -7.94 -1.13
CA ILE A 72 1.58 -6.53 -1.09
C ILE A 72 0.44 -5.66 -0.53
N GLU A 73 -0.79 -6.00 -0.90
CA GLU A 73 -1.96 -5.28 -0.42
C GLU A 73 -2.13 -5.46 1.08
N ASP A 74 -1.95 -6.68 1.55
CA ASP A 74 -2.10 -6.96 2.97
C ASP A 74 -0.97 -6.31 3.77
N GLN A 75 0.24 -6.34 3.22
CA GLN A 75 1.38 -5.67 3.84
C GLN A 75 1.08 -4.19 4.05
N SER A 76 0.67 -3.52 2.97
CA SER A 76 0.31 -2.12 3.03
C SER A 76 -0.84 -1.88 4.01
N ARG A 77 -1.91 -2.64 3.84
CA ARG A 77 -3.11 -2.52 4.68
C ARG A 77 -2.75 -2.65 6.17
N SER A 78 -2.05 -3.73 6.51
CA SER A 78 -1.80 -4.07 7.90
C SER A 78 -1.19 -2.91 8.68
N ALA A 79 -0.10 -2.36 8.17
CA ALA A 79 0.56 -1.26 8.86
C ALA A 79 -0.24 0.04 8.72
N LEU A 80 -0.55 0.40 7.48
CA LEU A 80 -1.10 1.73 7.18
C LEU A 80 -2.36 2.01 7.99
N VAL A 81 -3.20 1.00 8.12
CA VAL A 81 -4.42 1.13 8.91
C VAL A 81 -4.15 0.74 10.36
N GLY A 82 -3.16 -0.13 10.56
CA GLY A 82 -2.99 -0.76 11.86
C GLY A 82 -2.39 0.20 12.87
N SER A 83 -1.68 1.18 12.36
CA SER A 83 -1.06 2.20 13.20
C SER A 83 -2.04 3.34 13.46
N GLY A 84 -3.15 3.33 12.71
CA GLY A 84 -4.11 4.40 12.79
C GLY A 84 -3.70 5.61 11.99
N LEU A 85 -2.83 5.40 11.00
CA LEU A 85 -2.34 6.48 10.17
C LEU A 85 -3.42 6.92 9.18
N VAL A 86 -3.96 5.96 8.44
CA VAL A 86 -4.99 6.24 7.45
C VAL A 86 -6.22 5.37 7.71
N ASP A 87 -7.33 5.73 7.07
CA ASP A 87 -8.57 4.99 7.20
C ASP A 87 -8.61 3.87 6.16
N ASP A 88 -8.29 4.23 4.91
CA ASP A 88 -8.32 3.28 3.80
C ASP A 88 -7.08 3.43 2.94
N ILE A 89 -6.88 2.50 2.02
CA ILE A 89 -5.74 2.50 1.12
C ILE A 89 -6.19 2.19 -0.31
N ARG A 90 -5.24 2.26 -1.23
CA ARG A 90 -5.44 1.83 -2.60
C ARG A 90 -4.10 1.66 -3.29
N ILE A 91 -3.82 0.45 -3.76
CA ILE A 91 -2.61 0.19 -4.54
C ILE A 91 -2.93 0.22 -6.02
N ASN A 92 -2.22 1.08 -6.75
CA ASN A 92 -2.38 1.19 -8.20
C ASN A 92 -1.36 0.32 -8.90
N TRP A 93 -1.82 -0.70 -9.61
CA TRP A 93 -0.93 -1.61 -10.30
C TRP A 93 -0.55 -1.02 -11.66
N VAL A 94 0.68 -0.55 -11.76
CA VAL A 94 1.15 0.14 -12.96
C VAL A 94 1.86 -0.85 -13.89
N TRP A 95 1.38 -0.91 -15.14
CA TRP A 95 1.98 -1.77 -16.15
C TRP A 95 2.62 -0.93 -17.25
N ASN A 96 2.17 0.33 -17.37
CA ASN A 96 2.63 1.23 -18.42
C ASN A 96 2.01 2.62 -18.27
N PRO A 97 0.66 2.74 -18.26
CA PRO A 97 -0.02 4.06 -18.27
C PRO A 97 0.27 4.88 -17.01
N PRO A 98 0.25 6.22 -17.13
CA PRO A 98 0.46 7.12 -15.99
C PRO A 98 -0.64 6.96 -14.93
N TRP A 99 -0.32 7.34 -13.70
CA TRP A 99 -1.23 7.15 -12.57
C TRP A 99 -2.50 7.99 -12.75
N GLY A 100 -3.67 7.36 -12.57
CA GLY A 100 -4.93 8.06 -12.76
C GLY A 100 -6.10 7.40 -12.05
N PRO A 101 -7.15 7.00 -12.81
CA PRO A 101 -8.42 6.52 -12.22
C PRO A 101 -8.28 5.24 -11.39
N ASP A 102 -7.39 4.35 -11.81
CA ASP A 102 -7.24 3.04 -11.14
C ASP A 102 -6.86 3.21 -9.67
N LYS A 103 -6.44 4.43 -9.31
CA LYS A 103 -6.05 4.72 -7.93
C LYS A 103 -7.27 4.90 -7.03
N ILE A 104 -8.45 4.56 -7.56
CA ILE A 104 -9.65 4.47 -6.74
C ILE A 104 -9.88 3.03 -6.29
N THR A 105 -9.97 2.83 -4.97
CA THR A 105 -10.27 1.52 -4.38
C THR A 105 -11.51 0.86 -5.00
N GLU A 106 -11.62 -0.45 -4.79
CA GLU A 106 -12.64 -1.29 -5.41
C GLU A 106 -14.06 -0.74 -5.19
N ASP A 107 -14.31 -0.21 -4.00
CA ASP A 107 -15.65 0.28 -3.64
C ASP A 107 -16.12 1.34 -4.63
N GLY A 108 -15.21 2.22 -5.04
CA GLY A 108 -15.54 3.29 -5.96
C GLY A 108 -15.82 2.79 -7.36
N ARG A 109 -15.22 1.66 -7.71
CA ARG A 109 -15.37 1.09 -9.04
C ARG A 109 -16.75 0.46 -9.24
N GLU A 110 -17.15 -0.40 -8.31
CA GLU A 110 -18.42 -1.09 -8.41
C GLU A 110 -19.58 -0.23 -7.90
N GLN A 111 -19.32 0.57 -6.87
CA GLN A 111 -20.38 1.37 -6.25
C GLN A 111 -20.08 2.86 -6.33
N LEU A 112 -20.69 3.53 -7.30
CA LEU A 112 -20.58 4.97 -7.44
C LEU A 112 -21.58 5.66 -6.51
N ARG A 113 -21.42 6.96 -6.31
CA ARG A 113 -22.35 7.71 -5.47
C ARG A 113 -23.75 7.68 -6.08
N ALA A 114 -23.80 7.57 -7.41
CA ALA A 114 -25.07 7.42 -8.12
C ALA A 114 -25.86 6.20 -7.62
N LEU A 115 -25.13 5.25 -7.03
CA LEU A 115 -25.73 4.02 -6.50
C LEU A 115 -26.20 4.27 -5.05
N GLY A 116 -26.36 5.55 -4.69
CA GLY A 116 -26.92 5.90 -3.40
C GLY A 116 -28.34 5.37 -3.25
N PHE A 117 -28.45 4.11 -2.83
CA PHE A 117 -29.72 3.42 -2.74
C PHE A 117 -30.67 4.09 -1.76
N THR A 118 -31.96 4.03 -2.06
CA THR A 118 -32.99 4.53 -1.17
C THR A 118 -33.36 3.45 -0.15
N VAL A 119 -33.36 3.82 1.12
CA VAL A 119 -33.73 2.91 2.19
C VAL A 119 -35.06 3.35 2.81
N GLY A 1 19.46 -0.56 -1.03
CA GLY A 1 18.48 0.33 -1.70
C GLY A 1 17.77 1.24 -0.72
N PRO A 2 16.87 2.11 -1.20
CA PRO A 2 16.11 3.04 -0.35
C PRO A 2 15.14 2.29 0.57
N GLY A 3 15.09 2.68 1.84
CA GLY A 3 14.21 2.03 2.80
C GLY A 3 12.74 2.31 2.52
N SER A 4 11.87 1.43 3.00
CA SER A 4 10.43 1.59 2.81
C SER A 4 9.92 2.81 3.58
N MET A 5 9.16 3.66 2.90
CA MET A 5 8.62 4.87 3.50
C MET A 5 7.52 4.53 4.50
N SER A 6 7.58 5.18 5.65
CA SER A 6 6.63 5.00 6.74
C SER A 6 6.91 6.04 7.80
N GLU A 7 8.19 6.24 8.07
CA GLU A 7 8.67 7.24 9.01
C GLU A 7 8.58 8.64 8.39
N THR A 8 7.38 9.02 7.96
CA THR A 8 7.16 10.29 7.29
C THR A 8 6.22 11.17 8.12
N SER A 9 6.82 12.00 8.98
CA SER A 9 6.09 13.01 9.75
C SER A 9 5.07 12.41 10.72
N ALA A 10 5.18 11.10 10.97
CA ALA A 10 4.27 10.42 11.90
C ALA A 10 4.78 10.55 13.34
N PRO A 11 3.86 10.58 14.34
CA PRO A 11 4.23 10.70 15.77
C PRO A 11 5.16 9.56 16.20
N ALA A 12 6.26 9.92 16.88
CA ALA A 12 7.33 8.97 17.22
C ALA A 12 6.82 7.65 17.81
N GLU A 13 6.00 7.74 18.84
CA GLU A 13 5.54 6.55 19.58
C GLU A 13 4.81 5.58 18.65
N GLU A 14 3.84 6.12 17.91
CA GLU A 14 3.06 5.34 16.94
C GLU A 14 3.96 4.84 15.82
N LEU A 15 4.78 5.74 15.31
CA LEU A 15 5.61 5.50 14.14
C LEU A 15 6.63 4.40 14.43
N LEU A 16 7.16 4.37 15.64
CA LEU A 16 8.14 3.36 16.02
C LEU A 16 7.59 1.96 15.70
N ALA A 17 6.41 1.68 16.26
CA ALA A 17 5.76 0.39 16.07
C ALA A 17 5.38 0.18 14.61
N ASP A 18 4.77 1.20 14.01
CA ASP A 18 4.28 1.10 12.63
C ASP A 18 5.41 0.80 11.66
N VAL A 19 6.50 1.56 11.77
CA VAL A 19 7.64 1.40 10.87
C VAL A 19 8.37 0.10 11.17
N GLU A 20 8.41 -0.28 12.45
CA GLU A 20 9.03 -1.55 12.84
C GLU A 20 8.32 -2.72 12.16
N GLU A 21 6.98 -2.63 12.11
CA GLU A 21 6.17 -3.64 11.44
C GLU A 21 6.33 -3.51 9.92
N ALA A 22 6.24 -2.28 9.42
CA ALA A 22 6.31 -2.02 7.99
C ALA A 22 7.60 -2.59 7.40
N MET A 23 8.73 -2.23 8.01
CA MET A 23 10.04 -2.68 7.56
C MET A 23 10.15 -4.21 7.55
N ARG A 24 9.20 -4.87 8.21
CA ARG A 24 9.20 -6.33 8.34
C ARG A 24 8.36 -6.99 7.23
N ASP A 25 7.35 -6.27 6.76
CA ASP A 25 6.34 -6.88 5.89
C ASP A 25 6.31 -6.17 4.55
N VAL A 26 7.08 -5.11 4.44
CA VAL A 26 7.12 -4.29 3.24
C VAL A 26 8.44 -4.54 2.49
N VAL A 27 9.05 -5.68 2.81
CA VAL A 27 10.30 -6.11 2.20
C VAL A 27 10.30 -7.64 2.15
N ASP A 28 11.14 -8.22 1.30
CA ASP A 28 11.32 -9.67 1.28
C ASP A 28 12.54 -10.05 2.13
N PRO A 29 12.32 -10.47 3.38
CA PRO A 29 13.39 -10.89 4.27
C PRO A 29 13.73 -12.37 4.10
N GLU A 30 13.01 -13.04 3.21
CA GLU A 30 13.24 -14.45 2.92
C GLU A 30 14.57 -14.61 2.20
N LEU A 31 14.70 -13.93 1.07
CA LEU A 31 15.94 -13.96 0.29
C LEU A 31 16.66 -12.62 0.37
N GLY A 32 15.95 -11.60 0.85
CA GLY A 32 16.57 -10.29 1.09
C GLY A 32 16.40 -9.34 -0.07
N ILE A 33 15.17 -9.23 -0.59
CA ILE A 33 14.88 -8.29 -1.68
C ILE A 33 14.02 -7.15 -1.17
N ASN A 34 14.26 -5.96 -1.69
CA ASN A 34 13.51 -4.77 -1.29
C ASN A 34 12.71 -4.24 -2.47
N VAL A 35 11.38 -4.35 -2.38
CA VAL A 35 10.51 -3.92 -3.47
C VAL A 35 10.75 -2.44 -3.77
N VAL A 36 10.94 -1.66 -2.72
CA VAL A 36 11.18 -0.23 -2.84
C VAL A 36 12.46 0.05 -3.64
N ASP A 37 13.36 -0.93 -3.65
CA ASP A 37 14.63 -0.81 -4.37
C ASP A 37 14.40 -0.71 -5.87
N LEU A 38 13.23 -1.19 -6.34
CA LEU A 38 12.87 -1.09 -7.76
C LEU A 38 12.48 0.35 -8.09
N GLY A 39 12.37 1.16 -7.05
CA GLY A 39 12.09 2.59 -7.18
C GLY A 39 10.80 2.91 -7.90
N LEU A 40 9.87 1.96 -7.93
CA LEU A 40 8.53 2.24 -8.43
C LEU A 40 7.58 2.51 -7.26
N VAL A 41 7.87 1.85 -6.14
CA VAL A 41 7.06 1.99 -4.92
C VAL A 41 7.27 3.37 -4.31
N TYR A 42 8.28 4.08 -4.83
CA TYR A 42 8.55 5.46 -4.43
C TYR A 42 7.37 6.35 -4.84
N GLY A 43 6.59 5.85 -5.81
CA GLY A 43 5.41 6.56 -6.27
C GLY A 43 4.25 6.39 -5.33
N LEU A 44 4.40 6.89 -4.11
CA LEU A 44 3.32 6.89 -3.14
C LEU A 44 2.76 8.31 -2.96
N ASP A 45 1.46 8.40 -2.79
CA ASP A 45 0.75 9.67 -2.71
C ASP A 45 -0.53 9.48 -1.92
N VAL A 46 -0.66 10.17 -0.80
CA VAL A 46 -1.82 10.01 0.06
C VAL A 46 -2.80 11.16 -0.12
N GLN A 47 -4.03 10.83 -0.44
CA GLN A 47 -5.09 11.83 -0.56
C GLN A 47 -5.90 11.86 0.73
N ASP A 48 -5.93 13.02 1.36
CA ASP A 48 -6.63 13.18 2.64
C ASP A 48 -7.83 14.11 2.46
N GLY A 49 -8.99 13.66 2.93
CA GLY A 49 -10.18 14.48 2.91
C GLY A 49 -11.07 14.19 4.09
N ASP A 50 -12.06 15.04 4.33
CA ASP A 50 -13.00 14.85 5.43
C ASP A 50 -13.70 13.50 5.31
N GLU A 51 -13.90 13.05 4.07
CA GLU A 51 -14.54 11.76 3.80
C GLU A 51 -13.63 10.61 4.26
N GLY A 52 -12.32 10.83 4.18
CA GLY A 52 -11.36 9.83 4.57
C GLY A 52 -9.97 10.13 4.06
N THR A 53 -8.97 9.47 4.64
CA THR A 53 -7.59 9.59 4.20
C THR A 53 -7.14 8.28 3.55
N VAL A 54 -6.96 8.31 2.23
CA VAL A 54 -6.60 7.12 1.47
C VAL A 54 -5.17 7.22 0.96
N ALA A 55 -4.35 6.23 1.31
CA ALA A 55 -2.95 6.20 0.89
C ALA A 55 -2.79 5.47 -0.45
N LEU A 56 -2.47 6.22 -1.51
CA LEU A 56 -2.31 5.64 -2.84
C LEU A 56 -0.85 5.25 -3.06
N ILE A 57 -0.57 3.95 -3.05
CA ILE A 57 0.79 3.45 -3.25
C ILE A 57 0.89 2.74 -4.60
N ASP A 58 1.73 3.27 -5.50
CA ASP A 58 1.92 2.68 -6.81
C ASP A 58 2.88 1.48 -6.73
N MET A 59 2.41 0.31 -7.14
CA MET A 59 3.19 -0.93 -7.05
C MET A 59 3.01 -1.80 -8.29
N THR A 60 3.81 -2.85 -8.38
CA THR A 60 3.67 -3.85 -9.43
C THR A 60 4.40 -5.12 -9.01
N LEU A 61 4.02 -6.25 -9.62
CA LEU A 61 4.61 -7.54 -9.27
C LEU A 61 5.67 -7.92 -10.31
N THR A 62 6.55 -8.85 -9.94
CA THR A 62 7.70 -9.23 -10.76
C THR A 62 7.32 -9.46 -12.23
N SER A 63 6.35 -10.35 -12.46
CA SER A 63 5.89 -10.65 -13.82
C SER A 63 4.56 -9.96 -14.12
N ALA A 64 4.11 -9.15 -13.16
CA ALA A 64 2.83 -8.44 -13.24
C ALA A 64 1.63 -9.39 -13.39
N ALA A 65 1.89 -10.69 -13.26
CA ALA A 65 0.84 -11.71 -13.30
C ALA A 65 0.81 -12.50 -12.00
N CYS A 66 1.68 -12.10 -11.08
CA CYS A 66 1.86 -12.79 -9.82
C CYS A 66 0.78 -12.39 -8.82
N PRO A 67 -0.02 -13.36 -8.31
CA PRO A 67 -1.15 -13.08 -7.41
C PRO A 67 -0.70 -12.77 -5.97
N LEU A 68 0.45 -12.14 -5.83
CA LEU A 68 0.97 -11.76 -4.50
C LEU A 68 0.29 -10.49 -4.00
N THR A 69 -0.67 -10.00 -4.78
CA THR A 69 -1.39 -8.78 -4.44
C THR A 69 -2.06 -8.92 -3.07
N ASP A 70 -2.70 -10.07 -2.83
CA ASP A 70 -3.36 -10.33 -1.53
C ASP A 70 -2.37 -10.13 -0.39
N VAL A 71 -1.15 -10.61 -0.60
CA VAL A 71 -0.10 -10.56 0.42
C VAL A 71 0.33 -9.12 0.67
N ILE A 72 0.69 -8.40 -0.40
CA ILE A 72 1.18 -7.03 -0.26
C ILE A 72 0.09 -6.11 0.31
N GLU A 73 -1.15 -6.32 -0.14
CA GLU A 73 -2.29 -5.54 0.34
C GLU A 73 -2.51 -5.79 1.83
N ASP A 74 -2.54 -7.05 2.22
CA ASP A 74 -2.72 -7.42 3.63
C ASP A 74 -1.63 -6.78 4.49
N GLN A 75 -0.38 -6.93 4.06
CA GLN A 75 0.78 -6.39 4.78
C GLN A 75 0.64 -4.88 5.00
N SER A 76 0.51 -4.13 3.92
CA SER A 76 0.46 -2.67 4.00
C SER A 76 -0.80 -2.20 4.73
N ARG A 77 -1.95 -2.68 4.27
CA ARG A 77 -3.25 -2.26 4.80
C ARG A 77 -3.32 -2.49 6.31
N SER A 78 -2.96 -3.70 6.72
CA SER A 78 -3.07 -4.10 8.12
C SER A 78 -2.36 -3.12 9.05
N ALA A 79 -1.12 -2.76 8.71
CA ALA A 79 -0.34 -1.87 9.57
C ALA A 79 -0.83 -0.43 9.48
N LEU A 80 -0.93 0.09 8.26
CA LEU A 80 -1.24 1.51 8.05
C LEU A 80 -2.58 1.88 8.65
N VAL A 81 -3.54 0.96 8.56
CA VAL A 81 -4.84 1.13 9.18
C VAL A 81 -4.76 0.81 10.68
N GLY A 82 -3.82 -0.08 11.03
CA GLY A 82 -3.75 -0.58 12.40
C GLY A 82 -3.24 0.47 13.37
N SER A 83 -2.16 1.14 12.99
CA SER A 83 -1.62 2.22 13.79
C SER A 83 -2.48 3.48 13.65
N GLY A 84 -3.21 3.55 12.53
CA GLY A 84 -4.14 4.65 12.32
C GLY A 84 -3.54 5.81 11.55
N LEU A 85 -2.64 5.51 10.62
CA LEU A 85 -2.04 6.53 9.78
C LEU A 85 -3.07 7.05 8.78
N VAL A 86 -3.82 6.13 8.18
CA VAL A 86 -4.83 6.47 7.19
C VAL A 86 -6.11 5.69 7.44
N ASP A 87 -7.20 6.10 6.79
CA ASP A 87 -8.47 5.37 6.87
C ASP A 87 -8.35 4.05 6.13
N ASP A 88 -7.69 4.09 4.98
CA ASP A 88 -7.43 2.90 4.18
C ASP A 88 -6.40 3.22 3.10
N ILE A 89 -6.00 2.22 2.34
CA ILE A 89 -4.97 2.40 1.32
C ILE A 89 -5.52 2.05 -0.06
N ARG A 90 -4.66 2.21 -1.05
CA ARG A 90 -4.94 1.85 -2.42
C ARG A 90 -3.63 1.48 -3.09
N ILE A 91 -3.42 0.19 -3.31
CA ILE A 91 -2.25 -0.28 -4.01
C ILE A 91 -2.57 -0.40 -5.49
N ASN A 92 -1.87 0.37 -6.31
CA ASN A 92 -2.05 0.31 -7.75
C ASN A 92 -1.13 -0.74 -8.34
N TRP A 93 -1.61 -1.43 -9.35
CA TRP A 93 -0.82 -2.44 -10.04
C TRP A 93 -0.49 -1.95 -11.44
N VAL A 94 0.77 -1.62 -11.67
CA VAL A 94 1.17 -1.01 -12.94
C VAL A 94 1.43 -2.08 -13.99
N TRP A 95 0.72 -1.97 -15.11
CA TRP A 95 0.90 -2.85 -16.26
C TRP A 95 1.29 -2.02 -17.49
N ASN A 96 0.95 -0.73 -17.44
CA ASN A 96 1.06 0.16 -18.60
C ASN A 96 0.58 1.59 -18.26
N PRO A 97 -0.61 1.74 -17.60
CA PRO A 97 -1.18 3.06 -17.27
C PRO A 97 -0.15 4.04 -16.70
N PRO A 98 -0.12 5.28 -17.24
CA PRO A 98 0.81 6.33 -16.80
C PRO A 98 0.33 7.05 -15.55
N TRP A 99 -0.21 6.28 -14.59
CA TRP A 99 -0.72 6.82 -13.33
C TRP A 99 -1.92 7.76 -13.59
N GLY A 100 -2.17 8.70 -12.68
CA GLY A 100 -3.31 9.59 -12.80
C GLY A 100 -4.48 9.11 -11.97
N PRO A 101 -5.71 9.09 -12.52
CA PRO A 101 -6.90 8.58 -11.82
C PRO A 101 -6.72 7.09 -11.49
N ASP A 102 -5.83 6.45 -12.25
CA ASP A 102 -5.51 5.03 -12.09
C ASP A 102 -4.90 4.76 -10.71
N LYS A 103 -4.51 5.84 -10.01
CA LYS A 103 -3.92 5.71 -8.68
C LYS A 103 -4.99 5.44 -7.63
N ILE A 104 -6.27 5.56 -8.00
CA ILE A 104 -7.36 5.42 -7.04
C ILE A 104 -8.30 4.28 -7.41
N THR A 105 -8.76 3.53 -6.40
CA THR A 105 -9.78 2.52 -6.61
C THR A 105 -11.14 3.17 -6.88
N GLU A 106 -11.99 2.49 -7.63
CA GLU A 106 -13.33 2.99 -7.95
C GLU A 106 -14.18 2.94 -6.68
N ASP A 107 -13.92 1.94 -5.85
CA ASP A 107 -14.66 1.73 -4.60
C ASP A 107 -14.57 2.98 -3.71
N GLY A 108 -13.33 3.42 -3.47
CA GLY A 108 -13.08 4.56 -2.60
C GLY A 108 -13.55 5.86 -3.23
N ARG A 109 -13.55 5.90 -4.55
CA ARG A 109 -14.03 7.08 -5.28
C ARG A 109 -15.54 7.23 -5.06
N GLU A 110 -16.23 6.09 -5.01
CA GLU A 110 -17.67 6.08 -4.85
C GLU A 110 -18.09 6.36 -3.41
N GLN A 111 -17.60 5.55 -2.47
CA GLN A 111 -17.98 5.67 -1.07
C GLN A 111 -16.77 5.44 -0.17
N LEU A 112 -16.93 5.77 1.12
CA LEU A 112 -15.82 5.73 2.07
C LEU A 112 -15.53 4.30 2.55
N ARG A 113 -14.44 4.17 3.31
CA ARG A 113 -13.96 2.87 3.80
C ARG A 113 -15.06 2.13 4.58
N ALA A 114 -15.89 2.88 5.27
CA ALA A 114 -16.97 2.33 6.10
C ALA A 114 -17.99 1.52 5.28
N LEU A 115 -17.86 1.53 3.95
CA LEU A 115 -18.83 0.87 3.07
C LEU A 115 -18.89 -0.64 3.33
N GLY A 116 -17.76 -1.26 3.66
CA GLY A 116 -17.76 -2.67 4.01
C GLY A 116 -16.65 -3.47 3.34
N PHE A 117 -15.88 -2.83 2.46
CA PHE A 117 -14.76 -3.51 1.80
C PHE A 117 -13.55 -3.59 2.72
N THR A 118 -13.77 -3.28 4.00
CA THR A 118 -12.74 -3.36 5.03
C THR A 118 -13.31 -4.08 6.26
N VAL A 119 -14.22 -5.01 6.00
CA VAL A 119 -14.90 -5.77 7.05
C VAL A 119 -13.94 -6.74 7.76
N GLY A 1 26.39 4.75 6.93
CA GLY A 1 25.99 5.15 5.55
C GLY A 1 25.23 6.46 5.55
N PRO A 2 24.42 6.72 4.49
CA PRO A 2 23.61 7.94 4.41
C PRO A 2 22.55 7.98 5.51
N GLY A 3 22.11 6.81 5.94
CA GLY A 3 21.13 6.71 6.99
C GLY A 3 20.32 5.43 6.88
N SER A 4 19.04 5.56 6.60
CA SER A 4 18.14 4.42 6.46
C SER A 4 16.83 4.87 5.83
N MET A 5 15.95 3.91 5.50
CA MET A 5 14.65 4.24 4.92
C MET A 5 13.75 4.88 5.98
N SER A 6 12.96 5.86 5.56
CA SER A 6 12.05 6.56 6.45
C SER A 6 10.79 6.94 5.70
N GLU A 7 9.84 6.02 5.69
CA GLU A 7 8.57 6.21 5.00
C GLU A 7 7.82 7.40 5.59
N THR A 8 7.89 8.53 4.88
CA THR A 8 7.39 9.81 5.36
C THR A 8 5.88 9.76 5.72
N SER A 9 5.60 9.45 6.98
CA SER A 9 4.24 9.48 7.52
C SER A 9 4.31 9.40 9.04
N ALA A 10 3.56 10.26 9.73
CA ALA A 10 3.56 10.33 11.19
C ALA A 10 4.86 10.96 11.71
N PRO A 11 4.89 11.42 12.98
CA PRO A 11 6.11 11.98 13.59
C PRO A 11 7.23 10.94 13.70
N ALA A 12 8.47 11.42 13.68
CA ALA A 12 9.65 10.55 13.60
C ALA A 12 9.65 9.45 14.66
N GLU A 13 9.38 9.81 15.91
CA GLU A 13 9.46 8.86 17.02
C GLU A 13 8.52 7.68 16.81
N GLU A 14 7.29 7.95 16.41
CA GLU A 14 6.31 6.91 16.12
C GLU A 14 6.67 6.19 14.82
N LEU A 15 7.07 6.99 13.83
CA LEU A 15 7.39 6.48 12.50
C LEU A 15 8.41 5.37 12.60
N LEU A 16 9.44 5.59 13.41
CA LEU A 16 10.51 4.62 13.60
C LEU A 16 9.94 3.26 14.01
N ALA A 17 9.23 3.23 15.14
CA ALA A 17 8.67 1.98 15.66
C ALA A 17 7.70 1.35 14.67
N ASP A 18 6.74 2.16 14.22
CA ASP A 18 5.67 1.70 13.33
C ASP A 18 6.25 1.10 12.05
N VAL A 19 7.23 1.77 11.47
CA VAL A 19 7.82 1.30 10.22
C VAL A 19 8.68 0.07 10.45
N GLU A 20 9.41 0.03 11.57
CA GLU A 20 10.28 -1.11 11.87
C GLU A 20 9.47 -2.39 11.99
N GLU A 21 8.33 -2.31 12.69
CA GLU A 21 7.47 -3.48 12.82
C GLU A 21 6.79 -3.79 11.49
N ALA A 22 6.29 -2.76 10.82
CA ALA A 22 5.63 -2.93 9.52
C ALA A 22 6.58 -3.57 8.51
N MET A 23 7.86 -3.22 8.61
CA MET A 23 8.90 -3.74 7.71
C MET A 23 9.04 -5.26 7.82
N ARG A 24 8.45 -5.85 8.85
CA ARG A 24 8.44 -7.31 9.02
C ARG A 24 7.52 -7.97 8.00
N ASP A 25 6.44 -7.29 7.61
CA ASP A 25 5.41 -7.91 6.78
C ASP A 25 5.34 -7.23 5.43
N VAL A 26 5.76 -5.97 5.43
CA VAL A 26 5.81 -5.15 4.25
C VAL A 26 7.20 -5.29 3.60
N VAL A 27 7.56 -6.54 3.30
CA VAL A 27 8.87 -6.85 2.74
C VAL A 27 8.93 -8.33 2.36
N ASP A 28 9.97 -8.74 1.67
CA ASP A 28 10.25 -10.14 1.44
C ASP A 28 11.49 -10.54 2.24
N PRO A 29 11.31 -11.01 3.48
CA PRO A 29 12.43 -11.42 4.33
C PRO A 29 12.89 -12.85 4.02
N GLU A 30 12.24 -13.49 3.05
CA GLU A 30 12.63 -14.81 2.58
C GLU A 30 13.96 -14.72 1.84
N LEU A 31 14.00 -13.89 0.80
CA LEU A 31 15.21 -13.68 0.01
C LEU A 31 15.89 -12.38 0.44
N GLY A 32 15.13 -11.51 1.10
CA GLY A 32 15.69 -10.28 1.65
C GLY A 32 15.62 -9.11 0.70
N ILE A 33 14.44 -8.84 0.15
CA ILE A 33 14.24 -7.67 -0.71
C ILE A 33 13.04 -6.86 -0.21
N ASN A 34 13.17 -5.55 -0.27
CA ASN A 34 12.05 -4.66 0.05
C ASN A 34 11.41 -4.16 -1.24
N VAL A 35 10.08 -4.06 -1.25
CA VAL A 35 9.35 -3.70 -2.47
C VAL A 35 9.80 -2.34 -3.01
N VAL A 36 10.11 -1.41 -2.10
CA VAL A 36 10.56 -0.07 -2.47
C VAL A 36 11.82 -0.14 -3.33
N ASP A 37 12.57 -1.22 -3.18
CA ASP A 37 13.82 -1.41 -3.92
C ASP A 37 13.57 -1.52 -5.43
N LEU A 38 12.34 -1.88 -5.80
CA LEU A 38 11.95 -1.95 -7.22
C LEU A 38 11.90 -0.53 -7.82
N GLY A 39 11.89 0.44 -6.93
CA GLY A 39 11.96 1.85 -7.30
C GLY A 39 10.78 2.34 -8.11
N LEU A 40 9.65 1.65 -8.02
CA LEU A 40 8.39 2.19 -8.52
C LEU A 40 7.58 2.79 -7.37
N VAL A 41 7.82 2.24 -6.17
CA VAL A 41 7.05 2.60 -4.97
C VAL A 41 7.26 4.07 -4.59
N TYR A 42 8.15 4.76 -5.30
CA TYR A 42 8.36 6.19 -5.09
C TYR A 42 7.14 6.96 -5.59
N GLY A 43 6.30 6.29 -6.37
CA GLY A 43 5.05 6.86 -6.82
C GLY A 43 3.98 6.74 -5.76
N LEU A 44 4.17 7.44 -4.66
CA LEU A 44 3.18 7.46 -3.58
C LEU A 44 2.33 8.72 -3.69
N ASP A 45 1.02 8.56 -3.52
CA ASP A 45 0.08 9.66 -3.64
C ASP A 45 -1.03 9.45 -2.62
N VAL A 46 -1.07 10.28 -1.58
CA VAL A 46 -2.08 10.12 -0.55
C VAL A 46 -3.01 11.33 -0.54
N GLN A 47 -4.28 11.09 -0.24
CA GLN A 47 -5.27 12.15 -0.18
C GLN A 47 -6.15 11.96 1.05
N ASP A 48 -6.22 12.98 1.89
CA ASP A 48 -7.01 12.92 3.10
C ASP A 48 -8.42 13.45 2.84
N GLY A 49 -9.29 12.55 2.41
CA GLY A 49 -10.66 12.92 2.12
C GLY A 49 -11.46 13.18 3.38
N ASP A 50 -12.44 14.05 3.29
CA ASP A 50 -13.28 14.42 4.43
C ASP A 50 -14.13 13.23 4.87
N GLU A 51 -14.29 12.25 3.97
CA GLU A 51 -15.00 11.00 4.29
C GLU A 51 -14.02 9.89 4.65
N GLY A 52 -12.76 10.02 4.23
CA GLY A 52 -11.77 8.99 4.48
C GLY A 52 -10.39 9.36 3.97
N THR A 53 -9.38 9.18 4.82
CA THR A 53 -8.00 9.42 4.44
C THR A 53 -7.42 8.18 3.77
N VAL A 54 -7.19 8.25 2.47
CA VAL A 54 -6.74 7.09 1.70
C VAL A 54 -5.33 7.31 1.14
N ALA A 55 -4.48 6.30 1.30
CA ALA A 55 -3.11 6.34 0.81
C ALA A 55 -2.97 5.50 -0.45
N LEU A 56 -2.66 6.14 -1.58
CA LEU A 56 -2.50 5.45 -2.85
C LEU A 56 -1.01 5.17 -3.08
N ILE A 57 -0.68 3.92 -3.40
CA ILE A 57 0.71 3.53 -3.63
C ILE A 57 0.85 2.82 -4.96
N ASP A 58 1.64 3.38 -5.87
CA ASP A 58 1.88 2.78 -7.18
C ASP A 58 2.99 1.73 -7.10
N MET A 59 2.64 0.48 -7.35
CA MET A 59 3.60 -0.62 -7.30
C MET A 59 3.45 -1.55 -8.50
N THR A 60 4.41 -2.46 -8.63
CA THR A 60 4.38 -3.54 -9.61
C THR A 60 5.35 -4.62 -9.13
N LEU A 61 5.02 -5.88 -9.40
CA LEU A 61 5.89 -6.98 -9.01
C LEU A 61 6.87 -7.29 -10.14
N THR A 62 7.95 -8.02 -9.82
CA THR A 62 9.01 -8.30 -10.78
C THR A 62 8.47 -8.72 -12.15
N SER A 63 7.52 -9.66 -12.15
CA SER A 63 6.88 -10.09 -13.39
C SER A 63 5.56 -9.34 -13.60
N ALA A 64 5.05 -8.73 -12.53
CA ALA A 64 3.77 -8.03 -12.54
C ALA A 64 2.61 -8.98 -12.88
N ALA A 65 2.90 -10.27 -12.93
CA ALA A 65 1.89 -11.30 -13.19
C ALA A 65 1.73 -12.18 -11.96
N CYS A 66 2.56 -11.92 -10.95
CA CYS A 66 2.55 -12.69 -9.72
C CYS A 66 1.27 -12.40 -8.93
N PRO A 67 0.49 -13.44 -8.59
CA PRO A 67 -0.82 -13.28 -7.93
C PRO A 67 -0.70 -12.98 -6.43
N LEU A 68 0.32 -12.22 -6.06
CA LEU A 68 0.56 -11.86 -4.66
C LEU A 68 0.01 -10.46 -4.35
N THR A 69 -0.82 -9.94 -5.27
CA THR A 69 -1.38 -8.59 -5.11
C THR A 69 -2.11 -8.45 -3.78
N ASP A 70 -3.06 -9.34 -3.52
CA ASP A 70 -3.89 -9.25 -2.32
C ASP A 70 -3.03 -9.46 -1.07
N VAL A 71 -1.94 -10.20 -1.23
CA VAL A 71 -1.04 -10.48 -0.12
C VAL A 71 -0.28 -9.23 0.30
N ILE A 72 0.37 -8.56 -0.66
CA ILE A 72 1.13 -7.35 -0.37
C ILE A 72 0.20 -6.24 0.13
N GLU A 73 -0.99 -6.17 -0.47
CA GLU A 73 -2.01 -5.21 -0.04
C GLU A 73 -2.47 -5.51 1.38
N ASP A 74 -2.67 -6.80 1.67
CA ASP A 74 -3.10 -7.25 2.99
C ASP A 74 -2.08 -6.82 4.05
N GLN A 75 -0.81 -7.09 3.76
CA GLN A 75 0.27 -6.72 4.67
C GLN A 75 0.30 -5.22 4.90
N SER A 76 0.21 -4.47 3.80
CA SER A 76 0.23 -3.01 3.86
C SER A 76 -0.93 -2.48 4.72
N ARG A 77 -2.16 -2.75 4.28
CA ARG A 77 -3.35 -2.23 4.95
C ARG A 77 -3.39 -2.64 6.42
N SER A 78 -3.07 -3.90 6.72
CA SER A 78 -3.18 -4.44 8.07
C SER A 78 -2.28 -3.66 9.03
N ALA A 79 -1.07 -3.33 8.59
CA ALA A 79 -0.14 -2.58 9.42
C ALA A 79 -0.55 -1.11 9.49
N LEU A 80 -0.79 -0.50 8.33
CA LEU A 80 -1.09 0.93 8.25
C LEU A 80 -2.30 1.30 9.12
N VAL A 81 -3.29 0.41 9.15
CA VAL A 81 -4.48 0.63 9.97
C VAL A 81 -4.16 0.35 11.44
N GLY A 82 -3.19 -0.53 11.68
CA GLY A 82 -2.81 -0.86 13.04
C GLY A 82 -2.07 0.27 13.68
N SER A 83 -1.28 0.98 12.87
CA SER A 83 -0.55 2.15 13.31
C SER A 83 -1.46 3.38 13.33
N GLY A 84 -2.53 3.34 12.53
CA GLY A 84 -3.52 4.40 12.51
C GLY A 84 -3.13 5.58 11.64
N LEU A 85 -2.08 5.39 10.83
CA LEU A 85 -1.56 6.45 9.96
C LEU A 85 -2.62 6.93 8.96
N VAL A 86 -3.37 5.98 8.40
CA VAL A 86 -4.40 6.31 7.41
C VAL A 86 -5.68 5.52 7.69
N ASP A 87 -6.74 5.88 6.98
CA ASP A 87 -8.06 5.27 7.18
C ASP A 87 -8.28 4.16 6.16
N ASP A 88 -7.83 4.39 4.94
CA ASP A 88 -7.94 3.41 3.86
C ASP A 88 -6.71 3.50 2.96
N ILE A 89 -6.48 2.49 2.12
CA ILE A 89 -5.35 2.51 1.20
C ILE A 89 -5.77 2.03 -0.18
N ARG A 90 -4.87 2.14 -1.14
CA ARG A 90 -5.10 1.67 -2.49
C ARG A 90 -3.76 1.51 -3.20
N ILE A 91 -3.34 0.28 -3.41
CA ILE A 91 -2.11 0.01 -4.15
C ILE A 91 -2.44 -0.17 -5.63
N ASN A 92 -2.01 0.81 -6.43
CA ASN A 92 -2.27 0.81 -7.87
C ASN A 92 -1.17 0.07 -8.60
N TRP A 93 -1.56 -0.91 -9.39
CA TRP A 93 -0.62 -1.74 -10.13
C TRP A 93 -0.33 -1.14 -11.50
N VAL A 94 0.90 -0.68 -11.70
CA VAL A 94 1.29 -0.14 -12.99
C VAL A 94 2.10 -1.19 -13.75
N TRP A 95 1.65 -1.52 -14.95
CA TRP A 95 2.35 -2.46 -15.81
C TRP A 95 2.04 -2.19 -17.28
N ASN A 96 1.35 -1.08 -17.55
CA ASN A 96 0.85 -0.76 -18.90
C ASN A 96 -0.08 0.47 -18.86
N PRO A 97 -1.17 0.44 -18.06
CA PRO A 97 -2.14 1.53 -18.03
C PRO A 97 -1.73 2.66 -17.08
N PRO A 98 -2.13 3.91 -17.39
CA PRO A 98 -1.87 5.06 -16.51
C PRO A 98 -2.63 4.94 -15.19
N TRP A 99 -2.25 5.77 -14.23
CA TRP A 99 -2.89 5.75 -12.90
C TRP A 99 -4.36 6.13 -13.01
N GLY A 100 -5.25 5.16 -12.80
CA GLY A 100 -6.67 5.43 -12.89
C GLY A 100 -7.52 4.37 -12.21
N PRO A 101 -7.74 3.21 -12.86
CA PRO A 101 -8.64 2.17 -12.35
C PRO A 101 -8.19 1.61 -10.99
N ASP A 102 -6.97 1.08 -10.97
CA ASP A 102 -6.41 0.47 -9.77
C ASP A 102 -6.16 1.51 -8.67
N LYS A 103 -6.42 2.78 -8.98
CA LYS A 103 -6.32 3.86 -7.99
C LYS A 103 -7.63 4.04 -7.22
N ILE A 104 -8.63 3.19 -7.49
CA ILE A 104 -9.89 3.23 -6.75
C ILE A 104 -10.12 1.89 -6.01
N THR A 105 -10.06 1.93 -4.67
CA THR A 105 -10.31 0.76 -3.85
C THR A 105 -11.67 0.14 -4.13
N GLU A 106 -11.78 -1.16 -3.85
CA GLU A 106 -13.00 -1.93 -4.13
C GLU A 106 -14.24 -1.28 -3.51
N ASP A 107 -14.10 -0.77 -2.28
CA ASP A 107 -15.22 -0.18 -1.55
C ASP A 107 -15.80 1.02 -2.30
N GLY A 108 -14.92 1.97 -2.65
CA GLY A 108 -15.33 3.16 -3.39
C GLY A 108 -16.05 2.81 -4.67
N ARG A 109 -15.65 1.70 -5.30
CA ARG A 109 -16.30 1.20 -6.49
C ARG A 109 -17.65 0.56 -6.14
N GLU A 110 -17.69 -0.14 -5.02
CA GLU A 110 -18.85 -0.94 -4.65
C GLU A 110 -20.01 -0.05 -4.21
N GLN A 111 -19.76 0.80 -3.22
CA GLN A 111 -20.81 1.66 -2.67
C GLN A 111 -20.47 3.13 -2.93
N LEU A 112 -20.97 3.65 -4.05
CA LEU A 112 -20.79 5.05 -4.40
C LEU A 112 -21.53 5.95 -3.41
N ARG A 113 -21.04 7.18 -3.25
CA ARG A 113 -21.65 8.14 -2.33
C ARG A 113 -23.12 8.38 -2.70
N ALA A 114 -23.42 8.27 -3.99
CA ALA A 114 -24.78 8.38 -4.48
C ALA A 114 -25.69 7.39 -3.74
N LEU A 115 -25.19 6.17 -3.53
CA LEU A 115 -25.94 5.12 -2.85
C LEU A 115 -25.80 5.26 -1.33
N GLY A 116 -24.86 6.09 -0.90
CA GLY A 116 -24.62 6.30 0.52
C GLY A 116 -25.68 7.19 1.16
N PHE A 117 -26.91 6.68 1.23
CA PHE A 117 -27.99 7.40 1.90
C PHE A 117 -27.98 7.09 3.39
N THR A 118 -27.99 5.80 3.72
CA THR A 118 -28.06 5.35 5.10
C THR A 118 -26.71 4.84 5.59
N VAL A 119 -26.43 5.05 6.87
CA VAL A 119 -25.24 4.50 7.49
C VAL A 119 -25.63 3.29 8.35
N GLY A 1 17.30 -2.68 -1.36
CA GLY A 1 17.22 -1.24 -1.04
C GLY A 1 16.11 -0.95 -0.03
N PRO A 2 16.46 -0.44 1.16
CA PRO A 2 15.48 -0.08 2.18
C PRO A 2 14.86 1.30 1.92
N GLY A 3 13.70 1.56 2.54
CA GLY A 3 13.05 2.84 2.40
C GLY A 3 13.96 3.99 2.80
N SER A 4 14.12 4.95 1.90
CA SER A 4 15.01 6.09 2.14
C SER A 4 14.32 7.39 1.74
N MET A 5 13.86 8.14 2.74
CA MET A 5 13.14 9.41 2.53
C MET A 5 11.84 9.18 1.75
N SER A 6 11.45 7.92 1.62
CA SER A 6 10.24 7.55 0.90
C SER A 6 9.08 7.33 1.87
N GLU A 7 9.43 7.29 3.15
CA GLU A 7 8.48 6.97 4.21
C GLU A 7 8.44 8.08 5.26
N THR A 8 9.33 9.06 5.09
CA THR A 8 9.49 10.13 6.06
C THR A 8 8.22 10.99 6.17
N SER A 9 7.38 10.64 7.13
CA SER A 9 6.15 11.37 7.41
C SER A 9 5.70 11.05 8.83
N ALA A 10 4.72 11.80 9.34
CA ALA A 10 4.21 11.63 10.71
C ALA A 10 5.30 12.01 11.73
N PRO A 11 4.95 12.18 13.02
CA PRO A 11 5.94 12.45 14.07
C PRO A 11 6.88 11.24 14.27
N ALA A 12 8.10 11.52 14.73
CA ALA A 12 9.13 10.49 14.88
C ALA A 12 8.63 9.29 15.70
N GLU A 13 7.75 9.56 16.66
CA GLU A 13 7.21 8.52 17.52
C GLU A 13 6.41 7.48 16.72
N GLU A 14 5.46 7.95 15.92
CA GLU A 14 4.64 7.07 15.09
C GLU A 14 5.46 6.50 13.96
N LEU A 15 6.32 7.33 13.38
CA LEU A 15 7.17 6.95 12.26
C LEU A 15 8.04 5.76 12.66
N LEU A 16 8.67 5.84 13.83
CA LEU A 16 9.55 4.78 14.32
C LEU A 16 8.80 3.45 14.40
N ALA A 17 7.71 3.44 15.16
CA ALA A 17 6.92 2.23 15.37
C ALA A 17 6.37 1.69 14.05
N ASP A 18 5.71 2.57 13.29
CA ASP A 18 5.07 2.18 12.04
C ASP A 18 6.09 1.64 11.04
N VAL A 19 7.19 2.36 10.87
CA VAL A 19 8.19 1.96 9.89
C VAL A 19 8.87 0.66 10.32
N GLU A 20 9.08 0.48 11.63
CA GLU A 20 9.68 -0.74 12.15
C GLU A 20 8.80 -1.93 11.82
N GLU A 21 7.50 -1.79 12.08
CA GLU A 21 6.54 -2.83 11.76
C GLU A 21 6.50 -3.06 10.25
N ALA A 22 6.34 -1.98 9.51
CA ALA A 22 6.20 -2.03 8.06
C ALA A 22 7.37 -2.76 7.44
N MET A 23 8.58 -2.37 7.81
CA MET A 23 9.78 -2.98 7.26
C MET A 23 9.86 -4.47 7.56
N ARG A 24 9.13 -4.93 8.57
CA ARG A 24 9.15 -6.33 8.98
C ARG A 24 7.92 -7.06 8.44
N ASP A 25 6.93 -6.30 7.97
CA ASP A 25 5.63 -6.87 7.67
C ASP A 25 5.31 -6.69 6.21
N VAL A 26 6.14 -5.88 5.54
CA VAL A 26 5.91 -5.53 4.15
C VAL A 26 7.06 -6.02 3.28
N VAL A 27 8.18 -6.30 3.91
CA VAL A 27 9.38 -6.77 3.23
C VAL A 27 9.25 -8.25 2.88
N ASP A 28 10.09 -8.72 1.97
CA ASP A 28 10.29 -10.14 1.76
C ASP A 28 11.60 -10.53 2.45
N PRO A 29 11.55 -10.87 3.75
CA PRO A 29 12.76 -11.09 4.54
C PRO A 29 13.32 -12.50 4.34
N GLU A 30 12.55 -13.35 3.66
CA GLU A 30 13.01 -14.68 3.27
C GLU A 30 14.11 -14.58 2.21
N LEU A 31 13.79 -13.93 1.10
CA LEU A 31 14.77 -13.75 0.02
C LEU A 31 15.61 -12.51 0.26
N GLY A 32 15.11 -11.61 1.11
CA GLY A 32 15.88 -10.45 1.52
C GLY A 32 15.71 -9.25 0.60
N ILE A 33 14.48 -9.01 0.14
CA ILE A 33 14.19 -7.85 -0.71
C ILE A 33 13.02 -7.06 -0.13
N ASN A 34 13.10 -5.74 -0.18
CA ASN A 34 12.01 -4.87 0.21
C ASN A 34 11.31 -4.37 -1.06
N VAL A 35 10.00 -4.15 -0.99
CA VAL A 35 9.24 -3.72 -2.16
C VAL A 35 9.79 -2.40 -2.73
N VAL A 36 10.23 -1.52 -1.83
CA VAL A 36 10.80 -0.23 -2.23
C VAL A 36 12.01 -0.42 -3.15
N ASP A 37 12.65 -1.59 -3.06
CA ASP A 37 13.82 -1.92 -3.88
C ASP A 37 13.49 -1.82 -5.37
N LEU A 38 12.23 -2.04 -5.72
CA LEU A 38 11.79 -1.95 -7.13
C LEU A 38 11.89 -0.50 -7.62
N GLY A 39 12.02 0.40 -6.67
CA GLY A 39 12.16 1.82 -6.93
C GLY A 39 11.02 2.42 -7.74
N LEU A 40 9.87 1.75 -7.71
CA LEU A 40 8.63 2.31 -8.22
C LEU A 40 7.83 2.85 -7.03
N VAL A 41 8.05 2.22 -5.88
CA VAL A 41 7.25 2.46 -4.67
C VAL A 41 7.52 3.85 -4.08
N TYR A 42 8.37 4.63 -4.73
CA TYR A 42 8.56 6.04 -4.37
C TYR A 42 7.26 6.79 -4.63
N GLY A 43 6.43 6.24 -5.51
CA GLY A 43 5.14 6.82 -5.81
C GLY A 43 4.13 6.55 -4.73
N LEU A 44 4.29 7.22 -3.59
CA LEU A 44 3.31 7.16 -2.50
C LEU A 44 2.57 8.49 -2.42
N ASP A 45 1.25 8.45 -2.56
CA ASP A 45 0.45 9.66 -2.58
C ASP A 45 -0.78 9.48 -1.70
N VAL A 46 -0.81 10.15 -0.56
CA VAL A 46 -1.92 10.04 0.37
C VAL A 46 -2.72 11.34 0.38
N GLN A 47 -4.01 11.22 0.16
CA GLN A 47 -4.89 12.38 0.06
C GLN A 47 -5.77 12.51 1.31
N ASP A 48 -5.89 13.73 1.81
CA ASP A 48 -6.72 14.02 2.98
C ASP A 48 -8.13 14.41 2.56
N GLY A 49 -9.10 14.08 3.40
CA GLY A 49 -10.48 14.48 3.18
C GLY A 49 -11.29 14.29 4.43
N ASP A 50 -12.54 14.74 4.42
CA ASP A 50 -13.41 14.60 5.60
C ASP A 50 -13.77 13.13 5.81
N GLU A 51 -13.61 12.34 4.75
CA GLU A 51 -13.77 10.88 4.83
C GLU A 51 -12.64 10.28 5.67
N GLY A 52 -11.48 10.94 5.60
CA GLY A 52 -10.30 10.47 6.28
C GLY A 52 -9.08 10.54 5.38
N THR A 53 -8.01 9.84 5.75
CA THR A 53 -6.81 9.76 4.92
C THR A 53 -6.86 8.53 4.03
N VAL A 54 -6.84 8.75 2.72
CA VAL A 54 -6.78 7.66 1.75
C VAL A 54 -5.39 7.61 1.12
N ALA A 55 -4.73 6.46 1.22
CA ALA A 55 -3.37 6.30 0.76
C ALA A 55 -3.31 5.59 -0.59
N LEU A 56 -2.73 6.25 -1.58
CA LEU A 56 -2.53 5.66 -2.91
C LEU A 56 -1.10 5.16 -3.01
N ILE A 57 -0.93 3.92 -3.42
CA ILE A 57 0.39 3.29 -3.49
C ILE A 57 0.65 2.75 -4.89
N ASP A 58 1.61 3.36 -5.58
CA ASP A 58 2.03 2.89 -6.90
C ASP A 58 3.02 1.73 -6.73
N MET A 59 2.65 0.56 -7.23
CA MET A 59 3.52 -0.62 -7.17
C MET A 59 3.43 -1.42 -8.45
N THR A 60 4.31 -2.41 -8.57
CA THR A 60 4.32 -3.29 -9.73
C THR A 60 5.05 -4.58 -9.38
N LEU A 61 4.79 -5.63 -10.15
CA LEU A 61 5.46 -6.91 -9.98
C LEU A 61 6.17 -7.28 -11.28
N THR A 62 7.21 -8.11 -11.20
CA THR A 62 8.05 -8.43 -12.35
C THR A 62 7.23 -8.80 -13.59
N SER A 63 6.41 -9.85 -13.46
CA SER A 63 5.57 -10.30 -14.56
C SER A 63 4.16 -9.73 -14.45
N ALA A 64 3.85 -9.19 -13.27
CA ALA A 64 2.51 -8.68 -12.96
C ALA A 64 1.46 -9.81 -12.97
N ALA A 65 1.93 -11.05 -13.06
CA ALA A 65 1.04 -12.22 -13.07
C ALA A 65 1.23 -13.04 -11.80
N CYS A 66 2.25 -12.68 -11.02
CA CYS A 66 2.56 -13.36 -9.78
C CYS A 66 1.46 -13.12 -8.74
N PRO A 67 1.03 -14.17 -8.01
CA PRO A 67 -0.07 -14.07 -7.03
C PRO A 67 0.37 -13.40 -5.72
N LEU A 68 1.25 -12.42 -5.82
CA LEU A 68 1.74 -11.68 -4.65
C LEU A 68 0.95 -10.39 -4.47
N THR A 69 -0.02 -10.17 -5.36
CA THR A 69 -0.85 -8.97 -5.32
C THR A 69 -1.64 -8.87 -4.00
N ASP A 70 -2.45 -9.88 -3.71
CA ASP A 70 -3.27 -9.90 -2.50
C ASP A 70 -2.37 -9.97 -1.26
N VAL A 71 -1.19 -10.54 -1.45
CA VAL A 71 -0.21 -10.65 -0.37
C VAL A 71 0.33 -9.28 0.02
N ILE A 72 0.82 -8.52 -0.97
CA ILE A 72 1.36 -7.19 -0.70
C ILE A 72 0.27 -6.26 -0.17
N GLU A 73 -0.94 -6.38 -0.71
CA GLU A 73 -2.07 -5.59 -0.23
C GLU A 73 -2.41 -5.93 1.22
N ASP A 74 -2.44 -7.23 1.54
CA ASP A 74 -2.76 -7.67 2.89
C ASP A 74 -1.76 -7.12 3.89
N GLN A 75 -0.48 -7.31 3.60
CA GLN A 75 0.59 -6.81 4.45
C GLN A 75 0.46 -5.30 4.67
N SER A 76 0.36 -4.57 3.57
CA SER A 76 0.31 -3.11 3.60
C SER A 76 -0.92 -2.62 4.38
N ARG A 77 -2.11 -3.06 3.97
CA ARG A 77 -3.36 -2.64 4.62
C ARG A 77 -3.35 -3.00 6.10
N SER A 78 -2.85 -4.19 6.41
CA SER A 78 -2.79 -4.65 7.79
C SER A 78 -2.01 -3.67 8.66
N ALA A 79 -0.86 -3.24 8.18
CA ALA A 79 0.01 -2.35 8.95
C ALA A 79 -0.56 -0.93 8.98
N LEU A 80 -0.89 -0.39 7.81
CA LEU A 80 -1.36 1.00 7.69
C LEU A 80 -2.61 1.24 8.52
N VAL A 81 -3.51 0.25 8.53
CA VAL A 81 -4.70 0.30 9.36
C VAL A 81 -4.34 0.03 10.82
N GLY A 82 -3.27 -0.73 11.03
CA GLY A 82 -2.88 -1.11 12.38
C GLY A 82 -2.38 0.08 13.18
N SER A 83 -1.50 0.86 12.56
CA SER A 83 -0.99 2.09 13.18
C SER A 83 -2.06 3.18 13.18
N GLY A 84 -3.14 2.93 12.44
CA GLY A 84 -4.24 3.87 12.37
C GLY A 84 -3.85 5.19 11.73
N LEU A 85 -3.03 5.11 10.69
CA LEU A 85 -2.57 6.31 9.98
C LEU A 85 -3.55 6.69 8.88
N VAL A 86 -4.18 5.69 8.27
CA VAL A 86 -5.13 5.91 7.19
C VAL A 86 -6.37 5.05 7.37
N ASP A 87 -7.41 5.33 6.58
CA ASP A 87 -8.66 4.56 6.64
C ASP A 87 -8.75 3.58 5.48
N ASP A 88 -8.34 4.04 4.30
CA ASP A 88 -8.45 3.24 3.06
C ASP A 88 -7.17 3.38 2.25
N ILE A 89 -6.75 2.31 1.59
CA ILE A 89 -5.55 2.33 0.75
C ILE A 89 -5.83 1.59 -0.56
N ARG A 90 -5.21 2.05 -1.65
CA ARG A 90 -5.28 1.36 -2.93
C ARG A 90 -3.88 1.20 -3.50
N ILE A 91 -3.40 -0.03 -3.58
CA ILE A 91 -2.13 -0.33 -4.21
C ILE A 91 -2.35 -0.62 -5.69
N ASN A 92 -2.11 0.37 -6.53
CA ASN A 92 -2.35 0.22 -7.96
C ASN A 92 -1.10 -0.32 -8.63
N TRP A 93 -1.26 -1.47 -9.27
CA TRP A 93 -0.16 -2.15 -9.93
C TRP A 93 -0.06 -1.67 -11.38
N VAL A 94 0.95 -0.85 -11.66
CA VAL A 94 1.16 -0.38 -13.02
C VAL A 94 2.19 -1.24 -13.72
N TRP A 95 1.79 -1.80 -14.84
CA TRP A 95 2.64 -2.70 -15.61
C TRP A 95 2.55 -2.40 -17.11
N ASN A 96 1.63 -1.51 -17.48
CA ASN A 96 1.36 -1.23 -18.90
C ASN A 96 0.26 -0.16 -19.06
N PRO A 97 -0.93 -0.37 -18.46
CA PRO A 97 -2.07 0.55 -18.61
C PRO A 97 -2.04 1.67 -17.59
N PRO A 98 -2.89 2.71 -17.77
CA PRO A 98 -3.06 3.79 -16.79
C PRO A 98 -3.49 3.24 -15.43
N TRP A 99 -3.27 4.02 -14.38
CA TRP A 99 -3.57 3.57 -13.01
C TRP A 99 -5.08 3.48 -12.80
N GLY A 100 -5.84 4.21 -13.63
CA GLY A 100 -7.30 4.27 -13.51
C GLY A 100 -7.97 2.96 -13.15
N PRO A 101 -7.89 1.92 -14.02
CA PRO A 101 -8.50 0.62 -13.75
C PRO A 101 -7.85 -0.09 -12.55
N ASP A 102 -6.52 -0.09 -12.55
CA ASP A 102 -5.74 -0.78 -11.52
C ASP A 102 -5.83 -0.06 -10.17
N LYS A 103 -6.51 1.09 -10.14
CA LYS A 103 -6.77 1.81 -8.90
C LYS A 103 -7.90 1.12 -8.14
N ILE A 104 -8.68 0.29 -8.84
CA ILE A 104 -9.70 -0.52 -8.20
C ILE A 104 -9.09 -1.87 -7.82
N THR A 105 -8.54 -1.92 -6.62
CA THR A 105 -7.82 -3.09 -6.13
C THR A 105 -8.74 -4.27 -5.83
N GLU A 106 -8.18 -5.40 -5.41
CA GLU A 106 -8.91 -6.66 -5.31
C GLU A 106 -10.10 -6.56 -4.35
N ASP A 107 -10.01 -5.69 -3.35
CA ASP A 107 -11.10 -5.52 -2.38
C ASP A 107 -12.39 -5.11 -3.09
N GLY A 108 -12.25 -4.26 -4.10
CA GLY A 108 -13.38 -3.83 -4.90
C GLY A 108 -13.75 -4.85 -5.97
N ARG A 109 -12.75 -5.60 -6.42
CA ARG A 109 -12.94 -6.56 -7.51
C ARG A 109 -13.73 -7.79 -7.06
N GLU A 110 -13.32 -8.37 -5.94
CA GLU A 110 -13.85 -9.67 -5.49
C GLU A 110 -15.27 -9.58 -4.97
N GLN A 111 -15.57 -8.53 -4.25
CA GLN A 111 -16.81 -8.48 -3.48
C GLN A 111 -17.94 -7.84 -4.29
N LEU A 112 -18.58 -8.66 -5.11
CA LEU A 112 -19.74 -8.24 -5.89
C LEU A 112 -21.02 -8.57 -5.13
N ARG A 113 -22.10 -7.86 -5.47
CA ARG A 113 -23.36 -7.97 -4.73
C ARG A 113 -23.97 -9.37 -4.89
N ALA A 114 -23.88 -9.93 -6.10
CA ALA A 114 -24.43 -11.26 -6.40
C ALA A 114 -23.82 -12.33 -5.50
N LEU A 115 -22.61 -12.07 -5.00
CA LEU A 115 -21.85 -13.04 -4.21
C LEU A 115 -22.23 -12.95 -2.72
N GLY A 116 -23.44 -12.48 -2.45
CA GLY A 116 -23.93 -12.41 -1.08
C GLY A 116 -23.94 -13.77 -0.41
N PHE A 117 -24.21 -14.81 -1.19
CA PHE A 117 -24.15 -16.19 -0.68
C PHE A 117 -23.20 -17.02 -1.54
N THR A 118 -22.30 -17.73 -0.88
CA THR A 118 -21.29 -18.53 -1.57
C THR A 118 -21.10 -19.88 -0.87
N VAL A 119 -20.54 -20.83 -1.60
CA VAL A 119 -20.30 -22.17 -1.07
C VAL A 119 -18.79 -22.42 -0.93
N GLY A 1 16.58 -2.79 4.25
CA GLY A 1 17.65 -2.57 3.24
C GLY A 1 18.09 -1.13 3.19
N PRO A 2 18.93 -0.76 2.19
CA PRO A 2 19.40 0.63 2.02
C PRO A 2 18.27 1.59 1.67
N GLY A 3 17.24 1.05 1.01
CA GLY A 3 16.09 1.84 0.63
C GLY A 3 15.41 2.52 1.81
N SER A 4 15.70 3.81 1.98
CA SER A 4 15.06 4.64 3.00
C SER A 4 15.08 6.10 2.56
N MET A 5 13.93 6.61 2.15
CA MET A 5 13.83 7.98 1.64
C MET A 5 12.37 8.42 1.50
N SER A 6 11.47 7.70 2.16
CA SER A 6 10.03 8.00 2.08
C SER A 6 9.45 8.18 3.48
N GLU A 7 10.22 7.79 4.48
CA GLU A 7 9.76 7.75 5.86
C GLU A 7 9.71 9.16 6.43
N THR A 8 8.57 9.82 6.27
CA THR A 8 8.42 11.22 6.68
C THR A 8 7.02 11.49 7.25
N SER A 9 6.41 10.46 7.84
CA SER A 9 5.05 10.57 8.36
C SER A 9 5.03 10.16 9.84
N ALA A 10 4.13 10.78 10.61
CA ALA A 10 3.95 10.46 12.03
C ALA A 10 5.13 10.98 12.87
N PRO A 11 4.92 11.23 14.18
CA PRO A 11 5.99 11.65 15.10
C PRO A 11 7.13 10.64 15.12
N ALA A 12 8.35 11.11 15.40
CA ALA A 12 9.56 10.29 15.34
C ALA A 12 9.38 8.91 15.98
N GLU A 13 8.71 8.88 17.13
CA GLU A 13 8.51 7.65 17.89
C GLU A 13 7.62 6.68 17.10
N GLU A 14 6.47 7.20 16.68
CA GLU A 14 5.47 6.40 15.97
C GLU A 14 6.00 6.00 14.60
N LEU A 15 6.82 6.88 14.01
CA LEU A 15 7.41 6.65 12.69
C LEU A 15 8.36 5.46 12.78
N LEU A 16 9.25 5.48 13.76
CA LEU A 16 10.26 4.43 13.94
C LEU A 16 9.58 3.07 14.08
N ALA A 17 8.62 2.99 15.00
CA ALA A 17 7.89 1.75 15.25
C ALA A 17 7.14 1.30 14.00
N ASP A 18 6.41 2.23 13.40
CA ASP A 18 5.59 1.95 12.22
C ASP A 18 6.44 1.40 11.09
N VAL A 19 7.55 2.07 10.82
CA VAL A 19 8.39 1.68 9.71
C VAL A 19 9.08 0.34 9.99
N GLU A 20 9.56 0.14 11.22
CA GLU A 20 10.32 -1.07 11.54
C GLU A 20 9.41 -2.30 11.48
N GLU A 21 8.16 -2.17 11.93
CA GLU A 21 7.21 -3.28 11.82
C GLU A 21 6.77 -3.47 10.36
N ALA A 22 6.43 -2.36 9.69
CA ALA A 22 6.01 -2.41 8.29
C ALA A 22 7.11 -2.99 7.42
N MET A 23 8.37 -2.76 7.81
CA MET A 23 9.54 -3.22 7.07
C MET A 23 9.56 -4.74 7.00
N ARG A 24 8.74 -5.38 7.83
CA ARG A 24 8.57 -6.83 7.82
C ARG A 24 7.46 -7.23 6.84
N ASP A 25 6.45 -6.37 6.71
CA ASP A 25 5.26 -6.69 5.90
C ASP A 25 5.48 -6.34 4.43
N VAL A 26 6.33 -5.35 4.17
CA VAL A 26 6.54 -4.88 2.80
C VAL A 26 7.96 -5.21 2.31
N VAL A 27 8.40 -6.41 2.63
CA VAL A 27 9.72 -6.88 2.25
C VAL A 27 9.68 -8.36 1.91
N ASP A 28 10.68 -8.82 1.17
CA ASP A 28 10.92 -10.25 0.99
C ASP A 28 12.10 -10.66 1.85
N PRO A 29 11.84 -11.07 3.10
CA PRO A 29 12.90 -11.40 4.06
C PRO A 29 13.45 -12.81 3.84
N GLU A 30 12.82 -13.54 2.93
CA GLU A 30 13.25 -14.89 2.59
C GLU A 30 14.60 -14.84 1.87
N LEU A 31 14.67 -14.06 0.80
CA LEU A 31 15.90 -13.89 0.04
C LEU A 31 16.56 -12.55 0.40
N GLY A 32 15.79 -11.66 1.02
CA GLY A 32 16.33 -10.42 1.54
C GLY A 32 16.24 -9.26 0.56
N ILE A 33 15.13 -9.16 -0.14
CA ILE A 33 14.89 -8.04 -1.06
C ILE A 33 13.86 -7.10 -0.45
N ASN A 34 14.07 -5.81 -0.59
CA ASN A 34 13.13 -4.81 -0.08
C ASN A 34 12.51 -4.07 -1.26
N VAL A 35 11.17 -4.06 -1.32
CA VAL A 35 10.46 -3.42 -2.43
C VAL A 35 10.84 -1.95 -2.56
N VAL A 36 11.21 -1.35 -1.43
CA VAL A 36 11.57 0.05 -1.38
C VAL A 36 12.76 0.35 -2.31
N ASP A 37 13.63 -0.66 -2.50
CA ASP A 37 14.82 -0.49 -3.33
C ASP A 37 14.44 -0.28 -4.79
N LEU A 38 13.22 -0.69 -5.16
CA LEU A 38 12.74 -0.52 -6.53
C LEU A 38 12.35 0.94 -6.77
N GLY A 39 12.18 1.67 -5.66
CA GLY A 39 11.88 3.09 -5.73
C GLY A 39 10.57 3.41 -6.43
N LEU A 40 9.64 2.45 -6.48
CA LEU A 40 8.31 2.71 -7.01
C LEU A 40 7.35 3.01 -5.87
N VAL A 41 7.62 2.38 -4.71
CA VAL A 41 6.83 2.65 -3.51
C VAL A 41 7.11 4.08 -3.02
N TYR A 42 8.14 4.68 -3.61
CA TYR A 42 8.47 6.08 -3.35
C TYR A 42 7.31 6.96 -3.84
N GLY A 43 6.60 6.43 -4.83
CA GLY A 43 5.40 7.05 -5.32
C GLY A 43 4.22 6.78 -4.41
N LEU A 44 4.29 7.36 -3.22
CA LEU A 44 3.20 7.30 -2.27
C LEU A 44 2.64 8.70 -2.06
N ASP A 45 1.33 8.80 -1.98
CA ASP A 45 0.64 10.08 -1.84
C ASP A 45 -0.66 9.87 -1.08
N VAL A 46 -0.70 10.33 0.15
CA VAL A 46 -1.88 10.17 0.98
C VAL A 46 -2.83 11.35 0.76
N GLN A 47 -4.00 11.06 0.20
CA GLN A 47 -4.97 12.10 -0.11
C GLN A 47 -6.02 12.20 0.97
N ASP A 48 -6.29 13.42 1.39
CA ASP A 48 -7.31 13.69 2.41
C ASP A 48 -8.67 13.77 1.73
N GLY A 49 -9.14 12.63 1.24
CA GLY A 49 -10.35 12.59 0.47
C GLY A 49 -11.59 12.82 1.30
N ASP A 50 -12.69 13.11 0.62
CA ASP A 50 -13.99 13.30 1.26
C ASP A 50 -14.43 12.01 1.96
N GLU A 51 -13.96 10.87 1.45
CA GLU A 51 -14.26 9.57 2.03
C GLU A 51 -13.34 9.28 3.23
N GLY A 52 -12.35 10.14 3.43
CA GLY A 52 -11.39 9.98 4.51
C GLY A 52 -9.95 10.01 4.02
N THR A 53 -9.01 9.92 4.95
CA THR A 53 -7.59 9.93 4.59
C THR A 53 -7.20 8.60 3.94
N VAL A 54 -6.91 8.64 2.64
CA VAL A 54 -6.56 7.44 1.89
C VAL A 54 -5.12 7.51 1.39
N ALA A 55 -4.33 6.50 1.75
CA ALA A 55 -2.92 6.44 1.35
C ALA A 55 -2.77 5.78 -0.03
N LEU A 56 -2.47 6.58 -1.05
CA LEU A 56 -2.29 6.07 -2.40
C LEU A 56 -0.84 5.63 -2.61
N ILE A 57 -0.61 4.32 -2.62
CA ILE A 57 0.73 3.76 -2.79
C ILE A 57 0.85 3.06 -4.14
N ASP A 58 1.83 3.47 -4.94
CA ASP A 58 2.07 2.83 -6.24
C ASP A 58 3.05 1.66 -6.12
N MET A 59 2.64 0.51 -6.65
CA MET A 59 3.43 -0.72 -6.59
C MET A 59 3.31 -1.50 -7.91
N THR A 60 4.12 -2.55 -8.04
CA THR A 60 4.08 -3.41 -9.22
C THR A 60 4.39 -4.86 -8.80
N LEU A 61 4.20 -5.78 -9.74
CA LEU A 61 4.48 -7.20 -9.50
C LEU A 61 5.52 -7.69 -10.51
N THR A 62 6.08 -8.87 -10.25
CA THR A 62 7.15 -9.42 -11.08
C THR A 62 6.70 -9.66 -12.52
N SER A 63 5.69 -10.50 -12.68
CA SER A 63 5.16 -10.85 -14.01
C SER A 63 3.73 -10.35 -14.17
N ALA A 64 3.16 -9.85 -13.08
CA ALA A 64 1.78 -9.34 -13.07
C ALA A 64 0.76 -10.44 -13.36
N ALA A 65 1.22 -11.69 -13.40
CA ALA A 65 0.35 -12.84 -13.62
C ALA A 65 0.09 -13.57 -12.31
N CYS A 66 1.02 -13.43 -11.37
CA CYS A 66 0.93 -14.07 -10.07
C CYS A 66 -0.03 -13.28 -9.16
N PRO A 67 -0.88 -14.00 -8.39
CA PRO A 67 -1.84 -13.36 -7.48
C PRO A 67 -1.16 -12.84 -6.20
N LEU A 68 -0.09 -12.08 -6.36
CA LEU A 68 0.64 -11.51 -5.24
C LEU A 68 -0.09 -10.29 -4.68
N THR A 69 -1.12 -9.84 -5.42
CA THR A 69 -1.89 -8.66 -5.03
C THR A 69 -2.53 -8.86 -3.65
N ASP A 70 -3.09 -10.04 -3.42
CA ASP A 70 -3.73 -10.36 -2.14
C ASP A 70 -2.73 -10.19 -1.01
N VAL A 71 -1.51 -10.66 -1.26
CA VAL A 71 -0.44 -10.63 -0.27
C VAL A 71 -0.05 -9.19 0.06
N ILE A 72 0.24 -8.40 -0.98
CA ILE A 72 0.69 -7.02 -0.77
C ILE A 72 -0.42 -6.17 -0.13
N GLU A 73 -1.66 -6.36 -0.59
CA GLU A 73 -2.79 -5.62 -0.04
C GLU A 73 -2.99 -5.95 1.44
N ASP A 74 -2.98 -7.24 1.76
CA ASP A 74 -3.16 -7.69 3.13
C ASP A 74 -2.09 -7.12 4.05
N GLN A 75 -0.83 -7.22 3.62
CA GLN A 75 0.30 -6.73 4.40
C GLN A 75 0.22 -5.21 4.58
N SER A 76 -0.12 -4.50 3.51
CA SER A 76 -0.26 -3.05 3.57
C SER A 76 -1.36 -2.64 4.54
N ARG A 77 -2.58 -3.15 4.33
CA ARG A 77 -3.69 -2.82 5.21
C ARG A 77 -3.36 -3.17 6.66
N SER A 78 -2.66 -4.29 6.85
CA SER A 78 -2.29 -4.75 8.18
C SER A 78 -1.52 -3.68 8.95
N ALA A 79 -0.45 -3.17 8.36
CA ALA A 79 0.36 -2.17 9.04
C ALA A 79 -0.32 -0.80 9.08
N LEU A 80 -0.74 -0.33 7.90
CA LEU A 80 -1.27 1.03 7.75
C LEU A 80 -2.50 1.26 8.62
N VAL A 81 -3.36 0.26 8.69
CA VAL A 81 -4.54 0.31 9.55
C VAL A 81 -4.12 0.06 11.00
N GLY A 82 -3.03 -0.70 11.18
CA GLY A 82 -2.62 -1.10 12.51
C GLY A 82 -2.09 0.07 13.30
N SER A 83 -1.24 0.87 12.67
CA SER A 83 -0.69 2.06 13.27
C SER A 83 -1.74 3.18 13.30
N GLY A 84 -2.71 3.08 12.40
CA GLY A 84 -3.77 4.06 12.33
C GLY A 84 -3.28 5.38 11.75
N LEU A 85 -2.52 5.30 10.66
CA LEU A 85 -2.00 6.48 9.98
C LEU A 85 -3.06 7.09 9.07
N VAL A 86 -3.90 6.23 8.51
CA VAL A 86 -4.92 6.65 7.54
C VAL A 86 -6.22 5.89 7.75
N ASP A 87 -7.29 6.38 7.14
CA ASP A 87 -8.59 5.71 7.20
C ASP A 87 -8.60 4.52 6.25
N ASP A 88 -8.14 4.76 5.02
CA ASP A 88 -8.13 3.73 3.98
C ASP A 88 -6.78 3.70 3.28
N ILE A 89 -6.47 2.57 2.65
CA ILE A 89 -5.27 2.44 1.83
C ILE A 89 -5.69 2.30 0.38
N ARG A 90 -4.75 2.48 -0.54
CA ARG A 90 -5.01 2.27 -1.95
C ARG A 90 -3.74 1.89 -2.69
N ILE A 91 -3.62 0.63 -3.07
CA ILE A 91 -2.48 0.15 -3.83
C ILE A 91 -2.80 0.18 -5.32
N ASN A 92 -1.89 0.75 -6.09
CA ASN A 92 -2.01 0.78 -7.55
C ASN A 92 -0.98 -0.18 -8.12
N TRP A 93 -1.41 -1.03 -9.05
CA TRP A 93 -0.48 -1.93 -9.72
C TRP A 93 -0.17 -1.40 -11.11
N VAL A 94 1.02 -0.86 -11.29
CA VAL A 94 1.43 -0.35 -12.60
C VAL A 94 2.38 -1.34 -13.26
N TRP A 95 2.03 -1.77 -14.46
CA TRP A 95 2.79 -2.79 -15.17
C TRP A 95 3.49 -2.18 -16.39
N ASN A 96 2.84 -1.19 -16.99
CA ASN A 96 3.38 -0.51 -18.17
C ASN A 96 2.52 0.72 -18.52
N PRO A 97 1.17 0.56 -18.64
CA PRO A 97 0.27 1.69 -18.94
C PRO A 97 0.19 2.68 -17.78
N PRO A 98 -0.20 3.94 -18.06
CA PRO A 98 -0.35 4.98 -17.03
C PRO A 98 -1.47 4.66 -16.04
N TRP A 99 -1.49 5.40 -14.93
CA TRP A 99 -2.46 5.19 -13.86
C TRP A 99 -3.90 5.40 -14.35
N GLY A 100 -4.82 4.58 -13.84
CA GLY A 100 -6.23 4.72 -14.20
C GLY A 100 -7.14 4.00 -13.21
N PRO A 101 -7.93 3.01 -13.67
CA PRO A 101 -8.81 2.22 -12.79
C PRO A 101 -7.98 1.39 -11.80
N ASP A 102 -6.72 1.20 -12.14
CA ASP A 102 -5.76 0.47 -11.31
C ASP A 102 -5.50 1.20 -9.99
N LYS A 103 -6.07 2.40 -9.84
CA LYS A 103 -6.05 3.11 -8.55
C LYS A 103 -7.17 2.58 -7.65
N ILE A 104 -7.81 1.47 -8.05
CA ILE A 104 -8.79 0.78 -7.22
C ILE A 104 -8.22 -0.55 -6.74
N THR A 105 -8.40 -0.84 -5.45
CA THR A 105 -7.88 -2.07 -4.86
C THR A 105 -8.78 -3.27 -5.18
N GLU A 106 -8.19 -4.47 -5.19
CA GLU A 106 -8.95 -5.69 -5.44
C GLU A 106 -9.90 -5.92 -4.26
N ASP A 107 -9.52 -5.38 -3.11
CA ASP A 107 -10.39 -5.37 -1.93
C ASP A 107 -11.72 -4.69 -2.25
N GLY A 108 -11.68 -3.67 -3.12
CA GLY A 108 -12.88 -2.97 -3.52
C GLY A 108 -13.83 -3.86 -4.30
N ARG A 109 -13.26 -4.73 -5.12
CA ARG A 109 -14.01 -5.73 -5.88
C ARG A 109 -14.80 -6.63 -4.93
N GLU A 110 -14.19 -6.92 -3.79
CA GLU A 110 -14.77 -7.80 -2.79
C GLU A 110 -16.01 -7.18 -2.15
N GLN A 111 -16.17 -5.87 -2.31
CA GLN A 111 -17.20 -5.14 -1.59
C GLN A 111 -18.24 -4.54 -2.54
N LEU A 112 -19.38 -5.21 -2.61
CA LEU A 112 -20.53 -4.72 -3.39
C LEU A 112 -21.81 -5.33 -2.82
N ARG A 113 -22.93 -4.67 -3.04
CA ARG A 113 -24.21 -5.11 -2.49
C ARG A 113 -24.57 -6.51 -2.98
N ALA A 114 -24.25 -6.78 -4.25
CA ALA A 114 -24.61 -8.05 -4.89
C ALA A 114 -23.85 -9.22 -4.27
N LEU A 115 -22.74 -8.91 -3.62
CA LEU A 115 -21.89 -9.93 -3.01
C LEU A 115 -22.41 -10.29 -1.61
N GLY A 116 -23.24 -9.40 -1.06
CA GLY A 116 -23.84 -9.64 0.23
C GLY A 116 -25.03 -10.59 0.14
N PHE A 117 -24.74 -11.89 0.12
CA PHE A 117 -25.78 -12.91 0.05
C PHE A 117 -26.65 -12.89 1.31
N THR A 118 -27.91 -12.49 1.14
CA THR A 118 -28.85 -12.41 2.25
C THR A 118 -29.22 -13.82 2.74
N VAL A 119 -29.38 -13.95 4.06
CA VAL A 119 -29.80 -15.20 4.67
C VAL A 119 -31.17 -15.03 5.34
N GLY A 1 17.53 4.28 -1.41
CA GLY A 1 17.88 5.72 -1.36
C GLY A 1 16.69 6.62 -1.61
N PRO A 2 15.89 6.90 -0.56
CA PRO A 2 14.71 7.77 -0.66
C PRO A 2 15.09 9.26 -0.57
N GLY A 3 14.30 10.11 -1.21
CA GLY A 3 14.56 11.55 -1.17
C GLY A 3 13.96 12.18 0.07
N SER A 4 12.85 12.90 -0.10
CA SER A 4 12.17 13.55 1.01
C SER A 4 11.14 12.58 1.61
N MET A 5 10.49 11.80 0.74
CA MET A 5 9.48 10.85 1.17
C MET A 5 10.14 9.72 1.96
N SER A 6 10.02 9.78 3.27
CA SER A 6 10.59 8.79 4.16
C SER A 6 9.71 8.66 5.41
N GLU A 7 10.27 8.13 6.49
CA GLU A 7 9.54 7.97 7.74
C GLU A 7 9.08 9.33 8.28
N THR A 8 7.90 9.77 7.84
CA THR A 8 7.30 11.01 8.32
C THR A 8 5.78 10.85 8.42
N SER A 9 5.33 10.33 9.57
CA SER A 9 3.92 10.11 9.82
C SER A 9 3.72 9.65 11.27
N ALA A 10 2.86 10.35 12.00
CA ALA A 10 2.62 10.06 13.43
C ALA A 10 3.83 10.48 14.28
N PRO A 11 3.64 10.62 15.61
CA PRO A 11 4.74 10.96 16.53
C PRO A 11 5.91 9.98 16.43
N ALA A 12 7.12 10.45 16.75
CA ALA A 12 8.35 9.68 16.58
C ALA A 12 8.25 8.28 17.18
N GLU A 13 7.58 8.17 18.33
CA GLU A 13 7.47 6.90 19.05
C GLU A 13 6.59 5.93 18.26
N GLU A 14 5.41 6.40 17.88
CA GLU A 14 4.43 5.58 17.16
C GLU A 14 4.95 5.21 15.78
N LEU A 15 5.49 6.23 15.09
CA LEU A 15 6.09 6.05 13.77
C LEU A 15 7.17 4.98 13.80
N LEU A 16 8.06 5.09 14.78
CA LEU A 16 9.19 4.17 14.90
C LEU A 16 8.70 2.72 14.94
N ALA A 17 7.78 2.44 15.85
CA ALA A 17 7.25 1.09 16.02
C ALA A 17 6.55 0.60 14.74
N ASP A 18 5.67 1.43 14.21
CA ASP A 18 4.85 1.06 13.05
C ASP A 18 5.74 0.75 11.84
N VAL A 19 6.67 1.66 11.55
CA VAL A 19 7.55 1.49 10.40
C VAL A 19 8.51 0.33 10.64
N GLU A 20 8.90 0.11 11.90
CA GLU A 20 9.79 -0.99 12.25
C GLU A 20 9.10 -2.32 11.92
N GLU A 21 7.81 -2.40 12.21
CA GLU A 21 7.02 -3.58 11.84
C GLU A 21 6.84 -3.63 10.33
N ALA A 22 6.54 -2.49 9.71
CA ALA A 22 6.36 -2.42 8.28
C ALA A 22 7.61 -2.95 7.56
N MET A 23 8.77 -2.52 8.03
CA MET A 23 10.06 -2.90 7.45
C MET A 23 10.29 -4.41 7.53
N ARG A 24 9.47 -5.09 8.33
CA ARG A 24 9.52 -6.54 8.47
C ARG A 24 8.63 -7.21 7.41
N ASP A 25 7.55 -6.54 7.05
CA ASP A 25 6.52 -7.14 6.17
C ASP A 25 6.67 -6.69 4.72
N VAL A 26 7.22 -5.49 4.52
CA VAL A 26 7.38 -4.94 3.16
C VAL A 26 8.65 -5.46 2.50
N VAL A 27 9.35 -6.33 3.20
CA VAL A 27 10.58 -6.94 2.70
C VAL A 27 10.46 -8.46 2.77
N ASP A 28 11.25 -9.16 1.98
CA ASP A 28 11.32 -10.62 2.08
C ASP A 28 12.59 -10.98 2.86
N PRO A 29 12.46 -11.20 4.18
CA PRO A 29 13.60 -11.51 5.04
C PRO A 29 13.97 -12.99 4.99
N GLU A 30 13.14 -13.78 4.30
CA GLU A 30 13.35 -15.21 4.15
C GLU A 30 14.58 -15.47 3.26
N LEU A 31 14.54 -14.95 2.04
CA LEU A 31 15.67 -15.05 1.11
C LEU A 31 16.54 -13.79 1.21
N GLY A 32 15.96 -12.73 1.77
CA GLY A 32 16.71 -11.52 2.05
C GLY A 32 16.74 -10.55 0.88
N ILE A 33 15.57 -10.27 0.29
CA ILE A 33 15.48 -9.31 -0.81
C ILE A 33 14.41 -8.26 -0.52
N ASN A 34 14.66 -7.04 -0.96
CA ASN A 34 13.78 -5.91 -0.65
C ASN A 34 13.07 -5.38 -1.89
N VAL A 35 11.77 -5.65 -1.97
CA VAL A 35 10.94 -5.20 -3.10
C VAL A 35 11.02 -3.67 -3.26
N VAL A 36 11.20 -2.98 -2.14
CA VAL A 36 11.28 -1.52 -2.13
C VAL A 36 12.37 -1.01 -3.08
N ASP A 37 13.38 -1.85 -3.34
CA ASP A 37 14.51 -1.47 -4.20
C ASP A 37 14.07 -1.13 -5.61
N LEU A 38 12.90 -1.65 -6.01
CA LEU A 38 12.35 -1.37 -7.34
C LEU A 38 12.07 0.13 -7.50
N GLY A 39 11.90 0.80 -6.35
CA GLY A 39 11.73 2.25 -6.31
C GLY A 39 10.50 2.74 -7.06
N LEU A 40 9.51 1.88 -7.24
CA LEU A 40 8.23 2.31 -7.80
C LEU A 40 7.24 2.56 -6.68
N VAL A 41 7.38 1.78 -5.60
CA VAL A 41 6.53 1.92 -4.42
C VAL A 41 6.73 3.29 -3.77
N TYR A 42 7.82 3.95 -4.18
CA TYR A 42 8.16 5.28 -3.71
C TYR A 42 7.11 6.30 -4.19
N GLY A 43 6.34 5.90 -5.21
CA GLY A 43 5.28 6.75 -5.74
C GLY A 43 4.03 6.70 -4.87
N LEU A 44 4.17 7.14 -3.63
CA LEU A 44 3.04 7.18 -2.69
C LEU A 44 2.48 8.60 -2.57
N ASP A 45 1.18 8.70 -2.33
CA ASP A 45 0.51 9.99 -2.20
C ASP A 45 -0.82 9.82 -1.49
N VAL A 46 -0.91 10.33 -0.26
CA VAL A 46 -2.12 10.22 0.52
C VAL A 46 -3.01 11.45 0.31
N GLN A 47 -4.23 11.21 -0.17
CA GLN A 47 -5.17 12.28 -0.47
C GLN A 47 -6.32 12.27 0.54
N ASP A 48 -6.56 13.43 1.15
CA ASP A 48 -7.61 13.59 2.14
C ASP A 48 -8.96 13.81 1.46
N GLY A 49 -9.99 13.17 1.98
CA GLY A 49 -11.34 13.36 1.49
C GLY A 49 -12.32 13.49 2.63
N ASP A 50 -13.43 14.16 2.38
CA ASP A 50 -14.45 14.39 3.41
C ASP A 50 -14.97 13.06 3.95
N GLU A 51 -15.08 12.08 3.06
CA GLU A 51 -15.58 10.77 3.42
C GLU A 51 -14.48 9.94 4.12
N GLY A 52 -13.23 10.29 3.85
CA GLY A 52 -12.11 9.58 4.44
C GLY A 52 -10.77 9.94 3.79
N THR A 53 -9.68 9.72 4.50
CA THR A 53 -8.34 9.95 3.99
C THR A 53 -7.76 8.67 3.40
N VAL A 54 -7.48 8.68 2.10
CA VAL A 54 -6.99 7.49 1.41
C VAL A 54 -5.51 7.64 1.02
N ALA A 55 -4.72 6.60 1.27
CA ALA A 55 -3.30 6.60 0.94
C ALA A 55 -3.04 5.85 -0.36
N LEU A 56 -2.67 6.57 -1.42
CA LEU A 56 -2.38 5.95 -2.71
C LEU A 56 -0.93 5.48 -2.74
N ILE A 57 -0.71 4.28 -3.29
CA ILE A 57 0.63 3.73 -3.43
C ILE A 57 0.80 3.13 -4.83
N ASP A 58 1.73 3.66 -5.61
CA ASP A 58 1.97 3.19 -6.97
C ASP A 58 2.90 1.98 -6.98
N MET A 59 2.38 0.85 -7.43
CA MET A 59 3.15 -0.40 -7.48
C MET A 59 2.86 -1.21 -8.74
N THR A 60 3.65 -2.25 -8.95
CA THR A 60 3.42 -3.22 -10.02
C THR A 60 3.95 -4.57 -9.58
N LEU A 61 3.77 -5.58 -10.42
CA LEU A 61 4.26 -6.92 -10.12
C LEU A 61 5.21 -7.39 -11.22
N THR A 62 6.22 -8.15 -10.83
CA THR A 62 7.31 -8.54 -11.72
C THR A 62 6.81 -9.19 -13.02
N SER A 63 5.99 -10.23 -12.88
CA SER A 63 5.52 -11.00 -14.03
C SER A 63 4.12 -10.58 -14.44
N ALA A 64 3.52 -9.68 -13.64
CA ALA A 64 2.16 -9.18 -13.88
C ALA A 64 1.11 -10.31 -13.92
N ALA A 65 1.52 -11.52 -13.56
CA ALA A 65 0.62 -12.67 -13.55
C ALA A 65 0.54 -13.26 -12.15
N CYS A 66 1.67 -13.23 -11.43
CA CYS A 66 1.74 -13.75 -10.08
C CYS A 66 0.90 -12.88 -9.13
N PRO A 67 -0.07 -13.48 -8.42
CA PRO A 67 -1.01 -12.75 -7.56
C PRO A 67 -0.40 -12.27 -6.24
N LEU A 68 0.59 -11.38 -6.33
CA LEU A 68 1.21 -10.79 -5.14
C LEU A 68 0.41 -9.59 -4.66
N THR A 69 -0.64 -9.23 -5.40
CA THR A 69 -1.47 -8.07 -5.07
C THR A 69 -2.05 -8.21 -3.65
N ASP A 70 -2.55 -9.40 -3.33
CA ASP A 70 -3.11 -9.68 -2.01
C ASP A 70 -2.06 -9.45 -0.93
N VAL A 71 -0.84 -9.89 -1.22
CA VAL A 71 0.26 -9.80 -0.28
C VAL A 71 0.65 -8.35 -0.01
N ILE A 72 0.86 -7.59 -1.08
CA ILE A 72 1.30 -6.20 -0.96
C ILE A 72 0.22 -5.34 -0.26
N GLU A 73 -1.04 -5.57 -0.61
CA GLU A 73 -2.14 -4.84 0.00
C GLU A 73 -2.32 -5.23 1.45
N ASP A 74 -2.14 -6.52 1.75
CA ASP A 74 -2.30 -6.99 3.12
C ASP A 74 -1.19 -6.43 4.02
N GLN A 75 0.05 -6.50 3.54
CA GLN A 75 1.18 -6.00 4.33
C GLN A 75 1.09 -4.49 4.52
N SER A 76 0.70 -3.78 3.46
CA SER A 76 0.47 -2.34 3.54
C SER A 76 -0.64 -2.06 4.55
N ARG A 77 -1.77 -2.73 4.37
CA ARG A 77 -2.92 -2.63 5.28
C ARG A 77 -2.50 -2.94 6.72
N SER A 78 -1.64 -3.93 6.90
CA SER A 78 -1.24 -4.37 8.24
C SER A 78 -0.68 -3.20 9.04
N ALA A 79 0.31 -2.50 8.48
CA ALA A 79 0.93 -1.39 9.18
C ALA A 79 0.02 -0.15 9.21
N LEU A 80 -0.48 0.25 8.05
CA LEU A 80 -1.23 1.50 7.92
C LEU A 80 -2.48 1.49 8.80
N VAL A 81 -3.04 0.30 9.02
CA VAL A 81 -4.19 0.12 9.91
C VAL A 81 -3.69 -0.12 11.34
N GLY A 82 -2.49 -0.67 11.47
CA GLY A 82 -1.95 -1.06 12.77
C GLY A 82 -1.90 0.11 13.74
N SER A 83 -1.39 1.24 13.27
CA SER A 83 -1.40 2.48 14.05
C SER A 83 -2.50 3.41 13.56
N GLY A 84 -3.23 2.97 12.53
CA GLY A 84 -4.30 3.78 11.96
C GLY A 84 -3.80 5.11 11.43
N LEU A 85 -2.78 5.04 10.59
CA LEU A 85 -2.15 6.24 10.03
C LEU A 85 -3.11 6.95 9.07
N VAL A 86 -3.96 6.17 8.41
CA VAL A 86 -4.94 6.69 7.46
C VAL A 86 -6.31 6.02 7.65
N ASP A 87 -7.30 6.48 6.91
CA ASP A 87 -8.67 5.94 7.02
C ASP A 87 -8.86 4.79 6.04
N ASP A 88 -8.27 4.93 4.86
CA ASP A 88 -8.33 3.89 3.83
C ASP A 88 -7.02 3.88 3.04
N ILE A 89 -6.73 2.75 2.41
CA ILE A 89 -5.51 2.59 1.62
C ILE A 89 -5.85 2.20 0.19
N ARG A 90 -4.94 2.48 -0.71
CA ARG A 90 -5.14 2.13 -2.11
C ARG A 90 -3.81 1.95 -2.83
N ILE A 91 -3.47 0.70 -3.12
CA ILE A 91 -2.32 0.40 -3.96
C ILE A 91 -2.78 0.24 -5.40
N ASN A 92 -2.34 1.16 -6.25
CA ASN A 92 -2.68 1.08 -7.67
C ASN A 92 -1.59 0.30 -8.40
N TRP A 93 -2.01 -0.53 -9.35
CA TRP A 93 -1.08 -1.38 -10.08
C TRP A 93 -0.89 -0.87 -11.49
N VAL A 94 0.26 -0.27 -11.77
CA VAL A 94 0.57 0.19 -13.11
C VAL A 94 1.29 -0.89 -13.90
N TRP A 95 0.72 -1.24 -15.05
CA TRP A 95 1.31 -2.23 -15.93
C TRP A 95 1.96 -1.52 -17.11
N ASN A 96 1.22 -0.54 -17.64
CA ASN A 96 1.61 0.25 -18.81
C ASN A 96 0.74 1.50 -18.90
N PRO A 97 -0.61 1.36 -18.78
CA PRO A 97 -1.52 2.53 -18.71
C PRO A 97 -1.27 3.36 -17.45
N PRO A 98 -1.79 4.60 -17.39
CA PRO A 98 -1.60 5.49 -16.24
C PRO A 98 -2.47 5.12 -15.04
N TRP A 99 -2.33 5.91 -13.97
CA TRP A 99 -3.06 5.68 -12.73
C TRP A 99 -4.53 6.06 -12.91
N GLY A 100 -5.42 5.08 -12.88
CA GLY A 100 -6.82 5.31 -13.18
C GLY A 100 -7.74 4.62 -12.19
N PRO A 101 -8.54 3.65 -12.65
CA PRO A 101 -9.50 2.93 -11.79
C PRO A 101 -8.81 2.24 -10.62
N ASP A 102 -7.52 1.92 -10.81
CA ASP A 102 -6.70 1.27 -9.77
C ASP A 102 -6.62 2.14 -8.53
N LYS A 103 -7.04 3.40 -8.66
CA LYS A 103 -7.01 4.35 -7.55
C LYS A 103 -8.30 4.27 -6.73
N ILE A 104 -9.15 3.29 -7.02
CA ILE A 104 -10.41 3.11 -6.30
C ILE A 104 -10.46 1.73 -5.63
N THR A 105 -10.36 1.73 -4.30
CA THR A 105 -10.47 0.52 -3.50
C THR A 105 -11.81 -0.19 -3.71
N GLU A 106 -11.82 -1.50 -3.44
CA GLU A 106 -13.02 -2.33 -3.56
C GLU A 106 -14.18 -1.71 -2.79
N ASP A 107 -13.91 -1.32 -1.54
CA ASP A 107 -14.95 -0.76 -0.66
C ASP A 107 -15.59 0.48 -1.29
N GLY A 108 -14.79 1.23 -2.04
CA GLY A 108 -15.29 2.42 -2.70
C GLY A 108 -16.15 2.09 -3.91
N ARG A 109 -15.79 1.00 -4.60
CA ARG A 109 -16.56 0.52 -5.75
C ARG A 109 -17.86 -0.15 -5.28
N GLU A 110 -17.79 -0.75 -4.10
CA GLU A 110 -18.85 -1.62 -3.58
C GLU A 110 -20.11 -0.84 -3.20
N GLN A 111 -19.92 0.12 -2.28
CA GLN A 111 -20.96 1.09 -1.92
C GLN A 111 -22.23 0.45 -1.32
N LEU A 112 -22.20 -0.87 -1.10
CA LEU A 112 -23.31 -1.56 -0.45
C LEU A 112 -22.92 -3.00 -0.12
N ARG A 113 -23.53 -3.51 0.92
CA ARG A 113 -23.16 -4.82 1.49
C ARG A 113 -23.56 -5.96 0.56
N ALA A 114 -24.63 -5.75 -0.21
CA ALA A 114 -25.14 -6.77 -1.12
C ALA A 114 -24.26 -6.92 -2.37
N LEU A 115 -23.45 -5.91 -2.66
CA LEU A 115 -22.63 -5.92 -3.88
C LEU A 115 -21.27 -6.55 -3.61
N GLY A 116 -20.73 -6.35 -2.42
CA GLY A 116 -19.42 -6.89 -2.08
C GLY A 116 -19.53 -8.21 -1.35
N PHE A 117 -18.50 -9.03 -1.45
CA PHE A 117 -18.48 -10.33 -0.80
C PHE A 117 -18.37 -10.16 0.71
N THR A 118 -19.53 -10.05 1.36
CA THR A 118 -19.60 -9.98 2.80
C THR A 118 -19.94 -11.36 3.36
N VAL A 119 -19.21 -11.77 4.39
CA VAL A 119 -19.36 -13.11 4.96
C VAL A 119 -20.75 -13.32 5.58
N GLY A 1 16.29 -5.08 8.31
CA GLY A 1 16.25 -5.28 6.84
C GLY A 1 16.29 -3.96 6.10
N PRO A 2 16.17 -3.99 4.75
CA PRO A 2 16.17 -2.78 3.93
C PRO A 2 14.88 -1.99 4.10
N GLY A 3 14.99 -0.77 4.65
CA GLY A 3 13.84 0.07 4.88
C GLY A 3 13.88 1.32 4.02
N SER A 4 12.99 2.27 4.32
CA SER A 4 12.92 3.52 3.59
C SER A 4 12.64 4.66 4.58
N MET A 5 13.44 5.72 4.51
CA MET A 5 13.33 6.84 5.43
C MET A 5 12.19 7.79 5.03
N SER A 6 11.16 7.23 4.40
CA SER A 6 9.99 7.99 4.00
C SER A 6 9.13 8.28 5.24
N GLU A 7 9.20 7.39 6.22
CA GLU A 7 8.38 7.46 7.42
C GLU A 7 8.80 8.61 8.32
N THR A 8 7.93 9.61 8.42
CA THR A 8 8.11 10.73 9.32
C THR A 8 6.75 11.09 9.93
N SER A 9 5.85 10.11 9.96
CA SER A 9 4.48 10.31 10.43
C SER A 9 4.28 9.66 11.80
N ALA A 10 3.11 9.89 12.39
CA ALA A 10 2.75 9.36 13.71
C ALA A 10 3.65 9.92 14.82
N PRO A 11 3.27 9.71 16.10
CA PRO A 11 4.13 10.05 17.24
C PRO A 11 5.49 9.36 17.13
N ALA A 12 6.55 10.04 17.55
CA ALA A 12 7.91 9.53 17.40
C ALA A 12 8.06 8.11 17.97
N GLU A 13 7.72 7.95 19.25
CA GLU A 13 7.87 6.67 19.94
C GLU A 13 6.99 5.60 19.27
N GLU A 14 5.76 5.98 18.94
CA GLU A 14 4.80 5.06 18.33
C GLU A 14 5.32 4.56 16.98
N LEU A 15 5.75 5.52 16.16
CA LEU A 15 6.27 5.23 14.83
C LEU A 15 7.41 4.23 14.91
N LEU A 16 8.28 4.39 15.90
CA LEU A 16 9.45 3.52 16.06
C LEU A 16 9.02 2.05 16.09
N ALA A 17 8.13 1.71 17.02
CA ALA A 17 7.69 0.34 17.20
C ALA A 17 6.90 -0.15 15.99
N ASP A 18 5.89 0.63 15.60
CA ASP A 18 5.01 0.25 14.50
C ASP A 18 5.79 0.08 13.20
N VAL A 19 6.68 1.01 12.91
CA VAL A 19 7.46 0.94 11.67
C VAL A 19 8.48 -0.19 11.77
N GLU A 20 9.01 -0.41 12.98
CA GLU A 20 9.96 -1.50 13.20
C GLU A 20 9.34 -2.83 12.77
N GLU A 21 8.14 -3.11 13.28
CA GLU A 21 7.45 -4.34 12.91
C GLU A 21 6.93 -4.29 11.47
N ALA A 22 6.43 -3.12 11.06
CA ALA A 22 5.92 -2.95 9.70
C ALA A 22 6.99 -3.29 8.67
N MET A 23 8.18 -2.76 8.90
CA MET A 23 9.33 -2.99 8.01
C MET A 23 9.76 -4.46 8.04
N ARG A 24 9.25 -5.20 9.02
CA ARG A 24 9.59 -6.62 9.19
C ARG A 24 8.52 -7.51 8.55
N ASP A 25 7.41 -6.90 8.11
CA ASP A 25 6.27 -7.66 7.59
C ASP A 25 6.00 -7.28 6.14
N VAL A 26 6.37 -6.06 5.80
CA VAL A 26 6.22 -5.52 4.47
C VAL A 26 7.39 -5.93 3.57
N VAL A 27 8.54 -6.18 4.20
CA VAL A 27 9.73 -6.60 3.48
C VAL A 27 9.74 -8.12 3.30
N ASP A 28 10.43 -8.61 2.29
CA ASP A 28 10.69 -10.04 2.18
C ASP A 28 11.95 -10.34 2.98
N PRO A 29 11.80 -10.90 4.20
CA PRO A 29 12.91 -11.08 5.13
C PRO A 29 13.70 -12.36 4.85
N GLU A 30 13.17 -13.22 3.98
CA GLU A 30 13.86 -14.45 3.61
C GLU A 30 15.10 -14.14 2.80
N LEU A 31 14.91 -13.41 1.70
CA LEU A 31 16.02 -13.00 0.84
C LEU A 31 16.50 -11.60 1.24
N GLY A 32 15.64 -10.89 1.96
CA GLY A 32 16.00 -9.58 2.50
C GLY A 32 15.88 -8.46 1.48
N ILE A 33 14.70 -8.30 0.89
CA ILE A 33 14.48 -7.24 -0.10
C ILE A 33 13.10 -6.59 0.09
N ASN A 34 13.06 -5.27 -0.07
CA ASN A 34 11.81 -4.52 0.00
C ASN A 34 11.34 -4.18 -1.41
N VAL A 35 10.03 -4.30 -1.65
CA VAL A 35 9.46 -4.06 -2.98
C VAL A 35 9.73 -2.62 -3.44
N VAL A 36 9.91 -1.72 -2.48
CA VAL A 36 10.20 -0.31 -2.77
C VAL A 36 11.45 -0.18 -3.65
N ASP A 37 12.32 -1.18 -3.57
CA ASP A 37 13.59 -1.18 -4.31
C ASP A 37 13.36 -1.15 -5.82
N LEU A 38 12.17 -1.56 -6.27
CA LEU A 38 11.82 -1.54 -7.69
C LEU A 38 11.62 -0.10 -8.18
N GLY A 39 11.65 0.84 -7.24
CA GLY A 39 11.56 2.26 -7.55
C GLY A 39 10.31 2.67 -8.30
N LEU A 40 9.26 1.86 -8.19
CA LEU A 40 7.95 2.22 -8.74
C LEU A 40 7.06 2.80 -7.64
N VAL A 41 7.27 2.31 -6.42
CA VAL A 41 6.52 2.79 -5.24
C VAL A 41 6.79 4.28 -5.01
N TYR A 42 7.83 4.77 -5.68
CA TYR A 42 8.19 6.19 -5.66
C TYR A 42 6.99 7.04 -6.12
N GLY A 43 6.18 6.45 -6.99
CA GLY A 43 4.98 7.12 -7.46
C GLY A 43 3.79 6.84 -6.55
N LEU A 44 3.57 7.69 -5.57
CA LEU A 44 2.43 7.56 -4.67
C LEU A 44 1.86 8.93 -4.34
N ASP A 45 0.62 8.94 -3.88
CA ASP A 45 -0.09 10.16 -3.54
C ASP A 45 -1.17 9.86 -2.51
N VAL A 46 -1.11 10.53 -1.37
CA VAL A 46 -2.08 10.32 -0.31
C VAL A 46 -3.09 11.46 -0.28
N GLN A 47 -4.36 11.13 -0.43
CA GLN A 47 -5.42 12.12 -0.41
C GLN A 47 -6.05 12.18 0.99
N ASP A 48 -6.00 13.35 1.61
CA ASP A 48 -6.61 13.56 2.91
C ASP A 48 -8.01 14.16 2.73
N GLY A 49 -8.96 13.27 2.50
CA GLY A 49 -10.33 13.69 2.25
C GLY A 49 -11.20 13.54 3.49
N ASP A 50 -12.36 14.19 3.47
CA ASP A 50 -13.31 14.15 4.58
C ASP A 50 -13.67 12.70 4.92
N GLU A 51 -13.85 11.89 3.88
CA GLU A 51 -14.23 10.50 4.04
C GLU A 51 -13.10 9.69 4.68
N GLY A 52 -11.86 10.11 4.41
CA GLY A 52 -10.71 9.43 4.99
C GLY A 52 -9.43 9.75 4.25
N THR A 53 -8.30 9.63 4.95
CA THR A 53 -6.99 9.85 4.35
C THR A 53 -6.49 8.56 3.69
N VAL A 54 -6.60 8.51 2.37
CA VAL A 54 -6.27 7.31 1.61
C VAL A 54 -4.96 7.47 0.85
N ALA A 55 -4.05 6.53 1.04
CA ALA A 55 -2.75 6.56 0.39
C ALA A 55 -2.77 5.75 -0.91
N LEU A 56 -2.74 6.45 -2.04
CA LEU A 56 -2.69 5.82 -3.35
C LEU A 56 -1.25 5.43 -3.67
N ILE A 57 -1.04 4.20 -4.11
CA ILE A 57 0.32 3.73 -4.42
C ILE A 57 0.37 3.09 -5.81
N ASP A 58 1.34 3.52 -6.61
CA ASP A 58 1.56 2.95 -7.95
C ASP A 58 2.53 1.77 -7.86
N MET A 59 2.03 0.56 -8.15
CA MET A 59 2.86 -0.64 -8.05
C MET A 59 2.59 -1.62 -9.19
N THR A 60 3.44 -2.64 -9.26
CA THR A 60 3.26 -3.77 -10.16
C THR A 60 4.14 -4.91 -9.68
N LEU A 61 3.84 -6.13 -10.11
CA LEU A 61 4.63 -7.29 -9.71
C LEU A 61 5.78 -7.49 -10.69
N THR A 62 6.83 -8.19 -10.25
CA THR A 62 8.07 -8.36 -11.02
C THR A 62 7.79 -8.64 -12.50
N SER A 63 6.97 -9.66 -12.77
CA SER A 63 6.61 -10.02 -14.13
C SER A 63 5.13 -9.76 -14.40
N ALA A 64 4.50 -9.02 -13.48
CA ALA A 64 3.09 -8.60 -13.61
C ALA A 64 2.12 -9.79 -13.72
N ALA A 65 2.62 -11.00 -13.50
CA ALA A 65 1.81 -12.21 -13.57
C ALA A 65 1.83 -12.95 -12.23
N CYS A 66 2.34 -12.28 -11.21
CA CYS A 66 2.50 -12.87 -9.89
C CYS A 66 1.28 -12.58 -9.02
N PRO A 67 0.68 -13.61 -8.39
CA PRO A 67 -0.49 -13.43 -7.50
C PRO A 67 -0.10 -12.87 -6.12
N LEU A 68 0.93 -12.01 -6.12
CA LEU A 68 1.46 -11.44 -4.88
C LEU A 68 0.62 -10.23 -4.45
N THR A 69 -0.27 -9.79 -5.35
CA THR A 69 -1.09 -8.60 -5.12
C THR A 69 -1.80 -8.65 -3.76
N ASP A 70 -2.56 -9.73 -3.52
CA ASP A 70 -3.33 -9.88 -2.29
C ASP A 70 -2.42 -9.78 -1.07
N VAL A 71 -1.20 -10.29 -1.23
CA VAL A 71 -0.25 -10.34 -0.13
C VAL A 71 0.26 -8.95 0.22
N ILE A 72 0.77 -8.20 -0.79
CA ILE A 72 1.31 -6.87 -0.52
C ILE A 72 0.23 -5.98 0.05
N GLU A 73 -0.97 -6.08 -0.53
CA GLU A 73 -2.10 -5.27 -0.12
C GLU A 73 -2.47 -5.57 1.33
N ASP A 74 -2.68 -6.84 1.66
CA ASP A 74 -3.07 -7.22 3.02
C ASP A 74 -2.04 -6.74 4.03
N GLN A 75 -0.77 -7.06 3.79
CA GLN A 75 0.32 -6.70 4.69
C GLN A 75 0.35 -5.19 4.94
N SER A 76 0.49 -4.43 3.87
CA SER A 76 0.61 -2.97 3.97
C SER A 76 -0.68 -2.35 4.52
N ARG A 77 -1.79 -2.64 3.85
CA ARG A 77 -3.07 -2.02 4.20
C ARG A 77 -3.43 -2.26 5.66
N SER A 78 -3.41 -3.53 6.07
CA SER A 78 -3.83 -3.92 7.41
C SER A 78 -2.92 -3.31 8.47
N ALA A 79 -1.63 -3.17 8.16
CA ALA A 79 -0.68 -2.60 9.10
C ALA A 79 -0.89 -1.09 9.21
N LEU A 80 -0.90 -0.41 8.06
CA LEU A 80 -1.03 1.04 8.01
C LEU A 80 -2.29 1.50 8.74
N VAL A 81 -3.40 0.81 8.51
CA VAL A 81 -4.65 1.13 9.19
C VAL A 81 -4.55 0.76 10.68
N GLY A 82 -3.72 -0.24 10.99
CA GLY A 82 -3.61 -0.73 12.36
C GLY A 82 -2.68 0.12 13.20
N SER A 83 -1.78 0.82 12.52
CA SER A 83 -0.83 1.71 13.18
C SER A 83 -1.38 3.14 13.16
N GLY A 84 -2.44 3.36 12.39
CA GLY A 84 -3.11 4.65 12.35
C GLY A 84 -2.29 5.72 11.66
N LEU A 85 -1.29 5.31 10.87
CA LEU A 85 -0.48 6.27 10.11
C LEU A 85 -1.33 6.92 9.02
N VAL A 86 -2.27 6.15 8.49
CA VAL A 86 -3.25 6.63 7.52
C VAL A 86 -4.60 5.97 7.76
N ASP A 87 -5.61 6.39 7.01
CA ASP A 87 -6.95 5.81 7.13
C ASP A 87 -7.02 4.46 6.43
N ASP A 88 -6.56 4.45 5.17
CA ASP A 88 -6.55 3.23 4.36
C ASP A 88 -5.71 3.47 3.11
N ILE A 89 -5.41 2.42 2.35
CA ILE A 89 -4.58 2.57 1.16
C ILE A 89 -5.29 2.02 -0.07
N ARG A 90 -4.77 2.34 -1.24
CA ARG A 90 -5.30 1.84 -2.51
C ARG A 90 -4.17 1.79 -3.54
N ILE A 91 -3.82 0.57 -3.94
CA ILE A 91 -2.71 0.35 -4.85
C ILE A 91 -3.22 0.12 -6.27
N ASN A 92 -2.73 0.91 -7.22
CA ASN A 92 -3.04 0.70 -8.62
C ASN A 92 -1.92 -0.12 -9.26
N TRP A 93 -2.29 -1.27 -9.83
CA TRP A 93 -1.33 -2.16 -10.46
C TRP A 93 -1.19 -1.79 -11.94
N VAL A 94 -0.07 -1.18 -12.31
CA VAL A 94 0.16 -0.77 -13.70
C VAL A 94 0.87 -1.86 -14.48
N TRP A 95 0.26 -2.26 -15.59
CA TRP A 95 0.85 -3.23 -16.50
C TRP A 95 1.20 -2.56 -17.82
N ASN A 96 0.40 -1.56 -18.19
CA ASN A 96 0.54 -0.86 -19.45
C ASN A 96 -0.30 0.44 -19.45
N PRO A 97 -1.61 0.38 -19.10
CA PRO A 97 -2.47 1.57 -19.03
C PRO A 97 -2.03 2.52 -17.90
N PRO A 98 -1.91 3.83 -18.21
CA PRO A 98 -1.45 4.82 -17.23
C PRO A 98 -2.54 5.20 -16.22
N TRP A 99 -2.70 4.37 -15.20
CA TRP A 99 -3.53 4.68 -14.03
C TRP A 99 -4.97 5.03 -14.41
N GLY A 100 -5.86 4.03 -14.34
CA GLY A 100 -7.26 4.25 -14.64
C GLY A 100 -8.15 3.37 -13.78
N PRO A 101 -8.86 2.39 -14.38
CA PRO A 101 -9.65 1.42 -13.60
C PRO A 101 -8.74 0.56 -12.73
N ASP A 102 -7.45 0.60 -13.07
CA ASP A 102 -6.40 -0.12 -12.32
C ASP A 102 -6.36 0.33 -10.87
N LYS A 103 -6.98 1.49 -10.61
CA LYS A 103 -6.98 2.08 -9.27
C LYS A 103 -7.98 1.35 -8.36
N ILE A 104 -8.93 0.63 -8.94
CA ILE A 104 -9.99 0.01 -8.16
C ILE A 104 -9.54 -1.34 -7.60
N THR A 105 -9.00 -1.31 -6.39
CA THR A 105 -8.60 -2.52 -5.68
C THR A 105 -9.82 -3.43 -5.43
N GLU A 106 -9.57 -4.74 -5.28
CA GLU A 106 -10.63 -5.76 -5.29
C GLU A 106 -11.73 -5.48 -4.26
N ASP A 107 -11.39 -4.83 -3.15
CA ASP A 107 -12.38 -4.58 -2.08
C ASP A 107 -13.57 -3.80 -2.63
N GLY A 108 -13.32 -2.98 -3.65
CA GLY A 108 -14.39 -2.25 -4.31
C GLY A 108 -15.41 -3.19 -4.92
N ARG A 109 -14.93 -4.27 -5.54
CA ARG A 109 -15.80 -5.30 -6.11
C ARG A 109 -16.43 -6.14 -5.01
N GLU A 110 -15.57 -6.56 -4.07
CA GLU A 110 -15.97 -7.47 -3.00
C GLU A 110 -17.21 -6.96 -2.26
N GLN A 111 -17.28 -5.66 -2.06
CA GLN A 111 -18.33 -5.05 -1.27
C GLN A 111 -19.38 -4.39 -2.15
N LEU A 112 -19.48 -4.84 -3.40
CA LEU A 112 -20.51 -4.36 -4.32
C LEU A 112 -21.80 -5.15 -4.12
N ARG A 113 -22.93 -4.58 -4.52
CA ARG A 113 -24.25 -5.17 -4.26
C ARG A 113 -24.37 -6.56 -4.89
N ALA A 114 -24.03 -6.66 -6.17
CA ALA A 114 -24.17 -7.90 -6.92
C ALA A 114 -23.27 -9.01 -6.38
N LEU A 115 -22.23 -8.62 -5.64
CA LEU A 115 -21.29 -9.59 -5.07
C LEU A 115 -21.73 -10.01 -3.67
N GLY A 116 -22.84 -9.44 -3.21
CA GLY A 116 -23.37 -9.75 -1.89
C GLY A 116 -24.17 -11.04 -1.89
N PHE A 117 -23.50 -12.15 -2.18
CA PHE A 117 -24.13 -13.46 -2.20
C PHE A 117 -23.12 -14.53 -1.84
N THR A 118 -23.54 -15.47 -0.98
CA THR A 118 -22.69 -16.58 -0.56
C THR A 118 -23.55 -17.67 0.10
N VAL A 119 -22.92 -18.78 0.45
CA VAL A 119 -23.62 -19.88 1.11
C VAL A 119 -23.84 -19.56 2.60
N GLY A 1 17.77 -4.86 2.12
CA GLY A 1 18.69 -3.74 2.44
C GLY A 1 18.01 -2.67 3.29
N PRO A 2 18.63 -1.48 3.43
CA PRO A 2 18.03 -0.37 4.18
C PRO A 2 16.84 0.24 3.44
N GLY A 3 15.69 -0.40 3.56
CA GLY A 3 14.48 0.10 2.91
C GLY A 3 14.07 1.46 3.44
N SER A 4 14.41 2.51 2.70
CA SER A 4 14.08 3.88 3.08
C SER A 4 14.41 4.82 1.94
N MET A 5 13.37 5.26 1.23
CA MET A 5 13.51 6.20 0.11
C MET A 5 12.49 7.33 0.26
N SER A 6 11.24 6.94 0.55
CA SER A 6 10.13 7.88 0.71
C SER A 6 8.84 7.09 0.88
N GLU A 7 8.45 6.87 2.14
CA GLU A 7 7.33 5.99 2.45
C GLU A 7 6.48 6.54 3.60
N THR A 8 5.28 7.00 3.25
CA THR A 8 4.26 7.42 4.22
C THR A 8 4.62 8.76 4.89
N SER A 9 3.60 9.54 5.21
CA SER A 9 3.78 10.83 5.86
C SER A 9 3.11 10.81 7.24
N ALA A 10 3.90 11.02 8.29
CA ALA A 10 3.40 11.00 9.66
C ALA A 10 4.48 11.53 10.61
N PRO A 11 4.10 11.90 11.86
CA PRO A 11 5.06 12.36 12.87
C PRO A 11 6.32 11.47 12.92
N ALA A 12 7.46 12.04 12.58
CA ALA A 12 8.71 11.30 12.43
C ALA A 12 9.07 10.49 13.69
N GLU A 13 8.50 10.86 14.82
CA GLU A 13 8.80 10.20 16.09
C GLU A 13 8.21 8.80 16.13
N GLU A 14 6.90 8.71 15.86
CA GLU A 14 6.20 7.43 15.84
C GLU A 14 6.41 6.72 14.50
N LEU A 15 6.55 7.53 13.44
CA LEU A 15 6.67 7.01 12.08
C LEU A 15 7.81 6.00 11.98
N LEU A 16 8.89 6.24 12.71
CA LEU A 16 10.03 5.32 12.73
C LEU A 16 9.56 3.92 13.15
N ALA A 17 8.89 3.85 14.29
CA ALA A 17 8.42 2.58 14.82
C ALA A 17 7.41 1.94 13.87
N ASP A 18 6.39 2.70 13.50
CA ASP A 18 5.30 2.19 12.66
C ASP A 18 5.83 1.69 11.32
N VAL A 19 6.74 2.44 10.70
CA VAL A 19 7.30 2.02 9.42
C VAL A 19 8.16 0.78 9.62
N GLU A 20 8.88 0.73 10.74
CA GLU A 20 9.71 -0.43 11.08
C GLU A 20 8.83 -1.67 11.24
N GLU A 21 7.63 -1.49 11.79
CA GLU A 21 6.67 -2.58 11.94
C GLU A 21 6.20 -3.06 10.58
N ALA A 22 5.76 -2.13 9.73
CA ALA A 22 5.29 -2.46 8.39
C ALA A 22 6.39 -3.14 7.58
N MET A 23 7.62 -2.65 7.75
CA MET A 23 8.79 -3.21 7.07
C MET A 23 8.99 -4.68 7.40
N ARG A 24 8.29 -5.19 8.41
CA ARG A 24 8.40 -6.60 8.81
C ARG A 24 7.64 -7.52 7.84
N ASP A 25 6.62 -6.98 7.15
CA ASP A 25 5.78 -7.79 6.27
C ASP A 25 5.86 -7.25 4.84
N VAL A 26 6.11 -5.97 4.75
CA VAL A 26 6.34 -5.29 3.49
C VAL A 26 7.79 -5.52 3.03
N VAL A 27 8.20 -6.79 3.01
CA VAL A 27 9.58 -7.15 2.72
C VAL A 27 9.72 -8.66 2.57
N ASP A 28 10.82 -9.08 1.98
CA ASP A 28 11.26 -10.48 2.04
C ASP A 28 12.50 -10.53 2.92
N PRO A 29 12.32 -10.74 4.25
CA PRO A 29 13.42 -10.70 5.19
C PRO A 29 14.21 -12.00 5.20
N GLU A 30 13.74 -12.96 4.41
CA GLU A 30 14.40 -14.25 4.28
C GLU A 30 15.73 -14.09 3.54
N LEU A 31 15.64 -13.55 2.33
CA LEU A 31 16.83 -13.25 1.53
C LEU A 31 17.29 -11.82 1.83
N GLY A 32 16.40 -11.03 2.43
CA GLY A 32 16.76 -9.71 2.91
C GLY A 32 16.61 -8.61 1.86
N ILE A 33 15.54 -8.69 1.08
CA ILE A 33 15.27 -7.66 0.06
C ILE A 33 13.92 -7.01 0.31
N ASN A 34 13.88 -5.70 0.11
CA ASN A 34 12.69 -4.89 0.38
C ASN A 34 12.16 -4.28 -0.91
N VAL A 35 10.96 -4.69 -1.32
CA VAL A 35 10.38 -4.31 -2.61
C VAL A 35 10.53 -2.80 -2.89
N VAL A 36 10.50 -1.98 -1.84
CA VAL A 36 10.58 -0.53 -1.99
C VAL A 36 11.87 -0.09 -2.72
N ASP A 37 12.91 -0.92 -2.67
CA ASP A 37 14.20 -0.57 -3.25
C ASP A 37 14.14 -0.60 -4.78
N LEU A 38 13.08 -1.21 -5.33
CA LEU A 38 12.85 -1.17 -6.77
C LEU A 38 12.59 0.27 -7.22
N GLY A 39 12.28 1.13 -6.25
CA GLY A 39 12.08 2.54 -6.50
C GLY A 39 10.89 2.85 -7.39
N LEU A 40 9.95 1.91 -7.45
CA LEU A 40 8.69 2.16 -8.14
C LEU A 40 7.65 2.56 -7.09
N VAL A 41 7.81 2.01 -5.88
CA VAL A 41 6.95 2.32 -4.76
C VAL A 41 7.09 3.80 -4.35
N TYR A 42 8.04 4.48 -4.99
CA TYR A 42 8.22 5.92 -4.82
C TYR A 42 6.92 6.64 -5.19
N GLY A 43 6.12 6.00 -6.04
CA GLY A 43 4.80 6.50 -6.37
C GLY A 43 3.84 6.30 -5.21
N LEU A 44 4.09 7.03 -4.13
CA LEU A 44 3.29 6.91 -2.92
C LEU A 44 2.77 8.28 -2.53
N ASP A 45 1.45 8.41 -2.46
CA ASP A 45 0.81 9.66 -2.08
C ASP A 45 -0.40 9.36 -1.20
N VAL A 46 -0.34 9.75 0.06
CA VAL A 46 -1.46 9.57 0.98
C VAL A 46 -2.18 10.89 1.16
N GLN A 47 -3.50 10.85 1.21
CA GLN A 47 -4.31 12.04 1.35
C GLN A 47 -5.17 11.96 2.61
N ASP A 48 -4.97 12.91 3.51
CA ASP A 48 -5.78 13.01 4.72
C ASP A 48 -6.94 13.97 4.49
N GLY A 49 -8.04 13.41 4.00
CA GLY A 49 -9.21 14.21 3.69
C GLY A 49 -10.17 14.25 4.85
N ASP A 50 -11.04 15.26 4.86
CA ASP A 50 -12.00 15.45 5.93
C ASP A 50 -13.03 14.33 5.95
N GLU A 51 -13.21 13.68 4.80
CA GLU A 51 -14.12 12.54 4.69
C GLU A 51 -13.42 11.26 5.14
N GLY A 52 -12.15 11.13 4.81
CA GLY A 52 -11.38 9.97 5.19
C GLY A 52 -9.93 10.07 4.77
N THR A 53 -9.07 9.31 5.44
CA THR A 53 -7.64 9.30 5.13
C THR A 53 -7.30 8.05 4.31
N VAL A 54 -6.81 8.26 3.09
CA VAL A 54 -6.50 7.16 2.17
C VAL A 54 -5.04 7.19 1.75
N ALA A 55 -4.44 6.01 1.60
CA ALA A 55 -3.06 5.90 1.15
C ALA A 55 -3.01 5.35 -0.28
N LEU A 56 -2.46 6.13 -1.21
CA LEU A 56 -2.32 5.70 -2.60
C LEU A 56 -0.89 5.23 -2.85
N ILE A 57 -0.74 3.98 -3.27
CA ILE A 57 0.59 3.41 -3.54
C ILE A 57 0.62 2.85 -4.96
N ASP A 58 1.73 3.07 -5.66
CA ASP A 58 1.91 2.58 -7.02
C ASP A 58 2.98 1.50 -7.05
N MET A 59 2.60 0.29 -7.50
CA MET A 59 3.53 -0.84 -7.52
C MET A 59 3.33 -1.69 -8.78
N THR A 60 4.24 -2.63 -8.97
CA THR A 60 4.16 -3.60 -10.05
C THR A 60 4.92 -4.87 -9.68
N LEU A 61 4.44 -6.02 -10.15
CA LEU A 61 5.12 -7.29 -9.93
C LEU A 61 5.71 -7.77 -11.27
N THR A 62 6.83 -8.49 -11.20
CA THR A 62 7.64 -8.86 -12.38
C THR A 62 6.81 -9.11 -13.65
N SER A 63 5.77 -9.94 -13.54
CA SER A 63 4.92 -10.25 -14.70
C SER A 63 3.47 -9.83 -14.46
N ALA A 64 3.21 -9.26 -13.29
CA ALA A 64 1.86 -8.84 -12.88
C ALA A 64 0.88 -10.00 -12.84
N ALA A 65 1.39 -11.22 -12.99
CA ALA A 65 0.57 -12.43 -12.92
C ALA A 65 0.86 -13.16 -11.61
N CYS A 66 1.84 -12.63 -10.87
CA CYS A 66 2.22 -13.19 -9.58
C CYS A 66 1.07 -13.05 -8.58
N PRO A 67 0.68 -14.15 -7.91
CA PRO A 67 -0.48 -14.16 -7.01
C PRO A 67 -0.22 -13.42 -5.69
N LEU A 68 0.82 -12.60 -5.67
CA LEU A 68 1.19 -11.85 -4.48
C LEU A 68 0.41 -10.53 -4.37
N THR A 69 -0.47 -10.29 -5.35
CA THR A 69 -1.26 -9.05 -5.36
C THR A 69 -2.10 -8.93 -4.08
N ASP A 70 -2.94 -9.92 -3.81
CA ASP A 70 -3.81 -9.91 -2.63
C ASP A 70 -2.98 -10.03 -1.36
N VAL A 71 -1.79 -10.63 -1.49
CA VAL A 71 -0.89 -10.79 -0.36
C VAL A 71 -0.34 -9.44 0.08
N ILE A 72 0.23 -8.69 -0.86
CA ILE A 72 0.81 -7.39 -0.53
C ILE A 72 -0.28 -6.38 -0.17
N GLU A 73 -1.44 -6.51 -0.81
CA GLU A 73 -2.59 -5.64 -0.50
C GLU A 73 -3.06 -5.90 0.94
N ASP A 74 -3.17 -7.17 1.30
CA ASP A 74 -3.59 -7.56 2.65
C ASP A 74 -2.61 -7.05 3.69
N GLN A 75 -1.33 -7.35 3.48
CA GLN A 75 -0.28 -6.91 4.40
C GLN A 75 -0.29 -5.39 4.56
N SER A 76 -0.26 -4.70 3.42
CA SER A 76 -0.23 -3.23 3.40
C SER A 76 -1.44 -2.66 4.15
N ARG A 77 -2.65 -2.98 3.70
CA ARG A 77 -3.88 -2.43 4.32
C ARG A 77 -3.91 -2.74 5.82
N SER A 78 -3.54 -3.97 6.18
CA SER A 78 -3.61 -4.42 7.56
C SER A 78 -2.70 -3.58 8.45
N ALA A 79 -1.46 -3.36 8.00
CA ALA A 79 -0.50 -2.59 8.79
C ALA A 79 -0.94 -1.13 8.87
N LEU A 80 -1.22 -0.54 7.70
CA LEU A 80 -1.58 0.87 7.62
C LEU A 80 -2.77 1.20 8.50
N VAL A 81 -3.74 0.29 8.54
CA VAL A 81 -4.92 0.48 9.38
C VAL A 81 -4.57 0.18 10.84
N GLY A 82 -3.57 -0.70 11.05
CA GLY A 82 -3.20 -1.10 12.39
C GLY A 82 -2.48 0.02 13.11
N SER A 83 -1.76 0.81 12.32
CA SER A 83 -1.06 1.98 12.84
C SER A 83 -2.04 3.12 13.07
N GLY A 84 -3.19 3.06 12.39
CA GLY A 84 -4.22 4.07 12.57
C GLY A 84 -3.97 5.34 11.78
N LEU A 85 -3.07 5.26 10.80
CA LEU A 85 -2.75 6.41 9.96
C LEU A 85 -3.83 6.62 8.91
N VAL A 86 -4.16 5.55 8.19
CA VAL A 86 -5.18 5.62 7.14
C VAL A 86 -6.27 4.58 7.38
N ASP A 87 -7.37 4.69 6.64
CA ASP A 87 -8.49 3.75 6.76
C ASP A 87 -8.59 2.90 5.49
N ASP A 88 -8.36 3.52 4.35
CA ASP A 88 -8.43 2.85 3.06
C ASP A 88 -7.14 3.07 2.27
N ILE A 89 -6.79 2.10 1.42
CA ILE A 89 -5.62 2.21 0.56
C ILE A 89 -5.95 1.74 -0.85
N ARG A 90 -5.24 2.26 -1.83
CA ARG A 90 -5.36 1.76 -3.20
C ARG A 90 -3.97 1.62 -3.81
N ILE A 91 -3.61 0.38 -4.13
CA ILE A 91 -2.35 0.09 -4.79
C ILE A 91 -2.58 -0.07 -6.28
N ASN A 92 -2.07 0.88 -7.04
CA ASN A 92 -2.25 0.91 -8.49
C ASN A 92 -1.14 0.12 -9.16
N TRP A 93 -1.53 -0.90 -9.90
CA TRP A 93 -0.59 -1.79 -10.57
C TRP A 93 -0.20 -1.23 -11.93
N VAL A 94 1.03 -0.72 -12.04
CA VAL A 94 1.51 -0.16 -13.30
C VAL A 94 2.21 -1.24 -14.13
N TRP A 95 1.76 -1.41 -15.36
CA TRP A 95 2.35 -2.38 -16.28
C TRP A 95 2.91 -1.67 -17.49
N ASN A 96 2.23 -0.61 -17.88
CA ASN A 96 2.55 0.17 -19.07
C ASN A 96 1.68 1.43 -19.13
N PRO A 97 0.35 1.31 -18.91
CA PRO A 97 -0.51 2.47 -18.68
C PRO A 97 -0.07 3.18 -17.39
N PRO A 98 -0.07 4.52 -17.36
CA PRO A 98 0.44 5.27 -16.20
C PRO A 98 -0.39 5.03 -14.92
N TRP A 99 -1.35 5.90 -14.65
CA TRP A 99 -2.12 5.83 -13.41
C TRP A 99 -3.55 6.30 -13.67
N GLY A 100 -4.53 5.47 -13.34
CA GLY A 100 -5.92 5.82 -13.56
C GLY A 100 -6.90 4.83 -12.94
N PRO A 101 -7.44 3.88 -13.74
CA PRO A 101 -8.48 2.94 -13.28
C PRO A 101 -7.98 2.05 -12.13
N ASP A 102 -6.72 1.64 -12.22
CA ASP A 102 -6.13 0.72 -11.25
C ASP A 102 -6.00 1.37 -9.87
N LYS A 103 -6.33 2.66 -9.78
CA LYS A 103 -6.40 3.36 -8.50
C LYS A 103 -7.68 2.98 -7.75
N ILE A 104 -8.47 2.08 -8.33
CA ILE A 104 -9.68 1.58 -7.70
C ILE A 104 -9.51 0.09 -7.35
N THR A 105 -9.53 -0.21 -6.06
CA THR A 105 -9.36 -1.58 -5.57
C THR A 105 -10.69 -2.33 -5.56
N GLU A 106 -10.60 -3.65 -5.38
CA GLU A 106 -11.78 -4.53 -5.33
C GLU A 106 -12.71 -4.12 -4.19
N ASP A 107 -12.17 -3.43 -3.19
CA ASP A 107 -12.94 -3.05 -2.00
C ASP A 107 -14.17 -2.23 -2.39
N GLY A 108 -13.95 -1.17 -3.16
CA GLY A 108 -15.04 -0.30 -3.57
C GLY A 108 -15.79 -0.86 -4.76
N ARG A 109 -15.10 -1.64 -5.57
CA ARG A 109 -15.69 -2.23 -6.77
C ARG A 109 -16.76 -3.26 -6.36
N GLU A 110 -16.46 -4.02 -5.31
CA GLU A 110 -17.35 -5.07 -4.85
C GLU A 110 -18.54 -4.50 -4.07
N GLN A 111 -18.24 -3.75 -3.01
CA GLN A 111 -19.28 -3.21 -2.14
C GLN A 111 -18.90 -1.81 -1.65
N LEU A 112 -19.87 -0.92 -1.61
CA LEU A 112 -19.64 0.44 -1.12
C LEU A 112 -19.38 0.43 0.38
N ARG A 113 -18.47 1.30 0.81
CA ARG A 113 -17.96 1.32 2.18
C ARG A 113 -19.09 1.46 3.22
N ALA A 114 -20.17 2.13 2.81
CA ALA A 114 -21.31 2.40 3.70
C ALA A 114 -22.03 1.12 4.14
N LEU A 115 -21.66 -0.02 3.55
CA LEU A 115 -22.29 -1.31 3.89
C LEU A 115 -21.77 -1.89 5.21
N GLY A 116 -21.07 -1.06 5.99
CA GLY A 116 -20.58 -1.50 7.30
C GLY A 116 -21.72 -1.88 8.23
N PHE A 117 -22.06 -3.16 8.23
CA PHE A 117 -23.21 -3.67 8.99
C PHE A 117 -22.95 -3.60 10.50
N THR A 118 -23.60 -2.64 11.16
CA THR A 118 -23.52 -2.51 12.61
C THR A 118 -24.92 -2.44 13.21
N VAL A 119 -25.17 -3.27 14.23
CA VAL A 119 -26.46 -3.29 14.91
C VAL A 119 -26.44 -2.28 16.06
N GLY A 1 19.12 -3.02 1.35
CA GLY A 1 19.13 -2.74 -0.10
C GLY A 1 18.99 -1.25 -0.39
N PRO A 2 19.16 -0.83 -1.67
CA PRO A 2 19.03 0.58 -2.06
C PRO A 2 17.73 1.22 -1.56
N GLY A 3 16.60 0.60 -1.89
CA GLY A 3 15.31 1.09 -1.43
C GLY A 3 15.08 0.78 0.03
N SER A 4 15.76 1.52 0.90
CA SER A 4 15.70 1.28 2.34
C SER A 4 14.41 1.85 2.95
N MET A 5 14.03 3.05 2.50
CA MET A 5 12.80 3.70 2.95
C MET A 5 12.18 4.51 1.81
N SER A 6 10.86 4.62 1.80
CA SER A 6 10.13 5.36 0.76
C SER A 6 8.87 5.99 1.34
N GLU A 7 8.79 6.05 2.66
CA GLU A 7 7.60 6.53 3.36
C GLU A 7 7.52 8.05 3.31
N THR A 8 6.36 8.58 2.94
CA THR A 8 6.15 10.02 2.82
C THR A 8 5.10 10.52 3.83
N SER A 9 4.60 9.61 4.65
CA SER A 9 3.51 9.93 5.57
C SER A 9 3.94 9.75 7.03
N ALA A 10 3.17 10.37 7.93
CA ALA A 10 3.38 10.26 9.38
C ALA A 10 4.59 11.08 9.85
N PRO A 11 4.49 11.70 11.04
CA PRO A 11 5.60 12.46 11.63
C PRO A 11 6.77 11.56 12.03
N ALA A 12 7.98 12.10 11.96
CA ALA A 12 9.23 11.34 12.14
C ALA A 12 9.19 10.43 13.37
N GLU A 13 8.81 10.96 14.52
CA GLU A 13 8.90 10.23 15.79
C GLU A 13 8.11 8.91 15.73
N GLU A 14 6.87 8.98 15.27
CA GLU A 14 6.02 7.80 15.15
C GLU A 14 6.44 6.95 13.96
N LEU A 15 6.64 7.61 12.82
CA LEU A 15 6.96 6.94 11.56
C LEU A 15 8.17 6.02 11.73
N LEU A 16 9.21 6.52 12.38
CA LEU A 16 10.46 5.79 12.55
C LEU A 16 10.20 4.39 13.15
N ALA A 17 9.62 4.38 14.35
CA ALA A 17 9.39 3.13 15.07
C ALA A 17 8.36 2.28 14.36
N ASP A 18 7.28 2.91 13.91
CA ASP A 18 6.16 2.21 13.29
C ASP A 18 6.62 1.50 12.02
N VAL A 19 7.35 2.22 11.17
CA VAL A 19 7.86 1.65 9.93
C VAL A 19 8.95 0.63 10.24
N GLU A 20 9.72 0.88 11.29
CA GLU A 20 10.76 -0.05 11.73
C GLU A 20 10.14 -1.43 11.94
N GLU A 21 9.04 -1.46 12.68
CA GLU A 21 8.31 -2.71 12.92
C GLU A 21 7.65 -3.20 11.63
N ALA A 22 6.90 -2.31 10.98
CA ALA A 22 6.12 -2.66 9.80
C ALA A 22 6.98 -3.27 8.69
N MET A 23 8.21 -2.78 8.59
CA MET A 23 9.14 -3.24 7.54
C MET A 23 9.39 -4.74 7.64
N ARG A 24 9.21 -5.30 8.84
CA ARG A 24 9.44 -6.73 9.07
C ARG A 24 8.43 -7.59 8.30
N ASP A 25 7.34 -6.97 7.85
CA ASP A 25 6.29 -7.69 7.13
C ASP A 25 6.13 -7.10 5.73
N VAL A 26 6.54 -5.85 5.59
CA VAL A 26 6.59 -5.18 4.30
C VAL A 26 7.64 -5.82 3.39
N VAL A 27 8.78 -6.19 3.97
CA VAL A 27 9.84 -6.86 3.24
C VAL A 27 9.63 -8.37 3.32
N ASP A 28 10.11 -9.10 2.33
CA ASP A 28 10.15 -10.57 2.39
C ASP A 28 11.50 -10.99 2.95
N PRO A 29 11.56 -11.28 4.27
CA PRO A 29 12.81 -11.63 4.93
C PRO A 29 13.14 -13.12 4.80
N GLU A 30 12.19 -13.88 4.25
CA GLU A 30 12.38 -15.32 4.07
C GLU A 30 13.43 -15.58 3.00
N LEU A 31 13.21 -15.06 1.79
CA LEU A 31 14.18 -15.22 0.70
C LEU A 31 15.00 -13.95 0.53
N GLY A 32 14.50 -12.85 1.07
CA GLY A 32 15.25 -11.59 1.05
C GLY A 32 14.92 -10.74 -0.15
N ILE A 33 13.63 -10.45 -0.32
CA ILE A 33 13.17 -9.55 -1.39
C ILE A 33 12.49 -8.34 -0.76
N ASN A 34 12.68 -7.18 -1.36
CA ASN A 34 12.12 -5.93 -0.82
C ASN A 34 11.29 -5.22 -1.88
N VAL A 35 9.98 -5.21 -1.68
CA VAL A 35 9.05 -4.58 -2.62
C VAL A 35 9.44 -3.13 -2.89
N VAL A 36 9.82 -2.42 -1.83
CA VAL A 36 10.22 -1.01 -1.95
C VAL A 36 11.39 -0.87 -2.93
N ASP A 37 12.23 -1.90 -2.99
CA ASP A 37 13.46 -1.87 -3.78
C ASP A 37 13.14 -1.90 -5.27
N LEU A 38 11.89 -2.28 -5.62
CA LEU A 38 11.44 -2.23 -7.02
C LEU A 38 11.44 -0.79 -7.52
N GLY A 39 11.48 0.15 -6.58
CA GLY A 39 11.66 1.56 -6.89
C GLY A 39 10.45 2.22 -7.54
N LEU A 40 9.27 1.65 -7.34
CA LEU A 40 8.03 2.32 -7.75
C LEU A 40 7.39 3.03 -6.55
N VAL A 41 7.66 2.50 -5.37
CA VAL A 41 6.96 2.91 -4.16
C VAL A 41 7.22 4.39 -3.82
N TYR A 42 8.20 4.99 -4.49
CA TYR A 42 8.48 6.42 -4.33
C TYR A 42 7.27 7.24 -4.77
N GLY A 43 6.39 6.61 -5.52
CA GLY A 43 5.11 7.20 -5.88
C GLY A 43 4.06 6.91 -4.83
N LEU A 44 4.29 7.41 -3.63
CA LEU A 44 3.41 7.17 -2.49
C LEU A 44 2.99 8.51 -1.89
N ASP A 45 1.69 8.69 -1.72
CA ASP A 45 1.14 9.90 -1.10
C ASP A 45 -0.14 9.52 -0.38
N VAL A 46 -0.73 10.46 0.36
CA VAL A 46 -2.03 10.23 0.96
C VAL A 46 -2.90 11.48 0.78
N GLN A 47 -4.13 11.27 0.34
CA GLN A 47 -5.06 12.38 0.09
C GLN A 47 -6.30 12.22 0.94
N ASP A 48 -6.86 13.33 1.39
CA ASP A 48 -8.02 13.29 2.28
C ASP A 48 -9.31 13.54 1.51
N GLY A 49 -10.27 12.66 1.71
CA GLY A 49 -11.64 12.96 1.34
C GLY A 49 -12.34 13.57 2.51
N ASP A 50 -13.49 14.20 2.30
CA ASP A 50 -14.18 14.85 3.42
C ASP A 50 -14.65 13.81 4.42
N GLU A 51 -14.72 12.56 3.97
CA GLU A 51 -15.09 11.43 4.82
C GLU A 51 -13.90 11.02 5.69
N GLY A 52 -12.71 11.05 5.09
CA GLY A 52 -11.51 10.64 5.78
C GLY A 52 -10.32 10.59 4.84
N THR A 53 -9.14 10.42 5.41
CA THR A 53 -7.90 10.37 4.63
C THR A 53 -7.62 8.96 4.11
N VAL A 54 -7.36 8.87 2.80
CA VAL A 54 -7.03 7.60 2.14
C VAL A 54 -5.62 7.65 1.56
N ALA A 55 -4.89 6.55 1.68
CA ALA A 55 -3.52 6.46 1.18
C ALA A 55 -3.49 6.10 -0.31
N LEU A 56 -2.41 6.49 -0.98
CA LEU A 56 -2.20 6.19 -2.40
C LEU A 56 -0.82 5.57 -2.59
N ILE A 57 -0.76 4.36 -3.15
CA ILE A 57 0.52 3.68 -3.35
C ILE A 57 0.64 3.17 -4.79
N ASP A 58 1.63 3.69 -5.52
CA ASP A 58 1.94 3.21 -6.87
C ASP A 58 2.87 2.00 -6.78
N MET A 59 2.41 0.85 -7.28
CA MET A 59 3.15 -0.41 -7.14
C MET A 59 3.10 -1.25 -8.41
N THR A 60 3.90 -2.30 -8.43
CA THR A 60 3.94 -3.25 -9.54
C THR A 60 4.42 -4.61 -9.01
N LEU A 61 4.49 -5.59 -9.91
CA LEU A 61 4.88 -6.94 -9.55
C LEU A 61 6.12 -7.36 -10.33
N THR A 62 6.87 -8.32 -9.80
CA THR A 62 8.15 -8.75 -10.37
C THR A 62 8.05 -9.00 -11.88
N SER A 63 7.19 -9.94 -12.27
CA SER A 63 6.97 -10.24 -13.69
C SER A 63 5.66 -9.64 -14.17
N ALA A 64 4.98 -8.92 -13.27
CA ALA A 64 3.67 -8.32 -13.52
C ALA A 64 2.60 -9.38 -13.86
N ALA A 65 2.96 -10.65 -13.71
CA ALA A 65 2.02 -11.75 -13.92
C ALA A 65 1.90 -12.58 -12.63
N CYS A 66 2.75 -12.26 -11.66
CA CYS A 66 2.82 -13.00 -10.41
C CYS A 66 1.65 -12.63 -9.49
N PRO A 67 1.12 -13.58 -8.71
CA PRO A 67 -0.02 -13.35 -7.83
C PRO A 67 0.39 -12.65 -6.53
N LEU A 68 1.47 -11.87 -6.59
CA LEU A 68 2.06 -11.25 -5.40
C LEU A 68 1.24 -10.03 -4.97
N THR A 69 0.26 -9.67 -5.80
CA THR A 69 -0.62 -8.56 -5.47
C THR A 69 -1.32 -8.83 -4.13
N ASP A 70 -1.64 -10.10 -3.90
CA ASP A 70 -2.30 -10.53 -2.66
C ASP A 70 -1.42 -10.23 -1.44
N VAL A 71 -0.15 -10.64 -1.50
CA VAL A 71 0.75 -10.46 -0.37
C VAL A 71 1.08 -8.98 -0.15
N ILE A 72 1.27 -8.21 -1.22
CA ILE A 72 1.58 -6.78 -1.07
C ILE A 72 0.36 -6.04 -0.50
N GLU A 73 -0.83 -6.41 -0.96
CA GLU A 73 -2.07 -5.85 -0.41
C GLU A 73 -2.19 -6.18 1.07
N ASP A 74 -1.94 -7.45 1.41
CA ASP A 74 -2.07 -7.92 2.78
C ASP A 74 -1.16 -7.12 3.72
N GLN A 75 0.12 -7.02 3.35
CA GLN A 75 1.10 -6.34 4.19
C GLN A 75 0.78 -4.85 4.31
N SER A 76 0.45 -4.21 3.18
CA SER A 76 0.17 -2.78 3.16
C SER A 76 -1.11 -2.47 3.94
N ARG A 77 -2.21 -3.12 3.56
CA ARG A 77 -3.51 -2.88 4.21
C ARG A 77 -3.40 -3.10 5.71
N SER A 78 -2.89 -4.27 6.09
CA SER A 78 -2.87 -4.71 7.48
C SER A 78 -2.08 -3.73 8.36
N ALA A 79 -0.92 -3.30 7.89
CA ALA A 79 -0.07 -2.42 8.67
C ALA A 79 -0.65 -1.00 8.72
N LEU A 80 -0.97 -0.45 7.56
CA LEU A 80 -1.44 0.93 7.45
C LEU A 80 -2.69 1.14 8.30
N VAL A 81 -3.57 0.14 8.33
CA VAL A 81 -4.74 0.21 9.20
C VAL A 81 -4.37 -0.10 10.65
N GLY A 82 -3.32 -0.90 10.82
CA GLY A 82 -2.97 -1.37 12.16
C GLY A 82 -2.55 -0.24 13.07
N SER A 83 -1.76 0.68 12.54
CA SER A 83 -1.28 1.82 13.30
C SER A 83 -2.19 3.03 13.09
N GLY A 84 -3.25 2.84 12.31
CA GLY A 84 -4.21 3.90 12.07
C GLY A 84 -3.58 5.10 11.39
N LEU A 85 -2.62 4.86 10.51
CA LEU A 85 -1.99 5.93 9.74
C LEU A 85 -3.00 6.50 8.75
N VAL A 86 -3.82 5.62 8.22
CA VAL A 86 -4.91 5.98 7.32
C VAL A 86 -6.09 5.04 7.55
N ASP A 87 -7.29 5.50 7.26
CA ASP A 87 -8.48 4.68 7.40
C ASP A 87 -8.50 3.57 6.36
N ASP A 88 -8.17 3.94 5.13
CA ASP A 88 -8.15 3.01 4.01
C ASP A 88 -6.98 3.35 3.09
N ILE A 89 -6.51 2.38 2.31
CA ILE A 89 -5.40 2.60 1.40
C ILE A 89 -5.79 2.19 -0.01
N ARG A 90 -5.31 2.93 -0.99
CA ARG A 90 -5.59 2.67 -2.38
C ARG A 90 -4.29 2.49 -3.16
N ILE A 91 -4.01 1.23 -3.51
CA ILE A 91 -2.82 0.90 -4.28
C ILE A 91 -3.18 0.81 -5.75
N ASN A 92 -2.43 1.51 -6.58
CA ASN A 92 -2.60 1.43 -8.02
C ASN A 92 -1.48 0.55 -8.59
N TRP A 93 -1.87 -0.62 -9.07
CA TRP A 93 -0.91 -1.58 -9.61
C TRP A 93 -0.66 -1.28 -11.09
N VAL A 94 0.51 -0.73 -11.38
CA VAL A 94 0.84 -0.38 -12.75
C VAL A 94 1.56 -1.54 -13.43
N TRP A 95 1.03 -2.00 -14.54
CA TRP A 95 1.64 -3.07 -15.31
C TRP A 95 1.94 -2.60 -16.73
N ASN A 96 1.16 -1.62 -17.18
CA ASN A 96 1.13 -1.18 -18.58
C ASN A 96 0.13 -0.03 -18.77
N PRO A 97 -1.12 -0.17 -18.27
CA PRO A 97 -2.14 0.88 -18.40
C PRO A 97 -1.81 2.13 -17.57
N PRO A 98 -2.28 3.32 -18.00
CA PRO A 98 -2.17 4.55 -17.22
C PRO A 98 -3.05 4.49 -15.98
N TRP A 99 -2.58 5.11 -14.89
CA TRP A 99 -3.25 5.03 -13.59
C TRP A 99 -4.74 5.34 -13.71
N GLY A 100 -5.57 4.32 -13.52
CA GLY A 100 -7.01 4.48 -13.62
C GLY A 100 -7.77 3.31 -13.04
N PRO A 101 -8.03 2.26 -13.85
CA PRO A 101 -8.76 1.06 -13.38
C PRO A 101 -7.96 0.31 -12.32
N ASP A 102 -6.64 0.45 -12.41
CA ASP A 102 -5.71 -0.18 -11.48
C ASP A 102 -5.82 0.43 -10.08
N LYS A 103 -6.64 1.48 -9.94
CA LYS A 103 -6.88 2.11 -8.64
C LYS A 103 -8.05 1.44 -7.92
N ILE A 104 -8.75 0.54 -8.61
CA ILE A 104 -9.92 -0.12 -8.03
C ILE A 104 -9.50 -1.20 -7.04
N THR A 105 -9.46 -0.84 -5.76
CA THR A 105 -9.09 -1.77 -4.71
C THR A 105 -10.23 -2.71 -4.34
N GLU A 106 -10.00 -3.57 -3.35
CA GLU A 106 -10.94 -4.62 -2.97
C GLU A 106 -12.35 -4.06 -2.73
N ASP A 107 -12.44 -2.87 -2.14
CA ASP A 107 -13.73 -2.24 -1.85
C ASP A 107 -14.56 -2.07 -3.12
N GLY A 108 -13.90 -1.66 -4.20
CA GLY A 108 -14.58 -1.46 -5.46
C GLY A 108 -15.24 -2.72 -5.97
N ARG A 109 -14.50 -3.82 -5.92
CA ARG A 109 -15.00 -5.11 -6.38
C ARG A 109 -16.01 -5.68 -5.38
N GLU A 110 -15.73 -5.46 -4.10
CA GLU A 110 -16.49 -6.04 -2.99
C GLU A 110 -17.98 -5.74 -3.11
N GLN A 111 -18.31 -4.52 -3.53
CA GLN A 111 -19.70 -4.09 -3.59
C GLN A 111 -20.18 -4.00 -5.03
N LEU A 112 -20.43 -5.18 -5.60
CA LEU A 112 -20.97 -5.30 -6.96
C LEU A 112 -21.96 -6.45 -6.96
N ARG A 113 -23.01 -6.32 -7.77
CA ARG A 113 -24.12 -7.28 -7.77
C ARG A 113 -23.65 -8.66 -8.25
N ALA A 114 -22.73 -8.67 -9.21
CA ALA A 114 -22.20 -9.91 -9.76
C ALA A 114 -21.56 -10.74 -8.66
N LEU A 115 -21.00 -10.06 -7.67
CA LEU A 115 -20.32 -10.71 -6.55
C LEU A 115 -21.24 -10.80 -5.34
N GLY A 116 -22.54 -10.70 -5.58
CA GLY A 116 -23.53 -10.88 -4.53
C GLY A 116 -23.66 -12.33 -4.11
N PHE A 117 -22.61 -12.85 -3.50
CA PHE A 117 -22.56 -14.24 -3.07
C PHE A 117 -22.14 -14.32 -1.60
N THR A 118 -22.65 -15.32 -0.90
CA THR A 118 -22.48 -15.46 0.55
C THR A 118 -21.01 -15.71 0.94
N VAL A 119 -20.19 -16.11 -0.03
CA VAL A 119 -18.78 -16.42 0.22
C VAL A 119 -17.89 -15.42 -0.50
N GLY A 1 16.73 -3.57 8.03
CA GLY A 1 15.41 -3.15 7.52
C GLY A 1 15.53 -2.05 6.47
N PRO A 2 15.24 -2.34 5.19
CA PRO A 2 15.29 -1.35 4.12
C PRO A 2 14.20 -0.28 4.27
N GLY A 3 14.30 0.78 3.47
CA GLY A 3 13.33 1.85 3.54
C GLY A 3 13.32 2.69 2.27
N SER A 4 12.64 3.83 2.32
CA SER A 4 12.54 4.72 1.17
C SER A 4 12.16 6.12 1.62
N MET A 5 11.78 6.97 0.67
CA MET A 5 11.36 8.35 0.96
C MET A 5 9.85 8.41 1.19
N SER A 6 9.26 7.25 1.46
CA SER A 6 7.81 7.14 1.65
C SER A 6 7.49 6.87 3.12
N GLU A 7 6.19 6.78 3.42
CA GLU A 7 5.69 6.55 4.77
C GLU A 7 6.30 7.54 5.77
N THR A 8 6.10 8.82 5.49
CA THR A 8 6.57 9.90 6.35
C THR A 8 5.47 10.37 7.30
N SER A 9 4.37 9.62 7.33
CA SER A 9 3.22 9.94 8.17
C SER A 9 3.50 9.60 9.64
N ALA A 10 2.78 10.26 10.56
CA ALA A 10 2.90 9.99 11.99
C ALA A 10 4.24 10.50 12.55
N PRO A 11 4.28 10.86 13.86
CA PRO A 11 5.50 11.33 14.50
C PRO A 11 6.61 10.27 14.52
N ALA A 12 7.84 10.73 14.69
CA ALA A 12 9.04 9.93 14.48
C ALA A 12 9.07 8.61 15.27
N GLU A 13 8.83 8.71 16.59
CA GLU A 13 9.03 7.55 17.48
C GLU A 13 8.19 6.36 17.04
N GLU A 14 6.90 6.57 16.85
CA GLU A 14 5.99 5.50 16.45
C GLU A 14 6.20 5.12 15.00
N LEU A 15 6.39 6.13 14.13
CA LEU A 15 6.58 5.88 12.70
C LEU A 15 7.74 4.91 12.49
N LEU A 16 8.82 5.11 13.23
CA LEU A 16 10.03 4.30 13.07
C LEU A 16 9.72 2.81 13.27
N ALA A 17 9.15 2.49 14.42
CA ALA A 17 8.85 1.11 14.77
C ALA A 17 7.84 0.50 13.79
N ASP A 18 6.73 1.21 13.60
CA ASP A 18 5.64 0.71 12.74
C ASP A 18 6.11 0.52 11.31
N VAL A 19 6.90 1.48 10.79
CA VAL A 19 7.35 1.39 9.41
C VAL A 19 8.36 0.26 9.24
N GLU A 20 9.27 0.11 10.22
CA GLU A 20 10.27 -0.95 10.15
C GLU A 20 9.58 -2.31 10.12
N GLU A 21 8.61 -2.49 11.00
CA GLU A 21 7.83 -3.72 11.04
C GLU A 21 7.07 -3.94 9.72
N ALA A 22 6.35 -2.91 9.27
CA ALA A 22 5.59 -2.99 8.03
C ALA A 22 6.52 -3.40 6.87
N MET A 23 7.68 -2.76 6.82
CA MET A 23 8.69 -3.03 5.80
C MET A 23 9.08 -4.51 5.84
N ARG A 24 8.99 -5.12 7.01
CA ARG A 24 9.37 -6.53 7.18
C ARG A 24 8.31 -7.45 6.57
N ASP A 25 7.08 -6.98 6.45
CA ASP A 25 5.98 -7.81 5.94
C ASP A 25 5.67 -7.49 4.48
N VAL A 26 6.07 -6.31 4.01
CA VAL A 26 5.91 -5.96 2.60
C VAL A 26 7.13 -6.43 1.79
N VAL A 27 8.22 -6.71 2.50
CA VAL A 27 9.44 -7.22 1.88
C VAL A 27 9.38 -8.75 1.83
N ASP A 28 10.30 -9.36 1.09
CA ASP A 28 10.48 -10.81 1.12
C ASP A 28 11.74 -11.14 1.91
N PRO A 29 11.62 -11.38 3.22
CA PRO A 29 12.77 -11.69 4.07
C PRO A 29 13.13 -13.18 4.03
N GLU A 30 12.31 -13.95 3.33
CA GLU A 30 12.52 -15.38 3.18
C GLU A 30 13.75 -15.66 2.33
N LEU A 31 13.75 -15.15 1.10
CA LEU A 31 14.91 -15.27 0.22
C LEU A 31 15.71 -13.96 0.21
N GLY A 32 15.07 -12.88 0.64
CA GLY A 32 15.75 -11.61 0.80
C GLY A 32 15.63 -10.71 -0.42
N ILE A 33 14.40 -10.53 -0.90
CA ILE A 33 14.13 -9.60 -2.00
C ILE A 33 13.32 -8.43 -1.49
N ASN A 34 13.64 -7.23 -1.96
CA ASN A 34 12.97 -6.02 -1.51
C ASN A 34 12.34 -5.29 -2.70
N VAL A 35 11.01 -5.26 -2.71
CA VAL A 35 10.25 -4.61 -3.78
C VAL A 35 10.61 -3.14 -3.90
N VAL A 36 11.02 -2.54 -2.79
CA VAL A 36 11.42 -1.13 -2.76
C VAL A 36 12.57 -0.86 -3.72
N ASP A 37 13.36 -1.90 -4.03
CA ASP A 37 14.48 -1.79 -4.96
C ASP A 37 14.03 -1.31 -6.34
N LEU A 38 12.76 -1.57 -6.66
CA LEU A 38 12.17 -1.15 -7.94
C LEU A 38 12.02 0.38 -7.95
N GLY A 39 12.13 0.99 -6.78
CA GLY A 39 12.09 2.44 -6.64
C GLY A 39 10.79 3.05 -7.12
N LEU A 40 9.72 2.25 -7.14
CA LEU A 40 8.40 2.76 -7.53
C LEU A 40 7.59 3.15 -6.30
N VAL A 41 8.05 2.68 -5.13
CA VAL A 41 7.38 2.98 -3.86
C VAL A 41 7.36 4.50 -3.62
N TYR A 42 8.19 5.22 -4.37
CA TYR A 42 8.22 6.69 -4.35
C TYR A 42 6.83 7.25 -4.67
N GLY A 43 6.02 6.45 -5.38
CA GLY A 43 4.68 6.85 -5.72
C GLY A 43 3.74 6.82 -4.52
N LEU A 44 3.98 7.72 -3.58
CA LEU A 44 3.14 7.87 -2.40
C LEU A 44 2.40 9.19 -2.46
N ASP A 45 1.08 9.15 -2.24
CA ASP A 45 0.28 10.36 -2.18
C ASP A 45 -0.99 10.09 -1.40
N VAL A 46 -1.09 10.64 -0.20
CA VAL A 46 -2.24 10.39 0.67
C VAL A 46 -3.26 11.52 0.54
N GLN A 47 -4.46 11.18 0.09
CA GLN A 47 -5.55 12.15 -0.01
C GLN A 47 -6.43 12.03 1.23
N ASP A 48 -6.56 13.12 1.97
CA ASP A 48 -7.34 13.12 3.22
C ASP A 48 -8.66 13.86 3.00
N GLY A 49 -9.72 13.33 3.58
CA GLY A 49 -11.02 13.99 3.51
C GLY A 49 -12.10 13.22 4.21
N ASP A 50 -13.25 13.86 4.41
CA ASP A 50 -14.41 13.23 5.04
C ASP A 50 -14.95 12.09 4.17
N GLU A 51 -14.57 12.12 2.89
CA GLU A 51 -14.93 11.07 1.93
C GLU A 51 -14.16 9.79 2.24
N GLY A 52 -13.16 9.90 3.11
CA GLY A 52 -12.32 8.77 3.45
C GLY A 52 -10.85 9.09 3.28
N THR A 53 -10.10 9.08 4.39
CA THR A 53 -8.66 9.34 4.33
C THR A 53 -7.94 8.17 3.66
N VAL A 54 -7.59 8.37 2.41
CA VAL A 54 -7.05 7.31 1.57
C VAL A 54 -5.58 7.57 1.20
N ALA A 55 -4.73 6.59 1.51
CA ALA A 55 -3.32 6.65 1.14
C ALA A 55 -3.09 5.95 -0.20
N LEU A 56 -2.69 6.72 -1.22
CA LEU A 56 -2.43 6.16 -2.55
C LEU A 56 -0.99 5.63 -2.62
N ILE A 57 -0.86 4.34 -2.87
CA ILE A 57 0.44 3.68 -2.99
C ILE A 57 0.60 3.12 -4.40
N ASP A 58 1.70 3.45 -5.06
CA ASP A 58 1.97 2.96 -6.42
C ASP A 58 3.08 1.91 -6.37
N MET A 59 2.76 0.66 -6.74
CA MET A 59 3.75 -0.43 -6.65
C MET A 59 3.67 -1.37 -7.84
N THR A 60 4.66 -2.27 -7.91
CA THR A 60 4.71 -3.33 -8.89
C THR A 60 5.58 -4.48 -8.36
N LEU A 61 5.17 -5.71 -8.60
CA LEU A 61 5.96 -6.88 -8.20
C LEU A 61 7.01 -7.19 -9.28
N THR A 62 7.97 -8.05 -8.95
CA THR A 62 9.07 -8.39 -9.87
C THR A 62 8.53 -8.77 -11.26
N SER A 63 7.55 -9.67 -11.30
CA SER A 63 6.92 -10.07 -12.55
C SER A 63 5.55 -9.38 -12.72
N ALA A 64 5.09 -8.77 -11.62
CA ALA A 64 3.82 -8.04 -11.59
C ALA A 64 2.61 -8.95 -11.86
N ALA A 65 2.84 -10.25 -11.92
CA ALA A 65 1.77 -11.22 -12.12
C ALA A 65 1.70 -12.20 -10.95
N CYS A 66 2.76 -12.24 -10.15
CA CYS A 66 2.86 -13.18 -9.04
C CYS A 66 1.82 -12.86 -7.95
N PRO A 67 1.28 -13.91 -7.27
CA PRO A 67 0.19 -13.77 -6.28
C PRO A 67 0.64 -13.17 -4.95
N LEU A 68 1.53 -12.19 -5.00
CA LEU A 68 1.95 -11.45 -3.79
C LEU A 68 1.09 -10.21 -3.60
N THR A 69 0.32 -9.87 -4.64
CA THR A 69 -0.54 -8.68 -4.65
C THR A 69 -1.40 -8.59 -3.39
N ASP A 70 -2.21 -9.63 -3.14
CA ASP A 70 -3.16 -9.61 -2.04
C ASP A 70 -2.43 -9.60 -0.70
N VAL A 71 -1.27 -10.25 -0.65
CA VAL A 71 -0.48 -10.32 0.57
C VAL A 71 -0.01 -8.95 0.99
N ILE A 72 0.65 -8.23 0.08
CA ILE A 72 1.19 -6.91 0.40
C ILE A 72 0.08 -5.86 0.54
N GLU A 73 -1.05 -6.07 -0.16
CA GLU A 73 -2.22 -5.20 0.02
C GLU A 73 -2.79 -5.34 1.42
N ASP A 74 -2.93 -6.58 1.87
CA ASP A 74 -3.43 -6.88 3.21
C ASP A 74 -2.49 -6.29 4.26
N GLN A 75 -1.20 -6.56 4.11
CA GLN A 75 -0.18 -6.04 5.02
C GLN A 75 -0.22 -4.51 5.05
N SER A 76 -0.31 -3.91 3.87
CA SER A 76 -0.34 -2.46 3.75
C SER A 76 -1.51 -1.87 4.52
N ARG A 77 -2.74 -2.21 4.12
CA ARG A 77 -3.93 -1.66 4.78
C ARG A 77 -3.88 -1.92 6.28
N SER A 78 -3.59 -3.17 6.66
CA SER A 78 -3.57 -3.58 8.05
C SER A 78 -2.63 -2.69 8.88
N ALA A 79 -1.44 -2.43 8.36
CA ALA A 79 -0.45 -1.65 9.09
C ALA A 79 -0.83 -0.18 9.13
N LEU A 80 -1.13 0.38 7.96
CA LEU A 80 -1.43 1.81 7.84
C LEU A 80 -2.64 2.19 8.71
N VAL A 81 -3.57 1.25 8.85
CA VAL A 81 -4.71 1.47 9.74
C VAL A 81 -4.34 1.11 11.18
N GLY A 82 -3.38 0.19 11.31
CA GLY A 82 -3.03 -0.33 12.63
C GLY A 82 -2.30 0.68 13.48
N SER A 83 -1.60 1.60 12.80
CA SER A 83 -0.87 2.67 13.48
C SER A 83 -1.71 3.96 13.49
N GLY A 84 -2.92 3.86 12.93
CA GLY A 84 -3.81 5.01 12.89
C GLY A 84 -3.36 6.08 11.93
N LEU A 85 -2.56 5.68 10.94
CA LEU A 85 -2.08 6.62 9.92
C LEU A 85 -3.25 7.10 9.08
N VAL A 86 -3.93 6.14 8.47
CA VAL A 86 -5.10 6.38 7.65
C VAL A 86 -6.16 5.32 7.95
N ASP A 87 -7.25 5.31 7.21
CA ASP A 87 -8.27 4.28 7.35
C ASP A 87 -8.41 3.54 6.03
N ASP A 88 -8.34 4.30 4.95
CA ASP A 88 -8.48 3.76 3.60
C ASP A 88 -7.15 3.88 2.87
N ILE A 89 -6.91 2.97 1.92
CA ILE A 89 -5.73 3.04 1.07
C ILE A 89 -6.12 2.66 -0.36
N ARG A 90 -5.20 2.86 -1.28
CA ARG A 90 -5.37 2.40 -2.66
C ARG A 90 -4.01 2.06 -3.25
N ILE A 91 -3.74 0.77 -3.41
CA ILE A 91 -2.52 0.32 -4.07
C ILE A 91 -2.78 0.09 -5.54
N ASN A 92 -2.04 0.80 -6.38
CA ASN A 92 -2.15 0.67 -7.83
C ASN A 92 -1.03 -0.21 -8.35
N TRP A 93 -1.37 -1.17 -9.20
CA TRP A 93 -0.39 -2.09 -9.75
C TRP A 93 0.05 -1.63 -11.14
N VAL A 94 1.26 -1.10 -11.24
CA VAL A 94 1.79 -0.68 -12.53
C VAL A 94 2.47 -1.86 -13.20
N TRP A 95 2.05 -2.18 -14.41
CA TRP A 95 2.66 -3.25 -15.18
C TRP A 95 3.56 -2.65 -16.25
N ASN A 96 3.13 -1.50 -16.76
CA ASN A 96 3.79 -0.79 -17.85
C ASN A 96 2.86 0.33 -18.36
N PRO A 97 1.54 0.03 -18.55
CA PRO A 97 0.53 1.06 -18.88
C PRO A 97 0.44 2.16 -17.80
N PRO A 98 -0.14 3.33 -18.14
CA PRO A 98 -0.27 4.46 -17.22
C PRO A 98 -1.34 4.23 -16.15
N TRP A 99 -1.54 5.24 -15.31
CA TRP A 99 -2.47 5.18 -14.19
C TRP A 99 -3.87 5.63 -14.63
N GLY A 100 -4.73 5.95 -13.67
CA GLY A 100 -6.08 6.41 -13.98
C GLY A 100 -6.94 6.58 -12.73
N PRO A 101 -8.24 6.87 -12.91
CA PRO A 101 -9.19 7.08 -11.79
C PRO A 101 -9.36 5.82 -10.93
N ASP A 102 -8.74 4.73 -11.37
CA ASP A 102 -8.77 3.46 -10.62
C ASP A 102 -8.20 3.66 -9.22
N LYS A 103 -7.42 4.73 -9.04
CA LYS A 103 -6.79 5.01 -7.76
C LYS A 103 -7.80 5.57 -6.74
N ILE A 104 -9.07 5.61 -7.12
CA ILE A 104 -10.14 5.91 -6.18
C ILE A 104 -10.74 4.61 -5.65
N THR A 105 -10.31 4.18 -4.46
CA THR A 105 -10.79 2.97 -3.82
C THR A 105 -12.31 2.88 -3.76
N GLU A 106 -12.81 1.68 -3.44
CA GLU A 106 -14.24 1.38 -3.35
C GLU A 106 -14.96 2.39 -2.45
N ASP A 107 -14.40 2.58 -1.27
CA ASP A 107 -15.01 3.44 -0.25
C ASP A 107 -15.23 4.86 -0.78
N GLY A 108 -14.23 5.37 -1.49
CA GLY A 108 -14.35 6.68 -2.10
C GLY A 108 -15.38 6.68 -3.23
N ARG A 109 -15.42 5.58 -3.96
CA ARG A 109 -16.35 5.43 -5.08
C ARG A 109 -17.79 5.39 -4.59
N GLU A 110 -18.01 4.77 -3.43
CA GLU A 110 -19.35 4.63 -2.85
C GLU A 110 -20.00 5.99 -2.65
N GLN A 111 -19.19 6.96 -2.26
CA GLN A 111 -19.70 8.25 -1.79
C GLN A 111 -19.76 9.26 -2.93
N LEU A 112 -19.70 8.77 -4.17
CA LEU A 112 -19.81 9.62 -5.35
C LEU A 112 -21.09 9.27 -6.12
N ARG A 113 -21.70 10.29 -6.71
CA ARG A 113 -22.93 10.11 -7.49
C ARG A 113 -22.73 9.11 -8.62
N ALA A 114 -21.49 9.05 -9.12
CA ALA A 114 -21.13 8.14 -10.22
C ALA A 114 -21.37 6.68 -9.84
N LEU A 115 -21.47 6.40 -8.54
CA LEU A 115 -21.71 5.03 -8.07
C LEU A 115 -23.17 4.65 -8.36
N GLY A 116 -24.06 5.63 -8.26
CA GLY A 116 -25.47 5.41 -8.49
C GLY A 116 -26.08 4.50 -7.45
N PHE A 117 -26.14 3.21 -7.77
CA PHE A 117 -26.75 2.20 -6.89
C PHE A 117 -28.17 2.62 -6.49
N THR A 118 -29.13 2.36 -7.37
CA THR A 118 -30.53 2.69 -7.12
C THR A 118 -31.37 1.42 -7.05
N VAL A 119 -30.69 0.27 -7.13
CA VAL A 119 -31.33 -1.03 -7.13
C VAL A 119 -32.18 -1.21 -8.40
N GLY A 1 16.81 -1.93 3.92
CA GLY A 1 16.53 -1.12 2.71
C GLY A 1 17.03 0.30 2.85
N PRO A 2 18.13 0.67 2.18
CA PRO A 2 18.70 2.02 2.25
C PRO A 2 17.99 2.98 1.30
N GLY A 3 17.31 3.98 1.87
CA GLY A 3 16.67 5.02 1.08
C GLY A 3 15.32 4.60 0.54
N SER A 4 14.70 5.52 -0.22
CA SER A 4 13.40 5.27 -0.85
C SER A 4 12.27 5.17 0.18
N MET A 5 12.59 5.53 1.42
CA MET A 5 11.61 5.51 2.51
C MET A 5 10.56 6.61 2.29
N SER A 6 9.47 6.24 1.62
CA SER A 6 8.44 7.20 1.23
C SER A 6 7.31 7.23 2.26
N GLU A 7 7.19 6.15 3.01
CA GLU A 7 6.14 6.01 4.03
C GLU A 7 6.44 6.86 5.27
N THR A 8 7.55 7.60 5.23
CA THR A 8 7.98 8.44 6.34
C THR A 8 7.13 9.71 6.49
N SER A 9 5.85 9.61 6.14
CA SER A 9 4.92 10.74 6.20
C SER A 9 4.30 10.86 7.60
N ALA A 10 5.08 10.53 8.63
CA ALA A 10 4.61 10.56 10.01
C ALA A 10 5.76 10.97 10.93
N PRO A 11 5.46 11.50 12.14
CA PRO A 11 6.49 11.92 13.11
C PRO A 11 7.38 10.74 13.51
N ALA A 12 8.66 11.05 13.78
CA ALA A 12 9.70 10.03 13.95
C ALA A 12 9.31 8.92 14.94
N GLU A 13 8.73 9.31 16.07
CA GLU A 13 8.47 8.35 17.15
C GLU A 13 7.48 7.28 16.70
N GLU A 14 6.34 7.72 16.17
CA GLU A 14 5.29 6.81 15.72
C GLU A 14 5.71 6.10 14.42
N LEU A 15 6.30 6.87 13.52
CA LEU A 15 6.74 6.36 12.22
C LEU A 15 7.76 5.25 12.42
N LEU A 16 8.64 5.41 13.40
CA LEU A 16 9.66 4.40 13.69
C LEU A 16 9.01 3.05 13.94
N ALA A 17 8.05 3.02 14.86
CA ALA A 17 7.36 1.80 15.23
C ALA A 17 6.63 1.20 14.03
N ASP A 18 5.81 2.03 13.37
CA ASP A 18 4.98 1.56 12.26
C ASP A 18 5.84 1.05 11.11
N VAL A 19 6.84 1.84 10.72
CA VAL A 19 7.70 1.47 9.60
C VAL A 19 8.51 0.23 9.95
N GLU A 20 8.89 0.10 11.23
CA GLU A 20 9.62 -1.08 11.67
C GLU A 20 8.76 -2.33 11.45
N GLU A 21 7.49 -2.24 11.84
CA GLU A 21 6.56 -3.35 11.63
C GLU A 21 6.32 -3.58 10.14
N ALA A 22 6.06 -2.49 9.40
CA ALA A 22 5.81 -2.58 7.96
C ALA A 22 6.98 -3.24 7.25
N MET A 23 8.19 -2.83 7.60
CA MET A 23 9.43 -3.37 7.01
C MET A 23 9.57 -4.86 7.28
N ARG A 24 8.75 -5.38 8.18
CA ARG A 24 8.78 -6.80 8.57
C ARG A 24 7.90 -7.66 7.65
N ASP A 25 6.94 -7.03 6.95
CA ASP A 25 6.00 -7.78 6.10
C ASP A 25 6.10 -7.31 4.65
N VAL A 26 6.51 -6.06 4.49
CA VAL A 26 6.74 -5.48 3.19
C VAL A 26 8.04 -6.00 2.59
N VAL A 27 8.87 -6.59 3.44
CA VAL A 27 10.12 -7.17 3.02
C VAL A 27 9.96 -8.66 2.74
N ASP A 28 10.82 -9.20 1.90
CA ASP A 28 11.03 -10.63 1.82
C ASP A 28 12.24 -10.96 2.69
N PRO A 29 12.02 -11.26 3.99
CA PRO A 29 13.12 -11.43 4.93
C PRO A 29 13.73 -12.83 4.84
N GLU A 30 13.08 -13.67 4.04
CA GLU A 30 13.57 -15.03 3.78
C GLU A 30 14.85 -14.97 2.95
N LEU A 31 14.76 -14.34 1.77
CA LEU A 31 15.92 -14.14 0.91
C LEU A 31 16.58 -12.80 1.20
N GLY A 32 15.82 -11.92 1.86
CA GLY A 32 16.38 -10.67 2.37
C GLY A 32 16.38 -9.53 1.35
N ILE A 33 15.22 -9.26 0.75
CA ILE A 33 15.08 -8.10 -0.17
C ILE A 33 13.85 -7.29 0.23
N ASN A 34 13.96 -5.97 0.16
CA ASN A 34 12.86 -5.05 0.48
C ASN A 34 12.26 -4.50 -0.81
N VAL A 35 10.93 -4.57 -0.93
CA VAL A 35 10.23 -3.99 -2.07
C VAL A 35 10.58 -2.49 -2.18
N VAL A 36 10.77 -1.88 -1.01
CA VAL A 36 11.13 -0.46 -0.93
C VAL A 36 12.40 -0.17 -1.73
N ASP A 37 13.29 -1.16 -1.84
CA ASP A 37 14.55 -0.99 -2.56
C ASP A 37 14.33 -0.71 -4.04
N LEU A 38 13.18 -1.12 -4.56
CA LEU A 38 12.84 -0.88 -5.97
C LEU A 38 12.59 0.61 -6.20
N GLY A 39 12.37 1.34 -5.10
CA GLY A 39 12.12 2.77 -5.16
C GLY A 39 10.86 3.10 -5.96
N LEU A 40 9.96 2.14 -6.07
CA LEU A 40 8.70 2.33 -6.78
C LEU A 40 7.64 2.82 -5.79
N VAL A 41 7.85 2.49 -4.51
CA VAL A 41 6.96 2.93 -3.44
C VAL A 41 7.00 4.46 -3.30
N TYR A 42 7.93 5.08 -4.02
CA TYR A 42 8.07 6.54 -4.03
C TYR A 42 6.89 7.16 -4.77
N GLY A 43 6.19 6.34 -5.55
CA GLY A 43 4.96 6.76 -6.17
C GLY A 43 3.81 6.76 -5.17
N LEU A 44 4.03 7.43 -4.05
CA LEU A 44 3.05 7.51 -3.00
C LEU A 44 2.34 8.86 -3.04
N ASP A 45 1.03 8.81 -3.21
CA ASP A 45 0.19 10.01 -3.16
C ASP A 45 -0.92 9.77 -2.16
N VAL A 46 -0.88 10.42 -1.01
CA VAL A 46 -1.93 10.26 -0.03
C VAL A 46 -2.90 11.43 -0.13
N GLN A 47 -4.18 11.12 -0.24
CA GLN A 47 -5.21 12.13 -0.41
C GLN A 47 -6.23 12.07 0.71
N ASP A 48 -6.72 13.24 1.09
CA ASP A 48 -7.72 13.35 2.15
C ASP A 48 -9.12 13.11 1.59
N GLY A 49 -10.04 12.85 2.50
CA GLY A 49 -11.44 12.69 2.14
C GLY A 49 -12.34 12.94 3.32
N ASP A 50 -13.58 13.32 3.06
CA ASP A 50 -14.54 13.59 4.14
C ASP A 50 -14.84 12.32 4.93
N GLU A 51 -14.56 11.18 4.31
CA GLU A 51 -14.78 9.88 4.93
C GLU A 51 -13.53 9.44 5.70
N GLY A 52 -12.37 9.91 5.25
CA GLY A 52 -11.10 9.55 5.86
C GLY A 52 -9.94 9.82 4.93
N THR A 53 -8.72 9.59 5.41
CA THR A 53 -7.52 9.80 4.60
C THR A 53 -7.02 8.46 4.03
N VAL A 54 -6.77 8.45 2.73
CA VAL A 54 -6.35 7.23 2.03
C VAL A 54 -4.99 7.44 1.36
N ALA A 55 -4.12 6.43 1.48
CA ALA A 55 -2.79 6.47 0.89
C ALA A 55 -2.76 5.70 -0.43
N LEU A 56 -2.43 6.39 -1.52
CA LEU A 56 -2.36 5.75 -2.84
C LEU A 56 -0.92 5.34 -3.14
N ILE A 57 -0.66 4.04 -3.22
CA ILE A 57 0.69 3.52 -3.43
C ILE A 57 0.83 2.89 -4.82
N ASP A 58 1.73 3.44 -5.63
CA ASP A 58 1.98 2.90 -6.97
C ASP A 58 2.95 1.73 -6.89
N MET A 59 2.53 0.55 -7.36
CA MET A 59 3.35 -0.65 -7.30
C MET A 59 3.22 -1.48 -8.58
N THR A 60 4.17 -2.39 -8.79
CA THR A 60 4.17 -3.28 -9.92
C THR A 60 4.52 -4.69 -9.47
N LEU A 61 3.81 -5.69 -10.00
CA LEU A 61 4.10 -7.09 -9.69
C LEU A 61 5.14 -7.64 -10.65
N THR A 62 5.99 -8.55 -10.17
CA THR A 62 7.14 -9.07 -10.90
C THR A 62 6.88 -9.23 -12.41
N SER A 63 5.85 -10.00 -12.77
CA SER A 63 5.50 -10.23 -14.17
C SER A 63 4.07 -9.77 -14.45
N ALA A 64 3.50 -9.03 -13.50
CA ALA A 64 2.13 -8.52 -13.58
C ALA A 64 1.09 -9.65 -13.74
N ALA A 65 1.52 -10.89 -13.59
CA ALA A 65 0.63 -12.05 -13.70
C ALA A 65 0.63 -12.84 -12.40
N CYS A 66 1.16 -12.23 -11.35
CA CYS A 66 1.29 -12.90 -10.05
C CYS A 66 0.11 -12.52 -9.15
N PRO A 67 -0.43 -13.49 -8.37
CA PRO A 67 -1.55 -13.23 -7.44
C PRO A 67 -1.08 -12.57 -6.14
N LEU A 68 0.13 -12.00 -6.18
CA LEU A 68 0.73 -11.38 -5.00
C LEU A 68 -0.01 -10.11 -4.62
N THR A 69 -0.86 -9.64 -5.53
CA THR A 69 -1.60 -8.38 -5.37
C THR A 69 -2.30 -8.30 -4.01
N ASP A 70 -3.15 -9.28 -3.71
CA ASP A 70 -3.92 -9.26 -2.46
C ASP A 70 -3.00 -9.34 -1.26
N VAL A 71 -1.93 -10.13 -1.40
CA VAL A 71 -0.98 -10.34 -0.33
C VAL A 71 -0.31 -9.02 0.06
N ILE A 72 0.26 -8.33 -0.92
CA ILE A 72 0.97 -7.08 -0.64
C ILE A 72 0.02 -5.98 -0.19
N GLU A 73 -1.19 -5.97 -0.75
CA GLU A 73 -2.21 -5.03 -0.31
C GLU A 73 -2.57 -5.26 1.15
N ASP A 74 -2.78 -6.52 1.51
CA ASP A 74 -3.13 -6.88 2.87
C ASP A 74 -2.00 -6.52 3.84
N GLN A 75 -0.77 -6.88 3.48
CA GLN A 75 0.39 -6.59 4.34
C GLN A 75 0.51 -5.09 4.59
N SER A 76 0.57 -4.32 3.50
CA SER A 76 0.71 -2.87 3.59
C SER A 76 -0.46 -2.26 4.37
N ARG A 77 -1.69 -2.56 3.93
CA ARG A 77 -2.89 -2.03 4.59
C ARG A 77 -2.88 -2.38 6.07
N SER A 78 -2.50 -3.61 6.39
CA SER A 78 -2.55 -4.11 7.76
C SER A 78 -1.75 -3.21 8.69
N ALA A 79 -0.48 -2.94 8.35
CA ALA A 79 0.38 -2.15 9.22
C ALA A 79 0.02 -0.66 9.16
N LEU A 80 -0.05 -0.12 7.94
CA LEU A 80 -0.25 1.33 7.74
C LEU A 80 -1.57 1.80 8.37
N VAL A 81 -2.56 0.92 8.31
CA VAL A 81 -3.84 1.19 8.95
C VAL A 81 -3.80 0.76 10.42
N GLY A 82 -2.94 -0.21 10.72
CA GLY A 82 -2.89 -0.79 12.06
C GLY A 82 -2.44 0.22 13.10
N SER A 83 -1.36 0.93 12.80
CA SER A 83 -0.90 2.01 13.68
C SER A 83 -1.74 3.26 13.45
N GLY A 84 -2.36 3.33 12.27
CA GLY A 84 -3.28 4.41 11.96
C GLY A 84 -2.60 5.62 11.34
N LEU A 85 -1.77 5.39 10.34
CA LEU A 85 -1.20 6.49 9.55
C LEU A 85 -2.23 6.97 8.54
N VAL A 86 -3.00 6.00 8.02
CA VAL A 86 -4.12 6.27 7.12
C VAL A 86 -5.25 5.28 7.41
N ASP A 87 -6.46 5.61 7.00
CA ASP A 87 -7.61 4.75 7.27
C ASP A 87 -7.72 3.64 6.24
N ASP A 88 -7.27 3.92 5.02
CA ASP A 88 -7.32 2.96 3.91
C ASP A 88 -6.20 3.25 2.90
N ILE A 89 -5.94 2.30 2.01
CA ILE A 89 -4.92 2.46 0.98
C ILE A 89 -5.42 1.96 -0.37
N ARG A 90 -4.86 2.50 -1.44
CA ARG A 90 -5.15 2.07 -2.79
C ARG A 90 -3.84 1.89 -3.55
N ILE A 91 -3.49 0.65 -3.84
CA ILE A 91 -2.29 0.35 -4.59
C ILE A 91 -2.60 0.29 -6.08
N ASN A 92 -1.90 1.10 -6.87
CA ASN A 92 -2.09 1.15 -8.32
C ASN A 92 -1.17 0.10 -8.94
N TRP A 93 -1.76 -0.87 -9.62
CA TRP A 93 -1.01 -1.97 -10.21
C TRP A 93 -0.59 -1.61 -11.63
N VAL A 94 0.71 -1.46 -11.86
CA VAL A 94 1.21 -1.18 -13.19
C VAL A 94 1.40 -2.48 -13.98
N TRP A 95 0.77 -2.56 -15.13
CA TRP A 95 0.94 -3.69 -16.03
C TRP A 95 1.65 -3.21 -17.30
N ASN A 96 1.38 -1.96 -17.65
CA ASN A 96 1.85 -1.31 -18.88
C ASN A 96 1.34 0.13 -18.92
N PRO A 97 0.02 0.38 -18.63
CA PRO A 97 -0.52 1.74 -18.55
C PRO A 97 0.07 2.51 -17.37
N PRO A 98 0.10 3.86 -17.46
CA PRO A 98 0.61 4.70 -16.38
C PRO A 98 -0.39 4.84 -15.23
N TRP A 99 -0.04 5.65 -14.24
CA TRP A 99 -0.88 5.84 -13.07
C TRP A 99 -2.00 6.83 -13.37
N GLY A 100 -3.17 6.60 -12.78
CA GLY A 100 -4.31 7.46 -13.02
C GLY A 100 -5.54 7.02 -12.25
N PRO A 101 -6.58 6.51 -12.93
CA PRO A 101 -7.84 6.09 -12.29
C PRO A 101 -7.61 4.96 -11.28
N ASP A 102 -6.65 4.09 -11.59
CA ASP A 102 -6.36 2.94 -10.74
C ASP A 102 -5.73 3.39 -9.41
N LYS A 103 -5.49 4.69 -9.27
CA LYS A 103 -5.05 5.24 -8.00
C LYS A 103 -6.24 5.49 -7.08
N ILE A 104 -7.44 5.06 -7.50
CA ILE A 104 -8.64 5.16 -6.67
C ILE A 104 -9.24 3.78 -6.41
N THR A 105 -9.52 3.46 -5.14
CA THR A 105 -10.15 2.19 -4.79
C THR A 105 -11.45 1.96 -5.59
N GLU A 106 -11.76 0.70 -5.85
CA GLU A 106 -12.95 0.35 -6.62
C GLU A 106 -14.20 0.60 -5.77
N ASP A 107 -14.11 0.25 -4.49
CA ASP A 107 -15.22 0.42 -3.56
C ASP A 107 -15.66 1.88 -3.51
N GLY A 108 -14.68 2.78 -3.43
CA GLY A 108 -14.98 4.20 -3.39
C GLY A 108 -15.64 4.67 -4.68
N ARG A 109 -15.06 4.26 -5.81
CA ARG A 109 -15.54 4.66 -7.13
C ARG A 109 -16.95 4.11 -7.38
N GLU A 110 -17.20 2.90 -6.91
CA GLU A 110 -18.47 2.22 -7.17
C GLU A 110 -19.57 2.65 -6.20
N GLN A 111 -19.23 2.79 -4.93
CA GLN A 111 -20.24 2.94 -3.89
C GLN A 111 -20.35 4.39 -3.39
N LEU A 112 -19.25 5.13 -3.46
CA LEU A 112 -19.19 6.51 -2.94
C LEU A 112 -19.64 6.54 -1.47
N ARG A 113 -20.90 6.92 -1.24
CA ARG A 113 -21.44 7.01 0.12
C ARG A 113 -21.62 5.63 0.74
N ALA A 114 -22.03 4.68 -0.10
CA ALA A 114 -22.34 3.32 0.36
C ALA A 114 -21.10 2.60 0.90
N LEU A 115 -19.94 3.22 0.73
CA LEU A 115 -18.69 2.67 1.25
C LEU A 115 -18.65 2.81 2.78
N GLY A 116 -19.32 3.84 3.28
CA GLY A 116 -19.36 4.09 4.71
C GLY A 116 -20.43 3.28 5.41
N PHE A 117 -20.02 2.48 6.39
CA PHE A 117 -20.94 1.66 7.15
C PHE A 117 -21.91 2.54 7.95
N THR A 118 -23.20 2.33 7.75
CA THR A 118 -24.22 3.07 8.48
C THR A 118 -24.16 2.73 9.98
N VAL A 119 -23.33 3.47 10.70
CA VAL A 119 -23.13 3.24 12.13
C VAL A 119 -24.41 3.52 12.91
N GLY A 1 19.73 4.78 5.95
CA GLY A 1 18.55 3.91 5.80
C GLY A 1 18.46 3.29 4.42
N PRO A 2 17.30 2.70 4.06
CA PRO A 2 17.09 2.04 2.76
C PRO A 2 16.93 3.05 1.62
N GLY A 3 16.96 4.34 1.96
CA GLY A 3 16.75 5.38 0.98
C GLY A 3 15.43 6.09 1.21
N SER A 4 15.45 7.11 2.09
CA SER A 4 14.25 7.83 2.48
C SER A 4 13.77 8.77 1.37
N MET A 5 13.34 8.19 0.25
CA MET A 5 12.74 8.94 -0.86
C MET A 5 11.22 8.86 -0.76
N SER A 6 10.77 8.04 0.18
CA SER A 6 9.34 7.85 0.45
C SER A 6 9.19 7.24 1.83
N GLU A 7 7.94 6.96 2.21
CA GLU A 7 7.60 6.46 3.54
C GLU A 7 8.08 7.41 4.63
N THR A 8 7.17 8.26 5.09
CA THR A 8 7.44 9.23 6.15
C THR A 8 6.16 9.46 6.95
N SER A 9 5.35 8.42 7.05
CA SER A 9 4.04 8.50 7.68
C SER A 9 4.18 8.74 9.19
N ALA A 10 3.53 9.80 9.68
CA ALA A 10 3.51 10.15 11.10
C ALA A 10 4.88 10.63 11.59
N PRO A 11 4.93 11.29 12.77
CA PRO A 11 6.19 11.68 13.42
C PRO A 11 7.19 10.53 13.47
N ALA A 12 8.47 10.88 13.52
CA ALA A 12 9.57 9.89 13.48
C ALA A 12 9.41 8.82 14.57
N GLU A 13 8.80 9.19 15.69
CA GLU A 13 8.60 8.27 16.80
C GLU A 13 7.69 7.13 16.37
N GLU A 14 6.61 7.49 15.69
CA GLU A 14 5.63 6.52 15.21
C GLU A 14 6.21 5.77 14.02
N LEU A 15 6.78 6.55 13.09
CA LEU A 15 7.35 6.03 11.87
C LEU A 15 8.39 4.95 12.19
N LEU A 16 9.26 5.23 13.16
CA LEU A 16 10.33 4.31 13.55
C LEU A 16 9.78 2.91 13.86
N ALA A 17 8.90 2.86 14.85
CA ALA A 17 8.34 1.59 15.32
C ALA A 17 7.57 0.89 14.21
N ASP A 18 6.64 1.62 13.60
CA ASP A 18 5.73 1.05 12.63
C ASP A 18 6.45 0.66 11.34
N VAL A 19 7.49 1.41 10.96
CA VAL A 19 8.27 1.05 9.78
C VAL A 19 9.11 -0.19 10.09
N GLU A 20 9.65 -0.26 11.30
CA GLU A 20 10.40 -1.43 11.73
C GLU A 20 9.53 -2.69 11.67
N GLU A 21 8.28 -2.57 12.07
CA GLU A 21 7.33 -3.68 11.98
C GLU A 21 6.98 -3.96 10.51
N ALA A 22 6.57 -2.91 9.81
CA ALA A 22 6.09 -3.03 8.42
C ALA A 22 7.17 -3.59 7.50
N MET A 23 8.42 -3.24 7.78
CA MET A 23 9.54 -3.67 6.96
C MET A 23 9.69 -5.19 6.96
N ARG A 24 9.00 -5.89 7.87
CA ARG A 24 9.10 -7.35 7.95
C ARG A 24 8.02 -8.02 7.07
N ASP A 25 6.99 -7.28 6.70
CA ASP A 25 5.84 -7.85 5.99
C ASP A 25 5.69 -7.22 4.61
N VAL A 26 6.18 -6.00 4.49
CA VAL A 26 6.21 -5.28 3.24
C VAL A 26 7.36 -5.80 2.37
N VAL A 27 8.35 -6.39 3.02
CA VAL A 27 9.46 -7.04 2.34
C VAL A 27 9.09 -8.49 2.07
N ASP A 28 9.77 -9.12 1.12
CA ASP A 28 9.68 -10.56 0.96
C ASP A 28 10.91 -11.19 1.58
N PRO A 29 10.83 -11.62 2.85
CA PRO A 29 11.96 -12.18 3.57
C PRO A 29 12.20 -13.65 3.23
N GLU A 30 11.30 -14.21 2.43
CA GLU A 30 11.43 -15.59 1.96
C GLU A 30 12.62 -15.70 1.00
N LEU A 31 12.58 -14.91 -0.07
CA LEU A 31 13.65 -14.86 -1.04
C LEU A 31 14.63 -13.75 -0.68
N GLY A 32 14.17 -12.81 0.15
CA GLY A 32 15.02 -11.76 0.68
C GLY A 32 15.15 -10.57 -0.24
N ILE A 33 14.01 -10.02 -0.68
CA ILE A 33 14.01 -8.82 -1.53
C ILE A 33 12.95 -7.83 -1.07
N ASN A 34 13.26 -6.54 -1.16
CA ASN A 34 12.36 -5.48 -0.70
C ASN A 34 11.77 -4.73 -1.90
N VAL A 35 10.46 -4.49 -1.86
CA VAL A 35 9.76 -3.78 -2.93
C VAL A 35 10.32 -2.37 -3.12
N VAL A 36 10.90 -1.82 -2.04
CA VAL A 36 11.51 -0.49 -2.07
C VAL A 36 12.63 -0.45 -3.10
N ASP A 37 13.21 -1.60 -3.39
CA ASP A 37 14.27 -1.72 -4.39
C ASP A 37 13.77 -1.23 -5.75
N LEU A 38 12.48 -1.43 -6.02
CA LEU A 38 11.89 -1.02 -7.30
C LEU A 38 11.76 0.51 -7.35
N GLY A 39 11.86 1.13 -6.19
CA GLY A 39 11.82 2.58 -6.06
C GLY A 39 10.60 3.22 -6.71
N LEU A 40 9.54 2.44 -6.87
CA LEU A 40 8.28 2.97 -7.41
C LEU A 40 7.41 3.52 -6.29
N VAL A 41 7.71 3.08 -5.07
CA VAL A 41 6.98 3.55 -3.90
C VAL A 41 7.18 5.05 -3.68
N TYR A 42 8.11 5.62 -4.46
CA TYR A 42 8.31 7.06 -4.50
C TYR A 42 7.00 7.76 -4.86
N GLY A 43 6.19 7.07 -5.66
CA GLY A 43 4.88 7.58 -6.04
C GLY A 43 3.89 7.44 -4.91
N LEU A 44 4.01 8.32 -3.91
CA LEU A 44 3.13 8.33 -2.76
C LEU A 44 2.41 9.68 -2.67
N ASP A 45 1.09 9.64 -2.60
CA ASP A 45 0.28 10.85 -2.48
C ASP A 45 -1.01 10.53 -1.73
N VAL A 46 -1.17 11.12 -0.55
CA VAL A 46 -2.35 10.85 0.27
C VAL A 46 -3.42 11.90 0.01
N GLN A 47 -4.66 11.45 -0.13
CA GLN A 47 -5.79 12.35 -0.40
C GLN A 47 -6.93 12.05 0.58
N ASP A 48 -7.71 13.07 0.90
CA ASP A 48 -8.78 12.93 1.89
C ASP A 48 -10.10 12.56 1.21
N GLY A 49 -10.63 11.38 1.54
CA GLY A 49 -11.87 10.92 0.97
C GLY A 49 -13.05 11.11 1.91
N ASP A 50 -14.25 10.83 1.43
CA ASP A 50 -15.48 11.04 2.22
C ASP A 50 -15.46 10.23 3.51
N GLU A 51 -14.80 9.07 3.47
CA GLU A 51 -14.78 8.15 4.61
C GLU A 51 -13.51 8.34 5.44
N GLY A 52 -12.53 9.04 4.88
CA GLY A 52 -11.27 9.26 5.58
C GLY A 52 -10.12 9.53 4.62
N THR A 53 -8.97 9.90 5.17
CA THR A 53 -7.80 10.19 4.35
C THR A 53 -7.10 8.90 3.90
N VAL A 54 -7.09 8.65 2.60
CA VAL A 54 -6.47 7.45 2.05
C VAL A 54 -5.13 7.79 1.41
N ALA A 55 -4.17 6.87 1.52
CA ALA A 55 -2.84 7.06 0.95
C ALA A 55 -2.73 6.34 -0.39
N LEU A 56 -2.58 7.10 -1.47
CA LEU A 56 -2.38 6.50 -2.79
C LEU A 56 -0.92 6.09 -2.94
N ILE A 57 -0.68 4.79 -3.06
CA ILE A 57 0.68 4.24 -3.15
C ILE A 57 0.87 3.50 -4.46
N ASP A 58 1.89 3.86 -5.24
CA ASP A 58 2.17 3.15 -6.49
C ASP A 58 3.25 2.09 -6.26
N MET A 59 2.99 0.88 -6.73
CA MET A 59 3.87 -0.27 -6.53
C MET A 59 3.94 -1.16 -7.77
N THR A 60 4.86 -2.12 -7.75
CA THR A 60 4.97 -3.12 -8.81
C THR A 60 5.62 -4.39 -8.25
N LEU A 61 5.33 -5.54 -8.87
CA LEU A 61 5.94 -6.80 -8.49
C LEU A 61 6.88 -7.28 -9.59
N THR A 62 7.65 -8.33 -9.30
CA THR A 62 8.64 -8.86 -10.23
C THR A 62 8.01 -9.26 -11.56
N SER A 63 7.06 -10.20 -11.51
CA SER A 63 6.36 -10.66 -12.71
C SER A 63 5.10 -9.84 -12.92
N ALA A 64 4.59 -9.27 -11.83
CA ALA A 64 3.31 -8.56 -11.82
C ALA A 64 2.15 -9.51 -12.14
N ALA A 65 2.46 -10.80 -12.18
CA ALA A 65 1.47 -11.83 -12.47
C ALA A 65 1.23 -12.69 -11.23
N CYS A 66 2.23 -12.77 -10.37
CA CYS A 66 2.13 -13.53 -9.12
C CYS A 66 0.98 -12.99 -8.25
N PRO A 67 0.16 -13.90 -7.68
CA PRO A 67 -1.02 -13.51 -6.89
C PRO A 67 -0.65 -12.93 -5.50
N LEU A 68 0.55 -12.38 -5.39
CA LEU A 68 1.05 -11.84 -4.12
C LEU A 68 0.41 -10.48 -3.85
N THR A 69 -0.33 -9.98 -4.84
CA THR A 69 -1.07 -8.74 -4.72
C THR A 69 -1.89 -8.75 -3.43
N ASP A 70 -2.54 -9.87 -3.16
CA ASP A 70 -3.35 -10.06 -1.96
C ASP A 70 -2.51 -9.83 -0.70
N VAL A 71 -1.37 -10.52 -0.64
CA VAL A 71 -0.52 -10.50 0.55
C VAL A 71 0.01 -9.11 0.84
N ILE A 72 0.62 -8.48 -0.15
CA ILE A 72 1.26 -7.18 0.07
C ILE A 72 0.23 -6.07 0.26
N GLU A 73 -0.90 -6.15 -0.44
CA GLU A 73 -2.01 -5.23 -0.23
C GLU A 73 -2.42 -5.27 1.22
N ASP A 74 -2.69 -6.49 1.66
CA ASP A 74 -3.18 -6.75 3.00
C ASP A 74 -2.19 -6.27 4.06
N GLN A 75 -0.92 -6.68 3.92
CA GLN A 75 0.11 -6.32 4.90
C GLN A 75 0.24 -4.82 5.01
N SER A 76 0.37 -4.15 3.86
CA SER A 76 0.55 -2.71 3.84
C SER A 76 -0.62 -1.99 4.52
N ARG A 77 -1.83 -2.18 3.99
CA ARG A 77 -3.00 -1.46 4.51
C ARG A 77 -3.26 -1.82 5.97
N SER A 78 -3.03 -3.09 6.32
CA SER A 78 -3.25 -3.58 7.68
C SER A 78 -2.39 -2.81 8.68
N ALA A 79 -1.14 -2.55 8.30
CA ALA A 79 -0.22 -1.83 9.18
C ALA A 79 -0.58 -0.34 9.23
N LEU A 80 -0.72 0.28 8.06
CA LEU A 80 -0.99 1.71 7.96
C LEU A 80 -2.24 2.09 8.76
N VAL A 81 -3.25 1.22 8.72
CA VAL A 81 -4.47 1.45 9.47
C VAL A 81 -4.28 1.12 10.95
N GLY A 82 -3.36 0.19 11.23
CA GLY A 82 -3.17 -0.29 12.58
C GLY A 82 -2.84 0.82 13.55
N SER A 83 -2.13 1.83 13.07
CA SER A 83 -1.72 2.96 13.92
C SER A 83 -2.51 4.21 13.57
N GLY A 84 -3.50 4.06 12.69
CA GLY A 84 -4.29 5.20 12.25
C GLY A 84 -3.45 6.21 11.50
N LEU A 85 -2.36 5.73 10.89
CA LEU A 85 -1.48 6.59 10.10
C LEU A 85 -2.26 7.19 8.95
N VAL A 86 -3.07 6.35 8.34
CA VAL A 86 -4.06 6.76 7.34
C VAL A 86 -5.30 5.88 7.51
N ASP A 87 -6.44 6.33 7.03
CA ASP A 87 -7.68 5.57 7.17
C ASP A 87 -7.61 4.28 6.37
N ASP A 88 -7.08 4.40 5.16
CA ASP A 88 -6.91 3.26 4.26
C ASP A 88 -5.90 3.63 3.20
N ILE A 89 -5.43 2.66 2.42
CA ILE A 89 -4.49 2.94 1.34
C ILE A 89 -5.05 2.45 0.01
N ARG A 90 -4.71 3.15 -1.05
CA ARG A 90 -5.11 2.76 -2.39
C ARG A 90 -3.85 2.50 -3.21
N ILE A 91 -3.58 1.24 -3.48
CA ILE A 91 -2.37 0.85 -4.20
C ILE A 91 -2.65 0.72 -5.69
N ASN A 92 -1.67 1.08 -6.50
CA ASN A 92 -1.72 0.86 -7.94
C ASN A 92 -0.57 -0.06 -8.34
N TRP A 93 -0.84 -0.99 -9.25
CA TRP A 93 0.20 -1.89 -9.74
C TRP A 93 0.60 -1.50 -11.16
N VAL A 94 1.78 -0.91 -11.34
CA VAL A 94 2.25 -0.59 -12.69
C VAL A 94 2.99 -1.79 -13.28
N TRP A 95 2.53 -2.25 -14.43
CA TRP A 95 3.17 -3.36 -15.13
C TRP A 95 3.18 -3.12 -16.64
N ASN A 96 2.62 -1.98 -17.07
CA ASN A 96 2.46 -1.65 -18.49
C ASN A 96 1.53 -0.44 -18.65
N PRO A 97 0.28 -0.50 -18.11
CA PRO A 97 -0.67 0.59 -18.25
C PRO A 97 -0.41 1.72 -17.25
N PRO A 98 -0.86 2.95 -17.56
CA PRO A 98 -0.74 4.08 -16.64
C PRO A 98 -1.66 3.92 -15.43
N TRP A 99 -1.48 4.79 -14.43
CA TRP A 99 -2.24 4.74 -13.20
C TRP A 99 -3.73 4.92 -13.50
N GLY A 100 -4.48 3.82 -13.49
CA GLY A 100 -5.90 3.86 -13.77
C GLY A 100 -6.62 2.61 -13.27
N PRO A 101 -6.63 1.53 -14.06
CA PRO A 101 -7.35 0.30 -13.72
C PRO A 101 -6.82 -0.34 -12.42
N ASP A 102 -5.50 -0.53 -12.36
CA ASP A 102 -4.84 -1.19 -11.24
C ASP A 102 -4.99 -0.40 -9.93
N LYS A 103 -5.60 0.78 -9.99
CA LYS A 103 -5.86 1.58 -8.80
C LYS A 103 -7.03 1.00 -8.01
N ILE A 104 -7.72 0.01 -8.59
CA ILE A 104 -8.80 -0.69 -7.90
C ILE A 104 -8.22 -1.74 -6.95
N THR A 105 -8.21 -1.43 -5.66
CA THR A 105 -7.67 -2.31 -4.64
C THR A 105 -8.54 -3.55 -4.43
N GLU A 106 -8.08 -4.45 -3.56
CA GLU A 106 -8.74 -5.72 -3.28
C GLU A 106 -10.21 -5.52 -2.87
N ASP A 107 -10.54 -4.32 -2.42
CA ASP A 107 -11.92 -4.00 -1.99
C ASP A 107 -12.90 -4.27 -3.12
N GLY A 108 -12.60 -3.72 -4.30
CA GLY A 108 -13.44 -3.91 -5.46
C GLY A 108 -13.29 -5.31 -6.04
N ARG A 109 -12.11 -5.89 -5.83
CA ARG A 109 -11.80 -7.22 -6.32
C ARG A 109 -12.68 -8.29 -5.65
N GLU A 110 -12.72 -8.27 -4.33
CA GLU A 110 -13.41 -9.30 -3.55
C GLU A 110 -14.92 -9.05 -3.49
N GLN A 111 -15.30 -7.81 -3.26
CA GLN A 111 -16.68 -7.50 -2.94
C GLN A 111 -17.47 -7.07 -4.17
N LEU A 112 -18.46 -7.88 -4.52
CA LEU A 112 -19.32 -7.63 -5.69
C LEU A 112 -20.78 -7.84 -5.31
N ARG A 113 -21.71 -7.41 -6.16
CA ARG A 113 -23.14 -7.49 -5.86
C ARG A 113 -23.61 -8.94 -5.80
N ALA A 114 -22.98 -9.81 -6.59
CA ALA A 114 -23.34 -11.23 -6.63
C ALA A 114 -23.07 -11.91 -5.29
N LEU A 115 -22.27 -11.25 -4.44
CA LEU A 115 -21.95 -11.75 -3.11
C LEU A 115 -23.13 -11.54 -2.17
N GLY A 116 -23.95 -10.55 -2.48
CA GLY A 116 -25.08 -10.22 -1.64
C GLY A 116 -26.22 -11.20 -1.77
N PHE A 117 -26.23 -12.22 -0.92
CA PHE A 117 -27.33 -13.18 -0.86
C PHE A 117 -27.87 -13.27 0.56
N THR A 118 -29.13 -13.66 0.70
CA THR A 118 -29.77 -13.78 2.00
C THR A 118 -29.58 -15.21 2.55
N VAL A 119 -29.50 -15.32 3.88
CA VAL A 119 -29.29 -16.61 4.53
C VAL A 119 -30.32 -17.66 4.09
N GLY A 1 17.72 -5.14 5.59
CA GLY A 1 18.92 -4.59 4.94
C GLY A 1 18.73 -3.15 4.51
N PRO A 2 19.62 -2.61 3.65
CA PRO A 2 19.56 -1.21 3.22
C PRO A 2 18.49 -0.96 2.16
N GLY A 3 18.09 0.30 2.01
CA GLY A 3 17.08 0.66 1.04
C GLY A 3 16.72 2.13 1.12
N SER A 4 15.54 2.42 1.65
CA SER A 4 15.07 3.80 1.80
C SER A 4 14.03 3.88 2.92
N MET A 5 13.73 5.09 3.37
CA MET A 5 12.70 5.30 4.38
C MET A 5 11.36 5.58 3.70
N SER A 6 11.26 6.75 3.06
CA SER A 6 10.07 7.15 2.30
C SER A 6 8.88 7.47 3.20
N GLU A 7 8.47 6.50 4.04
CA GLU A 7 7.34 6.67 4.94
C GLU A 7 7.57 7.84 5.91
N THR A 8 6.50 8.57 6.22
CA THR A 8 6.60 9.73 7.09
C THR A 8 5.22 10.15 7.62
N SER A 9 4.26 9.22 7.60
CA SER A 9 2.87 9.53 7.97
C SER A 9 2.67 9.49 9.49
N ALA A 10 3.77 9.56 10.24
CA ALA A 10 3.72 9.53 11.70
C ALA A 10 4.80 10.43 12.30
N PRO A 11 4.62 10.88 13.57
CA PRO A 11 5.61 11.71 14.28
C PRO A 11 6.93 10.96 14.54
N ALA A 12 7.91 11.63 15.11
CA ALA A 12 9.27 11.10 15.25
C ALA A 12 9.30 9.70 15.89
N GLU A 13 8.87 9.61 17.15
CA GLU A 13 8.97 8.36 17.91
C GLU A 13 8.10 7.27 17.28
N GLU A 14 6.87 7.64 16.96
CA GLU A 14 5.88 6.72 16.42
C GLU A 14 6.34 6.15 15.08
N LEU A 15 6.81 7.05 14.21
CA LEU A 15 7.25 6.68 12.86
C LEU A 15 8.36 5.63 12.94
N LEU A 16 9.37 5.90 13.78
CA LEU A 16 10.53 5.01 13.87
C LEU A 16 10.12 3.56 14.13
N ALA A 17 9.43 3.34 15.24
CA ALA A 17 9.07 1.99 15.67
C ALA A 17 8.06 1.37 14.70
N ASP A 18 7.05 2.14 14.32
CA ASP A 18 5.95 1.61 13.52
C ASP A 18 6.43 1.31 12.10
N VAL A 19 7.25 2.20 11.54
CA VAL A 19 7.81 1.97 10.22
C VAL A 19 8.80 0.82 10.26
N GLU A 20 9.50 0.68 11.40
CA GLU A 20 10.36 -0.48 11.60
C GLU A 20 9.54 -1.76 11.43
N GLU A 21 8.39 -1.79 12.11
CA GLU A 21 7.47 -2.92 11.98
C GLU A 21 6.95 -3.06 10.54
N ALA A 22 6.48 -1.95 9.97
CA ALA A 22 5.91 -1.97 8.61
C ALA A 22 6.91 -2.51 7.60
N MET A 23 8.12 -1.98 7.65
CA MET A 23 9.20 -2.39 6.76
C MET A 23 9.62 -3.83 7.06
N ARG A 24 9.18 -4.34 8.20
CA ARG A 24 9.48 -5.70 8.64
C ARG A 24 8.36 -6.66 8.27
N ASP A 25 7.25 -6.09 7.79
CA ASP A 25 6.04 -6.89 7.53
C ASP A 25 5.67 -6.81 6.05
N VAL A 26 6.07 -5.71 5.42
CA VAL A 26 5.79 -5.45 4.02
C VAL A 26 6.92 -5.98 3.12
N VAL A 27 8.15 -5.93 3.63
CA VAL A 27 9.32 -6.38 2.89
C VAL A 27 9.35 -7.91 2.82
N ASP A 28 10.30 -8.47 2.05
CA ASP A 28 10.49 -9.93 2.04
C ASP A 28 11.72 -10.29 2.87
N PRO A 29 11.53 -10.67 4.14
CA PRO A 29 12.63 -11.05 5.03
C PRO A 29 12.93 -12.55 4.94
N GLU A 30 12.21 -13.23 4.05
CA GLU A 30 12.44 -14.65 3.80
C GLU A 30 13.78 -14.86 3.11
N LEU A 31 13.95 -14.22 1.95
CA LEU A 31 15.20 -14.29 1.19
C LEU A 31 15.91 -12.93 1.21
N GLY A 32 15.20 -11.92 1.69
CA GLY A 32 15.80 -10.60 1.86
C GLY A 32 15.65 -9.71 0.64
N ILE A 33 14.42 -9.58 0.14
CA ILE A 33 14.15 -8.69 -0.99
C ILE A 33 13.42 -7.45 -0.48
N ASN A 34 13.79 -6.31 -1.02
CA ASN A 34 13.24 -5.02 -0.60
C ASN A 34 12.48 -4.39 -1.76
N VAL A 35 11.16 -4.35 -1.66
CA VAL A 35 10.31 -3.80 -2.73
C VAL A 35 10.74 -2.37 -3.10
N VAL A 36 11.11 -1.59 -2.09
CA VAL A 36 11.51 -0.20 -2.29
C VAL A 36 12.70 -0.10 -3.25
N ASP A 37 13.49 -1.17 -3.33
CA ASP A 37 14.69 -1.21 -4.17
C ASP A 37 14.34 -1.11 -5.65
N LEU A 38 13.11 -1.51 -6.00
CA LEU A 38 12.62 -1.42 -7.38
C LEU A 38 12.43 0.05 -7.78
N GLY A 39 12.50 0.93 -6.79
CA GLY A 39 12.45 2.36 -7.01
C GLY A 39 11.14 2.86 -7.60
N LEU A 40 10.07 2.09 -7.42
CA LEU A 40 8.71 2.55 -7.76
C LEU A 40 7.99 3.05 -6.52
N VAL A 41 8.34 2.47 -5.38
CA VAL A 41 7.64 2.71 -4.11
C VAL A 41 7.75 4.18 -3.66
N TYR A 42 8.68 4.92 -4.27
CA TYR A 42 8.81 6.35 -4.00
C TYR A 42 7.54 7.08 -4.40
N GLY A 43 6.78 6.46 -5.31
CA GLY A 43 5.51 7.02 -5.74
C GLY A 43 4.41 6.77 -4.72
N LEU A 44 4.49 7.45 -3.59
CA LEU A 44 3.47 7.38 -2.56
C LEU A 44 2.99 8.78 -2.20
N ASP A 45 1.70 8.91 -1.91
CA ASP A 45 1.09 10.20 -1.60
C ASP A 45 -0.25 9.95 -0.92
N VAL A 46 -0.57 10.72 0.12
CA VAL A 46 -1.79 10.49 0.90
C VAL A 46 -2.68 11.73 0.88
N GLN A 47 -3.97 11.52 0.62
CA GLN A 47 -4.94 12.61 0.56
C GLN A 47 -5.99 12.48 1.67
N ASP A 48 -6.17 13.57 2.44
CA ASP A 48 -7.23 13.66 3.43
C ASP A 48 -8.52 14.06 2.74
N GLY A 49 -9.51 13.17 2.73
CA GLY A 49 -10.80 13.46 2.14
C GLY A 49 -11.92 13.26 3.14
N ASP A 50 -13.06 13.90 2.88
CA ASP A 50 -14.24 13.76 3.74
C ASP A 50 -14.89 12.40 3.53
N GLU A 51 -14.69 11.83 2.34
CA GLU A 51 -15.20 10.49 2.04
C GLU A 51 -14.26 9.42 2.60
N GLY A 52 -13.05 9.84 2.94
CA GLY A 52 -12.06 8.93 3.50
C GLY A 52 -10.65 9.47 3.37
N THR A 53 -9.74 8.97 4.21
CA THR A 53 -8.34 9.37 4.15
C THR A 53 -7.55 8.32 3.37
N VAL A 54 -7.24 8.63 2.12
CA VAL A 54 -6.72 7.61 1.20
C VAL A 54 -5.22 7.76 1.02
N ALA A 55 -4.50 6.67 1.30
CA ALA A 55 -3.06 6.62 1.07
C ALA A 55 -2.78 5.92 -0.26
N LEU A 56 -2.22 6.65 -1.22
CA LEU A 56 -1.91 6.12 -2.54
C LEU A 56 -0.47 5.62 -2.59
N ILE A 57 -0.28 4.37 -3.04
CA ILE A 57 1.06 3.80 -3.21
C ILE A 57 1.15 3.08 -4.56
N ASP A 58 2.18 3.39 -5.35
CA ASP A 58 2.41 2.72 -6.62
C ASP A 58 3.27 1.47 -6.45
N MET A 59 2.80 0.36 -7.00
CA MET A 59 3.52 -0.90 -6.96
C MET A 59 3.38 -1.64 -8.29
N THR A 60 4.14 -2.71 -8.46
CA THR A 60 4.09 -3.52 -9.66
C THR A 60 4.40 -4.98 -9.34
N LEU A 61 3.95 -5.89 -10.20
CA LEU A 61 4.20 -7.32 -10.04
C LEU A 61 5.03 -7.81 -11.23
N THR A 62 5.84 -8.84 -10.99
CA THR A 62 6.80 -9.33 -11.98
C THR A 62 6.15 -9.58 -13.35
N SER A 63 5.09 -10.38 -13.38
CA SER A 63 4.43 -10.75 -14.63
C SER A 63 3.02 -10.16 -14.70
N ALA A 64 2.64 -9.43 -13.66
CA ALA A 64 1.30 -8.83 -13.57
C ALA A 64 0.18 -9.88 -13.57
N ALA A 65 0.56 -11.15 -13.50
CA ALA A 65 -0.40 -12.25 -13.41
C ALA A 65 -0.16 -13.04 -12.13
N CYS A 66 0.78 -12.54 -11.34
CA CYS A 66 1.23 -13.22 -10.12
C CYS A 66 0.30 -12.89 -8.95
N PRO A 67 -0.03 -13.90 -8.12
CA PRO A 67 -0.96 -13.72 -6.98
C PRO A 67 -0.31 -12.98 -5.80
N LEU A 68 0.73 -12.20 -6.10
CA LEU A 68 1.48 -11.49 -5.07
C LEU A 68 0.72 -10.25 -4.63
N THR A 69 -0.24 -9.83 -5.45
CA THR A 69 -1.03 -8.64 -5.17
C THR A 69 -1.79 -8.79 -3.85
N ASP A 70 -2.42 -9.94 -3.66
CA ASP A 70 -3.18 -10.22 -2.43
C ASP A 70 -2.27 -10.06 -1.22
N VAL A 71 -1.05 -10.59 -1.35
CA VAL A 71 -0.09 -10.55 -0.26
C VAL A 71 0.32 -9.12 0.06
N ILE A 72 0.76 -8.37 -0.95
CA ILE A 72 1.24 -7.00 -0.74
C ILE A 72 0.14 -6.12 -0.17
N GLU A 73 -1.09 -6.33 -0.64
CA GLU A 73 -2.25 -5.62 -0.13
C GLU A 73 -2.46 -5.93 1.34
N ASP A 74 -2.41 -7.21 1.67
CA ASP A 74 -2.60 -7.67 3.05
C ASP A 74 -1.54 -7.07 3.96
N GLN A 75 -0.27 -7.14 3.56
CA GLN A 75 0.83 -6.63 4.38
C GLN A 75 0.69 -5.13 4.61
N SER A 76 0.50 -4.39 3.51
CA SER A 76 0.38 -2.94 3.57
C SER A 76 -0.82 -2.55 4.43
N ARG A 77 -2.00 -3.05 4.07
CA ARG A 77 -3.23 -2.76 4.79
C ARG A 77 -3.09 -3.11 6.26
N SER A 78 -2.46 -4.25 6.52
CA SER A 78 -2.32 -4.78 7.88
C SER A 78 -1.72 -3.74 8.80
N ALA A 79 -0.57 -3.18 8.43
CA ALA A 79 0.09 -2.20 9.26
C ALA A 79 -0.63 -0.85 9.22
N LEU A 80 -0.87 -0.34 8.01
CA LEU A 80 -1.39 1.02 7.81
C LEU A 80 -2.67 1.23 8.59
N VAL A 81 -3.54 0.24 8.51
CA VAL A 81 -4.81 0.25 9.24
C VAL A 81 -4.59 -0.25 10.66
N GLY A 82 -3.58 -1.11 10.86
CA GLY A 82 -3.43 -1.81 12.12
C GLY A 82 -3.16 -0.86 13.27
N SER A 83 -2.22 0.05 13.07
CA SER A 83 -1.88 1.03 14.08
C SER A 83 -2.72 2.30 13.89
N GLY A 84 -3.38 2.39 12.74
CA GLY A 84 -4.25 3.51 12.46
C GLY A 84 -3.52 4.71 11.89
N LEU A 85 -2.59 4.46 10.96
CA LEU A 85 -1.92 5.56 10.25
C LEU A 85 -2.91 6.17 9.26
N VAL A 86 -3.60 5.28 8.55
CA VAL A 86 -4.66 5.66 7.62
C VAL A 86 -5.75 4.61 7.66
N ASP A 87 -6.94 4.95 7.18
CA ASP A 87 -8.04 4.00 7.12
C ASP A 87 -8.19 3.46 5.70
N ASP A 88 -8.13 4.36 4.74
CA ASP A 88 -8.36 4.03 3.34
C ASP A 88 -7.03 3.92 2.60
N ILE A 89 -6.87 2.86 1.82
CA ILE A 89 -5.64 2.64 1.08
C ILE A 89 -5.94 2.40 -0.40
N ARG A 90 -4.96 2.67 -1.25
CA ARG A 90 -5.07 2.36 -2.67
C ARG A 90 -3.68 2.08 -3.24
N ILE A 91 -3.42 0.81 -3.52
CA ILE A 91 -2.18 0.41 -4.16
C ILE A 91 -2.41 0.30 -5.67
N ASN A 92 -1.85 1.23 -6.42
CA ASN A 92 -2.01 1.24 -7.87
C ASN A 92 -0.92 0.39 -8.51
N TRP A 93 -1.31 -0.63 -9.25
CA TRP A 93 -0.35 -1.55 -9.86
C TRP A 93 -0.09 -1.16 -11.31
N VAL A 94 1.11 -0.63 -11.57
CA VAL A 94 1.48 -0.30 -12.93
C VAL A 94 2.08 -1.52 -13.62
N TRP A 95 1.49 -1.91 -14.75
CA TRP A 95 1.95 -3.07 -15.51
C TRP A 95 2.56 -2.63 -16.83
N ASN A 96 1.97 -1.57 -17.37
CA ASN A 96 2.39 -0.98 -18.65
C ASN A 96 1.55 0.28 -18.88
N PRO A 97 0.21 0.21 -18.71
CA PRO A 97 -0.63 1.41 -18.60
C PRO A 97 -0.24 2.19 -17.33
N PRO A 98 -0.07 3.51 -17.42
CA PRO A 98 0.42 4.32 -16.30
C PRO A 98 -0.52 4.31 -15.08
N TRP A 99 -1.48 5.24 -15.06
CA TRP A 99 -2.35 5.39 -13.89
C TRP A 99 -3.78 5.70 -14.33
N GLY A 100 -4.64 4.68 -14.32
CA GLY A 100 -5.98 4.82 -14.85
C GLY A 100 -7.05 4.41 -13.85
N PRO A 101 -8.03 3.60 -14.27
CA PRO A 101 -9.15 3.18 -13.40
C PRO A 101 -8.67 2.42 -12.15
N ASP A 102 -7.48 1.81 -12.25
CA ASP A 102 -6.94 1.03 -11.15
C ASP A 102 -6.57 1.92 -9.97
N LYS A 103 -6.69 3.22 -10.15
CA LYS A 103 -6.46 4.16 -9.05
C LYS A 103 -7.67 4.17 -8.10
N ILE A 104 -8.70 3.39 -8.45
CA ILE A 104 -9.89 3.26 -7.60
C ILE A 104 -10.09 1.80 -7.18
N THR A 105 -10.11 1.57 -5.87
CA THR A 105 -10.40 0.24 -5.31
C THR A 105 -11.80 -0.23 -5.70
N GLU A 106 -12.06 -1.53 -5.56
CA GLU A 106 -13.36 -2.09 -5.95
C GLU A 106 -14.45 -1.45 -5.10
N ASP A 107 -14.17 -1.32 -3.81
CA ASP A 107 -15.10 -0.69 -2.87
C ASP A 107 -15.37 0.76 -3.29
N GLY A 108 -14.34 1.42 -3.81
CA GLY A 108 -14.47 2.79 -4.27
C GLY A 108 -15.43 2.92 -5.46
N ARG A 109 -15.39 1.95 -6.36
CA ARG A 109 -16.29 1.94 -7.51
C ARG A 109 -17.70 1.53 -7.08
N GLU A 110 -17.78 0.42 -6.35
CA GLU A 110 -19.03 -0.21 -5.98
C GLU A 110 -19.85 0.63 -5.02
N GLN A 111 -19.23 0.94 -3.87
CA GLN A 111 -19.84 1.78 -2.85
C GLN A 111 -21.13 1.16 -2.33
N LEU A 112 -21.16 -0.18 -2.30
CA LEU A 112 -22.32 -0.91 -1.80
C LEU A 112 -22.05 -1.38 -0.37
N ARG A 113 -21.22 -2.41 -0.24
CA ARG A 113 -20.81 -2.93 1.06
C ARG A 113 -19.95 -1.88 1.77
N ALA A 114 -19.19 -1.13 0.97
CA ALA A 114 -18.31 -0.10 1.49
C ALA A 114 -19.09 1.08 2.06
N LEU A 115 -20.33 1.24 1.60
CA LEU A 115 -21.19 2.33 2.05
C LEU A 115 -21.71 2.00 3.45
N GLY A 116 -21.95 0.71 3.69
CA GLY A 116 -22.41 0.26 5.00
C GLY A 116 -21.27 0.20 6.00
N PHE A 117 -20.59 -0.95 6.06
CA PHE A 117 -19.45 -1.14 6.96
C PHE A 117 -18.86 -2.54 6.76
N THR A 118 -17.63 -2.72 7.20
CA THR A 118 -16.97 -4.02 7.18
C THR A 118 -15.93 -4.10 8.30
N VAL A 119 -16.27 -4.83 9.36
CA VAL A 119 -15.39 -5.01 10.51
C VAL A 119 -15.23 -6.51 10.83
N GLY A 1 20.31 -1.79 2.18
CA GLY A 1 20.17 -1.65 0.71
C GLY A 1 20.84 -0.39 0.21
N PRO A 2 20.31 0.24 -0.87
CA PRO A 2 20.87 1.48 -1.42
C PRO A 2 20.64 2.67 -0.48
N GLY A 3 19.67 2.53 0.41
CA GLY A 3 19.29 3.58 1.32
C GLY A 3 17.80 3.59 1.55
N SER A 4 17.24 4.77 1.86
CA SER A 4 15.81 4.93 2.02
C SER A 4 15.43 6.41 1.99
N MET A 5 14.33 6.71 1.32
CA MET A 5 13.77 8.06 1.33
C MET A 5 12.54 8.07 2.23
N SER A 6 12.26 6.92 2.84
CA SER A 6 11.10 6.75 3.71
C SER A 6 11.48 7.06 5.16
N GLU A 7 10.58 6.74 6.09
CA GLU A 7 10.76 7.04 7.52
C GLU A 7 10.90 8.55 7.76
N THR A 8 10.64 9.33 6.71
CA THR A 8 10.75 10.79 6.77
C THR A 8 9.37 11.43 6.96
N SER A 9 8.40 10.61 7.37
CA SER A 9 7.02 11.06 7.54
C SER A 9 6.39 10.35 8.73
N ALA A 10 5.18 10.80 9.10
CA ALA A 10 4.43 10.23 10.23
C ALA A 10 5.10 10.56 11.57
N PRO A 11 4.35 10.46 12.69
CA PRO A 11 4.89 10.69 14.05
C PRO A 11 6.13 9.84 14.32
N ALA A 12 7.19 10.49 14.82
CA ALA A 12 8.53 9.89 14.92
C ALA A 12 8.54 8.52 15.60
N GLU A 13 8.21 8.49 16.89
CA GLU A 13 8.30 7.25 17.68
C GLU A 13 7.38 6.17 17.13
N GLU A 14 6.12 6.53 16.90
CA GLU A 14 5.12 5.60 16.40
C GLU A 14 5.56 5.00 15.06
N LEU A 15 6.03 5.87 14.16
CA LEU A 15 6.46 5.45 12.84
C LEU A 15 7.69 4.55 12.94
N LEU A 16 8.61 4.88 13.85
CA LEU A 16 9.83 4.11 14.02
C LEU A 16 9.51 2.63 14.26
N ALA A 17 8.78 2.37 15.33
CA ALA A 17 8.41 1.00 15.70
C ALA A 17 7.53 0.37 14.62
N ASP A 18 6.50 1.09 14.21
CA ASP A 18 5.53 0.58 13.25
C ASP A 18 6.20 0.20 11.94
N VAL A 19 7.07 1.06 11.45
CA VAL A 19 7.75 0.81 10.19
C VAL A 19 8.81 -0.28 10.35
N GLU A 20 9.42 -0.33 11.53
CA GLU A 20 10.40 -1.39 11.83
C GLU A 20 9.72 -2.76 11.71
N GLU A 21 8.50 -2.85 12.20
CA GLU A 21 7.69 -4.04 12.07
C GLU A 21 7.19 -4.22 10.64
N ALA A 22 6.68 -3.13 10.05
CA ALA A 22 6.09 -3.16 8.71
C ALA A 22 7.13 -3.53 7.65
N MET A 23 8.38 -3.15 7.88
CA MET A 23 9.49 -3.48 6.97
C MET A 23 9.71 -4.99 6.91
N ARG A 24 9.10 -5.72 7.85
CA ARG A 24 9.19 -7.17 7.88
C ARG A 24 8.08 -7.80 7.03
N ASP A 25 7.07 -7.01 6.69
CA ASP A 25 5.89 -7.54 5.99
C ASP A 25 5.90 -7.02 4.56
N VAL A 26 6.53 -5.88 4.41
CA VAL A 26 6.60 -5.16 3.16
C VAL A 26 8.04 -5.17 2.64
N VAL A 27 8.48 -6.34 2.21
CA VAL A 27 9.84 -6.54 1.71
C VAL A 27 10.00 -8.00 1.30
N ASP A 28 11.13 -8.34 0.69
CA ASP A 28 11.48 -9.74 0.44
C ASP A 28 12.59 -10.15 1.40
N PRO A 29 12.22 -10.66 2.59
CA PRO A 29 13.21 -11.04 3.61
C PRO A 29 13.79 -12.43 3.37
N GLU A 30 13.04 -13.26 2.65
CA GLU A 30 13.44 -14.65 2.42
C GLU A 30 14.66 -14.72 1.50
N LEU A 31 14.54 -14.15 0.30
CA LEU A 31 15.65 -14.14 -0.66
C LEU A 31 16.51 -12.90 -0.44
N GLY A 32 15.94 -11.91 0.24
CA GLY A 32 16.71 -10.77 0.70
C GLY A 32 16.73 -9.61 -0.28
N ILE A 33 15.57 -9.24 -0.80
CA ILE A 33 15.45 -8.05 -1.65
C ILE A 33 14.61 -7.00 -0.94
N ASN A 34 15.03 -5.74 -1.08
CA ASN A 34 14.32 -4.63 -0.48
C ASN A 34 13.62 -3.83 -1.58
N VAL A 35 12.34 -3.56 -1.38
CA VAL A 35 11.49 -2.99 -2.43
C VAL A 35 12.05 -1.66 -2.95
N VAL A 36 12.79 -0.94 -2.12
CA VAL A 36 13.36 0.35 -2.51
C VAL A 36 14.34 0.18 -3.69
N ASP A 37 14.90 -1.03 -3.83
CA ASP A 37 15.75 -1.37 -4.99
C ASP A 37 15.04 -1.06 -6.30
N LEU A 38 13.72 -1.27 -6.32
CA LEU A 38 12.92 -1.05 -7.52
C LEU A 38 12.65 0.44 -7.73
N GLY A 39 12.82 1.22 -6.67
CA GLY A 39 12.59 2.65 -6.71
C GLY A 39 11.19 3.03 -7.18
N LEU A 40 10.24 2.11 -7.04
CA LEU A 40 8.85 2.39 -7.41
C LEU A 40 8.08 2.89 -6.19
N VAL A 41 8.58 2.57 -5.01
CA VAL A 41 7.93 2.95 -3.75
C VAL A 41 7.92 4.47 -3.59
N TYR A 42 8.69 5.16 -4.43
CA TYR A 42 8.71 6.63 -4.44
C TYR A 42 7.40 7.16 -5.02
N GLY A 43 6.75 6.33 -5.84
CA GLY A 43 5.48 6.70 -6.41
C GLY A 43 4.37 6.60 -5.40
N LEU A 44 4.23 7.64 -4.58
CA LEU A 44 3.20 7.66 -3.56
C LEU A 44 2.42 8.97 -3.61
N ASP A 45 1.11 8.83 -3.48
CA ASP A 45 0.19 9.96 -3.39
C ASP A 45 -0.77 9.67 -2.25
N VAL A 46 -1.43 10.68 -1.71
CA VAL A 46 -2.47 10.46 -0.69
C VAL A 46 -3.54 11.54 -0.81
N GLN A 47 -4.78 11.13 -0.99
CA GLN A 47 -5.90 12.07 -1.04
C GLN A 47 -6.60 12.11 0.31
N ASP A 48 -6.64 13.29 0.92
CA ASP A 48 -7.27 13.45 2.22
C ASP A 48 -8.75 13.76 2.07
N GLY A 49 -9.57 13.12 2.89
CA GLY A 49 -10.99 13.35 2.87
C GLY A 49 -11.59 13.11 4.23
N ASP A 50 -12.45 14.01 4.68
CA ASP A 50 -13.05 13.93 6.00
C ASP A 50 -13.85 12.64 6.15
N GLU A 51 -14.33 12.13 5.02
CA GLU A 51 -15.05 10.86 4.99
C GLU A 51 -14.07 9.71 5.20
N GLY A 52 -12.86 9.87 4.69
CA GLY A 52 -11.83 8.85 4.82
C GLY A 52 -10.58 9.21 4.02
N THR A 53 -9.44 9.25 4.70
CA THR A 53 -8.17 9.56 4.05
C THR A 53 -7.66 8.34 3.29
N VAL A 54 -7.53 8.46 1.97
CA VAL A 54 -7.12 7.35 1.12
C VAL A 54 -5.69 7.57 0.60
N ALA A 55 -4.81 6.60 0.87
CA ALA A 55 -3.42 6.65 0.42
C ALA A 55 -3.26 5.90 -0.89
N LEU A 56 -2.77 6.59 -1.92
CA LEU A 56 -2.56 6.00 -3.25
C LEU A 56 -1.10 5.58 -3.39
N ILE A 57 -0.82 4.30 -3.25
CA ILE A 57 0.55 3.79 -3.29
C ILE A 57 0.80 3.01 -4.58
N ASP A 58 1.83 3.39 -5.34
CA ASP A 58 2.17 2.71 -6.58
C ASP A 58 3.06 1.51 -6.28
N MET A 59 2.58 0.32 -6.64
CA MET A 59 3.29 -0.92 -6.37
C MET A 59 3.17 -1.89 -7.54
N THR A 60 3.95 -2.96 -7.47
CA THR A 60 3.86 -4.06 -8.41
C THR A 60 4.41 -5.32 -7.76
N LEU A 61 4.35 -6.44 -8.47
CA LEU A 61 4.89 -7.70 -7.96
C LEU A 61 6.16 -8.05 -8.73
N THR A 62 6.95 -8.97 -8.19
CA THR A 62 8.23 -9.35 -8.77
C THR A 62 8.13 -9.61 -10.27
N SER A 63 7.25 -10.55 -10.64
CA SER A 63 7.02 -10.88 -12.05
C SER A 63 5.79 -10.14 -12.58
N ALA A 64 5.00 -9.58 -11.66
CA ALA A 64 3.82 -8.78 -12.01
C ALA A 64 2.74 -9.59 -12.74
N ALA A 65 2.91 -10.90 -12.81
CA ALA A 65 1.95 -11.79 -13.48
C ALA A 65 1.33 -12.76 -12.48
N CYS A 66 1.60 -12.53 -11.20
CA CYS A 66 1.11 -13.39 -10.13
C CYS A 66 0.24 -12.57 -9.18
N PRO A 67 -1.02 -13.01 -8.95
CA PRO A 67 -1.94 -12.30 -8.06
C PRO A 67 -1.57 -12.47 -6.59
N LEU A 68 -0.64 -11.63 -6.13
CA LEU A 68 -0.25 -11.58 -4.73
C LEU A 68 -0.80 -10.30 -4.10
N THR A 69 -1.65 -9.60 -4.87
CA THR A 69 -2.16 -8.31 -4.48
C THR A 69 -3.02 -8.43 -3.21
N ASP A 70 -3.83 -9.48 -3.12
CA ASP A 70 -4.66 -9.68 -1.94
C ASP A 70 -3.80 -9.67 -0.68
N VAL A 71 -2.67 -10.38 -0.74
CA VAL A 71 -1.76 -10.48 0.38
C VAL A 71 -1.13 -9.13 0.69
N ILE A 72 -0.56 -8.48 -0.33
CA ILE A 72 0.11 -7.19 -0.12
C ILE A 72 -0.89 -6.13 0.35
N GLU A 73 -2.13 -6.23 -0.12
CA GLU A 73 -3.19 -5.32 0.29
C GLU A 73 -3.55 -5.54 1.75
N ASP A 74 -3.67 -6.81 2.14
CA ASP A 74 -4.05 -7.14 3.51
C ASP A 74 -2.98 -6.69 4.50
N GLN A 75 -1.72 -6.94 4.15
CA GLN A 75 -0.60 -6.52 5.00
C GLN A 75 -0.51 -4.99 5.08
N SER A 76 -0.63 -4.34 3.92
CA SER A 76 -0.59 -2.89 3.85
C SER A 76 -1.71 -2.29 4.71
N ARG A 77 -2.94 -2.74 4.44
CA ARG A 77 -4.11 -2.32 5.19
C ARG A 77 -3.90 -2.55 6.68
N SER A 78 -3.36 -3.72 7.02
CA SER A 78 -3.20 -4.14 8.40
C SER A 78 -2.45 -3.08 9.22
N ALA A 79 -1.27 -2.69 8.74
CA ALA A 79 -0.47 -1.70 9.46
C ALA A 79 -1.04 -0.29 9.32
N LEU A 80 -1.26 0.13 8.08
CA LEU A 80 -1.59 1.53 7.78
C LEU A 80 -2.89 1.95 8.49
N VAL A 81 -3.85 1.05 8.49
CA VAL A 81 -5.13 1.28 9.14
C VAL A 81 -4.99 1.02 10.65
N GLY A 82 -4.06 0.15 11.01
CA GLY A 82 -3.96 -0.30 12.39
C GLY A 82 -3.35 0.76 13.29
N SER A 83 -2.27 1.36 12.82
CA SER A 83 -1.58 2.42 13.55
C SER A 83 -2.26 3.77 13.32
N GLY A 84 -3.36 3.74 12.56
CA GLY A 84 -4.11 4.96 12.30
C GLY A 84 -3.36 5.95 11.45
N LEU A 85 -2.56 5.45 10.50
CA LEU A 85 -1.81 6.31 9.60
C LEU A 85 -2.76 6.87 8.53
N VAL A 86 -3.62 6.00 8.01
CA VAL A 86 -4.64 6.38 7.04
C VAL A 86 -5.90 5.55 7.28
N ASP A 87 -7.00 5.92 6.63
CA ASP A 87 -8.27 5.22 6.79
C ASP A 87 -8.40 4.11 5.75
N ASP A 88 -8.13 4.46 4.50
CA ASP A 88 -8.23 3.49 3.39
C ASP A 88 -6.98 3.54 2.52
N ILE A 89 -6.67 2.41 1.91
CA ILE A 89 -5.49 2.29 1.06
C ILE A 89 -5.91 2.06 -0.39
N ARG A 90 -5.07 2.49 -1.31
CA ARG A 90 -5.29 2.29 -2.73
C ARG A 90 -3.97 1.90 -3.38
N ILE A 91 -3.82 0.63 -3.75
CA ILE A 91 -2.60 0.17 -4.38
C ILE A 91 -2.74 0.18 -5.90
N ASN A 92 -1.96 1.04 -6.55
CA ASN A 92 -1.95 1.15 -7.99
C ASN A 92 -0.92 0.17 -8.56
N TRP A 93 -1.40 -0.95 -9.09
CA TRP A 93 -0.53 -2.00 -9.59
C TRP A 93 -0.05 -1.68 -11.01
N VAL A 94 1.21 -1.30 -11.14
CA VAL A 94 1.78 -1.04 -12.46
C VAL A 94 2.31 -2.35 -13.04
N TRP A 95 1.82 -2.72 -14.22
CA TRP A 95 2.29 -3.92 -14.92
C TRP A 95 2.84 -3.56 -16.30
N ASN A 96 2.48 -2.37 -16.75
CA ASN A 96 2.82 -1.88 -18.09
C ASN A 96 2.12 -0.54 -18.34
N PRO A 97 0.80 -0.42 -18.02
CA PRO A 97 0.13 0.89 -18.00
C PRO A 97 0.68 1.73 -16.85
N PRO A 98 0.87 3.05 -17.07
CA PRO A 98 1.46 3.92 -16.05
C PRO A 98 0.50 4.18 -14.87
N TRP A 99 -0.29 5.24 -14.95
CA TRP A 99 -1.21 5.62 -13.87
C TRP A 99 -2.47 6.25 -14.46
N GLY A 100 -3.52 6.33 -13.65
CA GLY A 100 -4.77 6.93 -14.09
C GLY A 100 -5.92 6.59 -13.17
N PRO A 101 -7.04 6.07 -13.70
CA PRO A 101 -8.20 5.69 -12.88
C PRO A 101 -7.86 4.61 -11.87
N ASP A 102 -6.74 3.92 -12.11
CA ASP A 102 -6.25 2.86 -11.24
C ASP A 102 -5.88 3.42 -9.86
N LYS A 103 -5.85 4.75 -9.76
CA LYS A 103 -5.59 5.42 -8.49
C LYS A 103 -6.83 5.40 -7.60
N ILE A 104 -7.90 4.79 -8.10
CA ILE A 104 -9.14 4.60 -7.35
C ILE A 104 -9.40 3.11 -7.14
N THR A 105 -9.85 2.73 -5.94
CA THR A 105 -10.17 1.35 -5.65
C THR A 105 -11.43 0.90 -6.39
N GLU A 106 -11.48 -0.40 -6.69
CA GLU A 106 -12.69 -1.01 -7.25
C GLU A 106 -13.82 -0.85 -6.24
N ASP A 107 -13.44 -0.95 -4.97
CA ASP A 107 -14.36 -0.74 -3.85
C ASP A 107 -15.00 0.65 -3.92
N GLY A 108 -14.15 1.67 -4.03
CA GLY A 108 -14.62 3.04 -4.08
C GLY A 108 -15.50 3.32 -5.29
N ARG A 109 -15.19 2.67 -6.40
CA ARG A 109 -15.97 2.83 -7.63
C ARG A 109 -17.32 2.13 -7.51
N GLU A 110 -17.32 0.99 -6.82
CA GLU A 110 -18.51 0.15 -6.67
C GLU A 110 -19.54 0.88 -5.82
N GLN A 111 -19.11 1.41 -4.69
CA GLN A 111 -20.00 1.98 -3.71
C GLN A 111 -20.13 3.49 -3.89
N LEU A 112 -20.95 3.88 -4.87
CA LEU A 112 -21.23 5.29 -5.16
C LEU A 112 -22.74 5.51 -5.22
N ARG A 113 -23.17 6.66 -5.74
CA ARG A 113 -24.59 7.00 -5.85
C ARG A 113 -25.38 5.93 -6.60
N ALA A 114 -24.73 5.24 -7.53
CA ALA A 114 -25.37 4.18 -8.30
C ALA A 114 -25.84 3.05 -7.39
N LEU A 115 -25.18 2.90 -6.25
CA LEU A 115 -25.57 1.90 -5.25
C LEU A 115 -26.85 2.34 -4.54
N GLY A 116 -27.09 3.65 -4.53
CA GLY A 116 -28.27 4.20 -3.90
C GLY A 116 -28.15 4.23 -2.39
N PHE A 117 -29.28 4.34 -1.70
CA PHE A 117 -29.31 4.40 -0.25
C PHE A 117 -29.05 3.02 0.33
N THR A 118 -27.79 2.75 0.67
CA THR A 118 -27.41 1.49 1.30
C THR A 118 -27.96 1.43 2.73
N VAL A 119 -28.31 2.59 3.27
CA VAL A 119 -28.91 2.70 4.60
C VAL A 119 -30.39 3.05 4.43
N GLY A 1 22.08 1.78 1.97
CA GLY A 1 22.43 3.21 2.06
C GLY A 1 21.19 4.09 2.18
N PRO A 2 21.34 5.41 1.98
CA PRO A 2 20.22 6.35 2.08
C PRO A 2 19.31 6.28 0.84
N GLY A 3 18.06 6.73 1.01
CA GLY A 3 17.12 6.72 -0.09
C GLY A 3 15.70 6.49 0.39
N SER A 4 15.55 5.53 1.30
CA SER A 4 14.24 5.18 1.86
C SER A 4 14.07 5.81 3.23
N MET A 5 12.91 6.42 3.47
CA MET A 5 12.63 7.09 4.75
C MET A 5 12.00 6.09 5.73
N SER A 6 11.44 6.61 6.81
CA SER A 6 10.75 5.78 7.81
C SER A 6 9.23 5.91 7.61
N GLU A 7 8.84 6.30 6.40
CA GLU A 7 7.45 6.61 6.06
C GLU A 7 6.88 7.66 7.01
N THR A 8 6.99 8.93 6.62
CA THR A 8 6.63 10.05 7.47
C THR A 8 5.12 10.09 7.75
N SER A 9 4.74 9.52 8.88
CA SER A 9 3.36 9.57 9.37
C SER A 9 3.35 9.17 10.85
N ALA A 10 2.33 9.62 11.59
CA ALA A 10 2.21 9.31 13.01
C ALA A 10 3.36 9.92 13.83
N PRO A 11 3.22 10.00 15.17
CA PRO A 11 4.30 10.47 16.05
C PRO A 11 5.50 9.52 16.02
N ALA A 12 6.71 10.10 16.09
CA ALA A 12 7.97 9.36 15.93
C ALA A 12 8.05 8.13 16.83
N GLU A 13 7.55 8.27 18.06
CA GLU A 13 7.62 7.19 19.06
C GLU A 13 6.99 5.91 18.52
N GLU A 14 5.79 6.05 17.99
CA GLU A 14 5.03 4.91 17.48
C GLU A 14 5.50 4.56 16.07
N LEU A 15 5.76 5.58 15.27
CA LEU A 15 6.16 5.43 13.87
C LEU A 15 7.38 4.53 13.75
N LEU A 16 8.45 4.86 14.47
CA LEU A 16 9.73 4.17 14.30
C LEU A 16 9.58 2.67 14.56
N ALA A 17 8.95 2.32 15.67
CA ALA A 17 8.78 0.93 16.07
C ALA A 17 7.82 0.22 15.13
N ASP A 18 6.69 0.87 14.88
CA ASP A 18 5.63 0.27 14.07
C ASP A 18 6.11 0.02 12.65
N VAL A 19 6.78 1.01 12.07
CA VAL A 19 7.32 0.87 10.72
C VAL A 19 8.44 -0.17 10.71
N GLU A 20 9.26 -0.20 11.76
CA GLU A 20 10.29 -1.21 11.90
C GLU A 20 9.68 -2.60 11.80
N GLU A 21 8.53 -2.79 12.46
CA GLU A 21 7.81 -4.07 12.40
C GLU A 21 7.14 -4.26 11.04
N ALA A 22 6.53 -3.20 10.52
CA ALA A 22 5.83 -3.27 9.24
C ALA A 22 6.79 -3.63 8.11
N MET A 23 8.03 -3.16 8.24
CA MET A 23 9.07 -3.42 7.26
C MET A 23 9.38 -4.91 7.16
N ARG A 24 8.90 -5.69 8.13
CA ARG A 24 9.07 -7.15 8.12
C ARG A 24 8.12 -7.80 7.10
N ASP A 25 7.03 -7.11 6.77
CA ASP A 25 5.98 -7.71 5.95
C ASP A 25 5.89 -6.98 4.63
N VAL A 26 6.36 -5.75 4.65
CA VAL A 26 6.32 -4.88 3.50
C VAL A 26 7.67 -4.95 2.74
N VAL A 27 8.34 -6.09 2.87
CA VAL A 27 9.60 -6.36 2.17
C VAL A 27 9.70 -7.86 1.92
N ASP A 28 10.67 -8.29 1.11
CA ASP A 28 10.90 -9.71 0.92
C ASP A 28 12.14 -10.15 1.71
N PRO A 29 11.94 -10.76 2.89
CA PRO A 29 13.02 -11.30 3.70
C PRO A 29 13.35 -12.74 3.32
N GLU A 30 12.56 -13.31 2.41
CA GLU A 30 12.75 -14.69 1.97
C GLU A 30 14.03 -14.83 1.17
N LEU A 31 14.14 -14.07 0.09
CA LEU A 31 15.34 -14.05 -0.74
C LEU A 31 16.14 -12.77 -0.49
N GLY A 32 15.47 -11.79 0.11
CA GLY A 32 16.12 -10.54 0.49
C GLY A 32 15.97 -9.45 -0.56
N ILE A 33 14.74 -9.17 -0.96
CA ILE A 33 14.47 -8.11 -1.92
C ILE A 33 13.76 -6.95 -1.22
N ASN A 34 14.09 -5.75 -1.63
CA ASN A 34 13.51 -4.53 -1.08
C ASN A 34 12.83 -3.75 -2.19
N VAL A 35 11.50 -3.68 -2.11
CA VAL A 35 10.67 -3.09 -3.16
C VAL A 35 11.10 -1.66 -3.50
N VAL A 36 11.63 -0.95 -2.51
CA VAL A 36 12.06 0.42 -2.68
C VAL A 36 13.08 0.55 -3.81
N ASP A 37 13.89 -0.50 -4.00
CA ASP A 37 14.96 -0.47 -5.00
C ASP A 37 14.39 -0.44 -6.42
N LEU A 38 13.13 -0.82 -6.56
CA LEU A 38 12.47 -0.79 -7.88
C LEU A 38 12.17 0.66 -8.27
N GLY A 39 12.20 1.55 -7.27
CA GLY A 39 11.98 2.97 -7.49
C GLY A 39 10.59 3.29 -8.02
N LEU A 40 9.64 2.38 -7.78
CA LEU A 40 8.24 2.64 -8.11
C LEU A 40 7.48 3.12 -6.88
N VAL A 41 8.04 2.84 -5.71
CA VAL A 41 7.41 3.16 -4.43
C VAL A 41 7.16 4.67 -4.28
N TYR A 42 7.70 5.45 -5.21
CA TYR A 42 7.51 6.90 -5.19
C TYR A 42 6.07 7.23 -5.56
N GLY A 43 5.33 6.20 -5.97
CA GLY A 43 3.91 6.35 -6.26
C GLY A 43 3.06 6.32 -5.01
N LEU A 44 3.67 6.56 -3.85
CA LEU A 44 2.93 6.75 -2.62
C LEU A 44 2.58 8.23 -2.46
N ASP A 45 1.32 8.51 -2.18
CA ASP A 45 0.85 9.87 -2.07
C ASP A 45 -0.49 9.89 -1.34
N VAL A 46 -0.50 10.47 -0.14
CA VAL A 46 -1.69 10.49 0.70
C VAL A 46 -2.50 11.76 0.47
N GLN A 47 -3.72 11.59 -0.03
CA GLN A 47 -4.63 12.69 -0.28
C GLN A 47 -5.81 12.63 0.67
N ASP A 48 -6.08 13.73 1.35
CA ASP A 48 -7.15 13.76 2.35
C ASP A 48 -8.39 14.43 1.78
N GLY A 49 -9.52 14.18 2.44
CA GLY A 49 -10.76 14.81 2.07
C GLY A 49 -11.75 14.71 3.21
N ASP A 50 -12.98 15.16 2.98
CA ASP A 50 -14.03 15.06 4.00
C ASP A 50 -14.47 13.61 4.16
N GLU A 51 -14.47 12.90 3.04
CA GLU A 51 -14.85 11.49 3.00
C GLU A 51 -13.79 10.63 3.71
N GLY A 52 -12.60 11.19 3.87
CA GLY A 52 -11.53 10.50 4.58
C GLY A 52 -10.16 10.86 4.05
N THR A 53 -9.12 10.40 4.74
CA THR A 53 -7.74 10.60 4.32
C THR A 53 -7.18 9.28 3.76
N VAL A 54 -6.94 9.24 2.46
CA VAL A 54 -6.54 8.02 1.79
C VAL A 54 -5.09 8.10 1.28
N ALA A 55 -4.30 7.06 1.55
CA ALA A 55 -2.92 7.00 1.11
C ALA A 55 -2.81 6.17 -0.18
N LEU A 56 -2.60 6.84 -1.31
CA LEU A 56 -2.43 6.16 -2.58
C LEU A 56 -1.03 5.52 -2.66
N ILE A 57 -0.93 4.33 -3.23
CA ILE A 57 0.34 3.63 -3.38
C ILE A 57 0.37 2.85 -4.69
N ASP A 58 1.22 3.26 -5.62
CA ASP A 58 1.36 2.56 -6.90
C ASP A 58 2.39 1.43 -6.78
N MET A 59 2.01 0.22 -7.20
CA MET A 59 2.85 -0.96 -7.02
C MET A 59 2.82 -1.91 -8.22
N THR A 60 3.74 -2.88 -8.15
CA THR A 60 3.91 -3.93 -9.14
C THR A 60 4.43 -5.19 -8.45
N LEU A 61 4.49 -6.30 -9.18
CA LEU A 61 5.27 -7.47 -8.76
C LEU A 61 6.40 -7.66 -9.76
N THR A 62 7.55 -8.11 -9.29
CA THR A 62 8.73 -8.28 -10.15
C THR A 62 8.44 -9.26 -11.28
N SER A 63 7.87 -10.41 -10.92
CA SER A 63 7.51 -11.45 -11.87
C SER A 63 6.37 -11.00 -12.78
N ALA A 64 5.43 -10.28 -12.18
CA ALA A 64 4.19 -9.87 -12.85
C ALA A 64 3.36 -11.10 -13.29
N ALA A 65 3.79 -12.28 -12.85
CA ALA A 65 3.04 -13.51 -13.09
C ALA A 65 2.67 -14.15 -11.76
N CYS A 66 3.57 -14.03 -10.79
CA CYS A 66 3.32 -14.52 -9.44
C CYS A 66 2.38 -13.56 -8.70
N PRO A 67 1.17 -14.03 -8.32
CA PRO A 67 0.13 -13.18 -7.73
C PRO A 67 0.29 -12.96 -6.22
N LEU A 68 1.23 -12.10 -5.85
CA LEU A 68 1.40 -11.71 -4.44
C LEU A 68 0.50 -10.51 -4.10
N THR A 69 -0.37 -10.17 -5.05
CA THR A 69 -1.25 -9.01 -4.93
C THR A 69 -2.03 -9.01 -3.60
N ASP A 70 -2.83 -10.06 -3.37
CA ASP A 70 -3.67 -10.15 -2.18
C ASP A 70 -2.81 -10.08 -0.92
N VAL A 71 -1.62 -10.68 -0.99
CA VAL A 71 -0.73 -10.77 0.14
C VAL A 71 -0.24 -9.39 0.58
N ILE A 72 0.31 -8.63 -0.37
CA ILE A 72 0.88 -7.33 -0.06
C ILE A 72 -0.22 -6.34 0.31
N GLU A 73 -1.37 -6.45 -0.35
CA GLU A 73 -2.50 -5.58 -0.07
C GLU A 73 -3.00 -5.79 1.35
N ASP A 74 -3.14 -7.05 1.74
CA ASP A 74 -3.65 -7.39 3.06
C ASP A 74 -2.66 -6.96 4.15
N GLN A 75 -1.36 -7.21 3.91
CA GLN A 75 -0.31 -6.79 4.86
C GLN A 75 -0.33 -5.28 5.07
N SER A 76 -0.25 -4.55 3.96
CA SER A 76 -0.22 -3.09 3.99
C SER A 76 -1.48 -2.53 4.67
N ARG A 77 -2.64 -2.95 4.17
CA ARG A 77 -3.92 -2.49 4.71
C ARG A 77 -4.01 -2.76 6.21
N SER A 78 -3.73 -4.00 6.60
CA SER A 78 -3.88 -4.43 7.99
C SER A 78 -3.12 -3.50 8.93
N ALA A 79 -1.85 -3.27 8.64
CA ALA A 79 -1.02 -2.47 9.53
C ALA A 79 -1.37 -0.98 9.44
N LEU A 80 -1.38 -0.44 8.21
CA LEU A 80 -1.54 1.00 8.02
C LEU A 80 -2.86 1.50 8.60
N VAL A 81 -3.91 0.69 8.44
CA VAL A 81 -5.21 1.02 8.99
C VAL A 81 -5.24 0.70 10.49
N GLY A 82 -4.43 -0.27 10.91
CA GLY A 82 -4.51 -0.76 12.28
C GLY A 82 -3.78 0.15 13.25
N SER A 83 -2.71 0.76 12.77
CA SER A 83 -1.88 1.64 13.60
C SER A 83 -2.29 3.12 13.40
N GLY A 84 -3.28 3.33 12.54
CA GLY A 84 -3.84 4.67 12.34
C GLY A 84 -2.89 5.60 11.60
N LEU A 85 -2.07 5.04 10.71
CA LEU A 85 -1.18 5.85 9.88
C LEU A 85 -1.95 6.44 8.69
N VAL A 86 -3.19 5.99 8.53
CA VAL A 86 -4.10 6.51 7.53
C VAL A 86 -5.52 6.09 7.85
N ASP A 87 -6.49 6.78 7.27
CA ASP A 87 -7.88 6.39 7.40
C ASP A 87 -8.16 5.19 6.49
N ASP A 88 -7.29 4.99 5.49
CA ASP A 88 -7.54 4.01 4.42
C ASP A 88 -6.44 4.09 3.36
N ILE A 89 -6.16 2.96 2.70
CA ILE A 89 -5.11 2.90 1.70
C ILE A 89 -5.69 2.60 0.32
N ARG A 90 -5.02 3.05 -0.71
CA ARG A 90 -5.42 2.73 -2.07
C ARG A 90 -4.20 2.29 -2.87
N ILE A 91 -4.11 1.00 -3.14
CA ILE A 91 -2.97 0.44 -3.87
C ILE A 91 -3.33 0.25 -5.33
N ASN A 92 -2.36 0.48 -6.21
CA ASN A 92 -2.55 0.35 -7.65
C ASN A 92 -1.62 -0.69 -8.21
N TRP A 93 -2.10 -1.45 -9.18
CA TRP A 93 -1.29 -2.45 -9.86
C TRP A 93 -1.02 -2.02 -11.29
N VAL A 94 0.21 -1.60 -11.56
CA VAL A 94 0.55 -1.17 -12.92
C VAL A 94 1.28 -2.28 -13.66
N TRP A 95 0.73 -2.65 -14.81
CA TRP A 95 1.31 -3.68 -15.66
C TRP A 95 1.88 -3.06 -16.92
N ASN A 96 1.20 -2.03 -17.40
CA ASN A 96 1.52 -1.40 -18.68
C ASN A 96 0.71 -0.11 -18.87
N PRO A 97 -0.63 -0.13 -18.63
CA PRO A 97 -1.47 1.08 -18.74
C PRO A 97 -1.14 2.12 -17.66
N PRO A 98 -1.48 3.39 -17.89
CA PRO A 98 -1.30 4.47 -16.90
C PRO A 98 -2.23 4.30 -15.71
N TRP A 99 -2.08 5.16 -14.71
CA TRP A 99 -2.86 5.06 -13.47
C TRP A 99 -4.30 5.54 -13.70
N GLY A 100 -5.28 4.69 -13.42
CA GLY A 100 -6.67 5.06 -13.56
C GLY A 100 -7.57 4.32 -12.60
N PRO A 101 -8.60 3.58 -13.09
CA PRO A 101 -9.51 2.80 -12.23
C PRO A 101 -8.81 1.62 -11.59
N ASP A 102 -7.68 1.25 -12.19
CA ASP A 102 -6.82 0.16 -11.69
C ASP A 102 -6.35 0.42 -10.25
N LYS A 103 -6.46 1.67 -9.81
CA LYS A 103 -6.02 2.06 -8.47
C LYS A 103 -7.02 1.60 -7.40
N ILE A 104 -8.17 1.10 -7.85
CA ILE A 104 -9.20 0.62 -6.93
C ILE A 104 -8.86 -0.80 -6.47
N THR A 105 -8.62 -0.95 -5.16
CA THR A 105 -8.30 -2.25 -4.58
C THR A 105 -9.54 -3.12 -4.46
N GLU A 106 -9.33 -4.40 -4.09
CA GLU A 106 -10.43 -5.32 -3.85
C GLU A 106 -11.37 -4.80 -2.75
N ASP A 107 -10.86 -3.89 -1.92
CA ASP A 107 -11.67 -3.23 -0.89
C ASP A 107 -12.86 -2.54 -1.53
N GLY A 108 -12.61 -1.70 -2.52
CA GLY A 108 -13.67 -0.99 -3.21
C GLY A 108 -14.35 -1.83 -4.27
N ARG A 109 -13.55 -2.65 -4.95
CA ARG A 109 -14.00 -3.46 -6.07
C ARG A 109 -15.07 -4.47 -5.67
N GLU A 110 -14.81 -5.20 -4.59
CA GLU A 110 -15.60 -6.38 -4.25
C GLU A 110 -17.01 -6.07 -3.78
N GLN A 111 -17.31 -4.80 -3.61
CA GLN A 111 -18.61 -4.39 -3.08
C GLN A 111 -19.64 -4.27 -4.20
N LEU A 112 -19.16 -4.25 -5.44
CA LEU A 112 -19.99 -3.99 -6.60
C LEU A 112 -20.83 -5.22 -6.98
N ARG A 113 -20.21 -6.15 -7.68
CA ARG A 113 -20.88 -7.32 -8.21
C ARG A 113 -21.38 -8.20 -7.09
N ALA A 114 -20.68 -8.16 -5.96
CA ALA A 114 -21.04 -8.98 -4.80
C ALA A 114 -22.37 -8.53 -4.18
N LEU A 115 -22.85 -7.37 -4.61
CA LEU A 115 -24.13 -6.85 -4.14
C LEU A 115 -25.28 -7.61 -4.82
N GLY A 116 -25.06 -7.97 -6.08
CA GLY A 116 -26.05 -8.74 -6.82
C GLY A 116 -25.83 -10.23 -6.64
N PHE A 117 -24.58 -10.65 -6.74
CA PHE A 117 -24.20 -12.04 -6.48
C PHE A 117 -24.03 -12.25 -4.98
N THR A 118 -25.13 -12.62 -4.33
CA THR A 118 -25.15 -12.75 -2.88
C THR A 118 -24.42 -14.00 -2.40
N VAL A 119 -23.59 -13.83 -1.37
CA VAL A 119 -22.84 -14.91 -0.76
C VAL A 119 -22.81 -14.73 0.76
#